data_5T4D
#
_entry.id   5T4D
#
_cell.length_a   1.0
_cell.length_b   1.0
_cell.length_c   1.0
_cell.angle_alpha   90.0
_cell.angle_beta   90.0
_cell.angle_gamma   90.0
#
_symmetry.space_group_name_H-M   'P 1'
#
loop_
_entity.id
_entity.type
_entity.pdbx_description
1 polymer 'hPKD:198-703, Polycystin-2'
2 non-polymer 2-acetamido-2-deoxy-beta-D-glucopyranose
#
_entity_poly.entity_id   1
_entity_poly.type   'polypeptide(L)'
_entity_poly.pdbx_seq_one_letter_code
;GAMGSRGLWGTRLMEESSTNREKYLKSVLRELVTYLLFLIVLCILTYGMMSSNVYYYTRMMSQLFLDTPVSKTEKTNFKT
LSSMEDFWKFTEGSLLDGLYWKMQPSNQTEADNRSFIFYENLLLGVPRIRQLRVRNGSCSIPQDLRDEIKECYDVYSVSS
EDRAPFGPRNGTAWIYTSEKDLNGSSHWGIIATYSGAGYYLDLSRTREETAAQVASLKKNVWLDRGTRATFIDFSVYNAN
INLFCVVRLLVEFPATGGVIPSWQFQPLKLIRYVTTFDFFLAACEIIFCFFIFYYVVEEILEIRIHKLHYFRSFWNCLDV
VIVVLSVVAIGINIYRTSNVEVLLQFLEDQNTFPNFEHLAYWQIQFNNIAAVTVFFVWIKLFKFINFNRTMSQLSTTMSR
CAKDLFGFAIMFFIIFLAYAQLAYLVFGTQVDDFSTFQECIFTQFRIILGDINFAEIEEANRVLGPIYFTTFVFFMFFIL
LNMFLAIINDTYSEVKSDLAQQKAEMELSD
;
_entity_poly.pdbx_strand_id   A,B,C,D
#
# COMPACT_ATOMS: atom_id res chain seq x y z
N TYR A 24 -46.54 -4.97 32.44
CA TYR A 24 -45.12 -4.68 32.60
C TYR A 24 -44.44 -4.56 31.24
N LEU A 25 -44.73 -5.52 30.35
CA LEU A 25 -44.19 -5.44 28.99
C LEU A 25 -44.68 -4.20 28.26
N LYS A 26 -45.88 -3.71 28.62
CA LYS A 26 -46.38 -2.48 28.03
C LYS A 26 -45.54 -1.29 28.48
N SER A 27 -45.23 -1.21 29.77
CA SER A 27 -44.40 -0.11 30.27
C SER A 27 -43.03 -0.11 29.61
N VAL A 28 -42.42 -1.29 29.47
CA VAL A 28 -41.16 -1.39 28.75
C VAL A 28 -41.35 -0.90 27.32
N LEU A 29 -42.44 -1.30 26.67
CA LEU A 29 -42.73 -0.78 25.35
C LEU A 29 -43.15 0.68 25.40
N ARG A 30 -43.70 1.12 26.53
CA ARG A 30 -44.04 2.53 26.68
C ARG A 30 -42.80 3.41 26.61
N GLU A 31 -41.77 3.07 27.39
CA GLU A 31 -40.51 3.79 27.30
C GLU A 31 -39.81 3.54 25.97
N LEU A 32 -40.13 2.44 25.29
CA LEU A 32 -39.47 2.14 24.02
C LEU A 32 -39.84 3.15 22.95
N VAL A 33 -41.14 3.35 22.72
CA VAL A 33 -41.56 4.28 21.68
C VAL A 33 -41.06 5.69 21.98
N THR A 34 -41.02 6.06 23.25
CA THR A 34 -40.36 7.30 23.65
C THR A 34 -38.93 7.34 23.10
N TYR A 35 -38.20 6.26 23.31
CA TYR A 35 -36.82 6.20 22.85
C TYR A 35 -36.73 6.29 21.33
N LEU A 36 -37.64 5.63 20.62
CA LEU A 36 -37.56 5.61 19.16
C LEU A 36 -37.67 7.01 18.59
N LEU A 37 -38.66 7.77 19.03
CA LEU A 37 -38.79 9.14 18.56
C LEU A 37 -37.51 9.91 18.83
N PHE A 38 -36.93 9.73 20.01
CA PHE A 38 -35.69 10.39 20.35
C PHE A 38 -34.59 10.05 19.35
N LEU A 39 -34.59 8.83 18.81
CA LEU A 39 -33.66 8.50 17.74
C LEU A 39 -33.92 9.35 16.51
N ILE A 40 -35.13 9.24 15.95
CA ILE A 40 -35.37 9.84 14.65
C ILE A 40 -35.29 11.35 14.73
N VAL A 41 -35.65 11.94 15.86
CA VAL A 41 -35.35 13.34 16.10
C VAL A 41 -33.85 13.56 15.97
N LEU A 42 -33.07 12.82 16.74
CA LEU A 42 -31.62 12.96 16.67
C LEU A 42 -31.09 12.54 15.31
N CYS A 43 -31.71 11.54 14.68
CA CYS A 43 -31.29 11.13 13.36
C CYS A 43 -31.43 12.25 12.35
N ILE A 44 -32.45 13.10 12.51
CA ILE A 44 -32.65 14.20 11.56
C ILE A 44 -31.60 15.27 11.77
N LEU A 45 -31.41 15.69 13.02
CA LEU A 45 -30.49 16.79 13.29
C LEU A 45 -29.12 16.53 12.67
N THR A 46 -28.57 15.34 12.92
CA THR A 46 -27.28 15.01 12.36
C THR A 46 -27.29 15.08 10.84
N TYR A 47 -28.19 14.33 10.21
CA TYR A 47 -28.34 14.45 8.77
C TYR A 47 -28.62 15.88 8.36
N GLY A 48 -29.40 16.60 9.18
CA GLY A 48 -29.68 17.99 8.85
C GLY A 48 -28.46 18.88 9.04
N MET A 49 -27.84 18.81 10.22
CA MET A 49 -26.73 19.69 10.52
C MET A 49 -25.51 19.44 9.63
N MET A 50 -25.49 18.35 8.88
CA MET A 50 -24.39 18.05 7.98
C MET A 50 -24.91 17.98 6.56
N SER A 51 -24.48 18.92 5.73
CA SER A 51 -24.81 18.85 4.31
C SER A 51 -24.09 17.68 3.67
N SER A 52 -24.57 17.29 2.48
CA SER A 52 -24.14 16.02 1.89
C SER A 52 -22.73 16.12 1.33
N ASN A 53 -22.53 16.95 0.32
CA ASN A 53 -21.33 16.91 -0.50
C ASN A 53 -20.21 17.78 0.03
N VAL A 54 -20.35 18.30 1.26
CA VAL A 54 -19.37 19.22 1.81
C VAL A 54 -17.94 18.72 1.60
N TYR A 55 -17.75 17.40 1.64
CA TYR A 55 -16.43 16.85 1.42
C TYR A 55 -15.76 17.45 0.20
N TYR A 56 -16.49 17.56 -0.91
CA TYR A 56 -15.85 18.12 -2.10
C TYR A 56 -15.56 19.59 -1.94
N TYR A 57 -16.25 20.27 -1.03
CA TYR A 57 -15.97 21.69 -0.85
C TYR A 57 -14.61 21.89 -0.20
N THR A 58 -14.28 21.10 0.80
CA THR A 58 -12.94 21.18 1.36
C THR A 58 -11.91 20.63 0.39
N ARG A 59 -12.24 19.50 -0.25
CA ARG A 59 -11.29 18.86 -1.14
C ARG A 59 -10.82 19.81 -2.22
N MET A 60 -11.71 20.64 -2.75
CA MET A 60 -11.27 21.57 -3.77
C MET A 60 -10.40 22.66 -3.17
N MET A 61 -10.75 23.13 -1.99
CA MET A 61 -9.89 24.11 -1.32
C MET A 61 -8.52 23.53 -1.08
N SER A 62 -8.45 22.34 -0.50
CA SER A 62 -7.17 21.76 -0.15
C SER A 62 -6.30 21.56 -1.38
N GLN A 63 -6.85 20.92 -2.41
CA GLN A 63 -6.06 20.70 -3.62
C GLN A 63 -5.59 22.00 -4.22
N LEU A 64 -6.37 23.06 -4.06
CA LEU A 64 -5.96 24.33 -4.64
C LEU A 64 -4.74 24.88 -3.94
N PHE A 65 -4.68 24.77 -2.62
CA PHE A 65 -3.57 25.31 -1.84
C PHE A 65 -2.50 24.27 -1.56
N LEU A 66 -2.87 23.21 -0.85
CA LEU A 66 -1.89 22.22 -0.45
C LEU A 66 -1.20 21.60 -1.66
N ASP A 67 -1.99 21.17 -2.64
CA ASP A 67 -1.52 20.23 -3.66
C ASP A 67 -0.93 20.90 -4.88
N THR A 68 -0.73 22.20 -4.88
CA THR A 68 -0.25 22.65 -6.17
C THR A 68 1.21 23.05 -6.06
N PRO A 69 1.96 22.94 -7.16
CA PRO A 69 3.39 23.25 -7.09
C PRO A 69 3.62 24.66 -6.62
N VAL A 70 4.56 24.82 -5.69
CA VAL A 70 4.85 26.11 -5.12
C VAL A 70 5.12 27.15 -6.19
N SER A 71 5.80 26.73 -7.26
CA SER A 71 6.02 27.59 -8.41
C SER A 71 6.00 26.73 -9.66
N LYS A 72 5.80 27.39 -10.81
CA LYS A 72 5.70 26.66 -12.07
C LYS A 72 6.96 25.83 -12.33
N THR A 73 8.11 26.30 -11.89
CA THR A 73 9.36 25.57 -12.07
C THR A 73 9.67 24.63 -10.91
N GLU A 74 8.90 24.68 -9.84
CA GLU A 74 9.19 23.92 -8.64
C GLU A 74 8.22 22.75 -8.53
N LYS A 75 8.71 21.64 -7.96
CA LYS A 75 7.91 20.43 -7.82
C LYS A 75 7.30 20.28 -6.44
N THR A 76 7.58 21.17 -5.50
CA THR A 76 7.12 20.99 -4.13
C THR A 76 5.69 21.50 -3.95
N ASN A 77 4.95 20.80 -3.10
CA ASN A 77 3.64 21.25 -2.67
C ASN A 77 3.78 22.18 -1.48
N PHE A 78 2.67 22.55 -0.87
CA PHE A 78 2.73 23.06 0.48
C PHE A 78 3.01 21.95 1.47
N LYS A 79 2.54 20.74 1.19
CA LYS A 79 2.79 19.61 2.05
C LYS A 79 4.27 19.25 2.10
N THR A 80 5.04 19.68 1.11
CA THR A 80 6.41 19.23 0.92
C THR A 80 7.43 20.23 1.45
N LEU A 81 7.01 21.37 1.99
CA LEU A 81 7.94 22.45 2.29
C LEU A 81 9.07 21.97 3.18
N SER A 82 10.31 22.10 2.70
CA SER A 82 11.46 21.72 3.48
C SER A 82 12.25 22.87 4.10
N SER A 83 11.94 24.12 3.76
CA SER A 83 12.84 25.19 4.18
C SER A 83 12.13 26.53 4.13
N MET A 84 12.73 27.50 4.82
CA MET A 84 12.22 28.86 4.75
C MET A 84 12.16 29.35 3.31
N GLU A 85 13.21 29.09 2.53
CA GLU A 85 13.21 29.51 1.14
C GLU A 85 11.99 28.96 0.42
N ASP A 86 11.66 27.69 0.66
CA ASP A 86 10.46 27.13 0.09
C ASP A 86 9.23 27.87 0.55
N PHE A 87 9.21 28.29 1.82
CA PHE A 87 8.04 28.95 2.36
C PHE A 87 7.78 30.26 1.65
N TRP A 88 8.80 31.11 1.53
CA TRP A 88 8.59 32.36 0.82
C TRP A 88 8.15 32.12 -0.61
N LYS A 89 8.69 31.08 -1.25
CA LYS A 89 8.21 30.75 -2.57
C LYS A 89 6.74 30.38 -2.54
N PHE A 90 6.25 29.86 -1.42
CA PHE A 90 4.85 29.51 -1.35
C PHE A 90 3.98 30.73 -1.20
N THR A 91 4.35 31.63 -0.28
CA THR A 91 3.55 32.82 -0.06
C THR A 91 3.46 33.66 -1.33
N GLU A 92 4.60 34.07 -1.86
CA GLU A 92 4.60 34.79 -3.13
C GLU A 92 4.16 33.92 -4.28
N GLY A 93 4.02 32.63 -4.06
CA GLY A 93 3.69 31.60 -5.02
C GLY A 93 2.23 31.23 -4.95
N SER A 94 1.99 29.92 -5.04
CA SER A 94 0.64 29.38 -5.19
C SER A 94 -0.36 30.00 -4.24
N LEU A 95 0.06 30.41 -3.05
CA LEU A 95 -0.87 31.02 -2.12
C LEU A 95 -1.55 32.23 -2.74
N LEU A 96 -0.77 33.22 -3.15
CA LEU A 96 -1.38 34.40 -3.76
C LEU A 96 -2.20 34.02 -4.98
N ASP A 97 -1.62 33.21 -5.85
CA ASP A 97 -2.35 32.78 -7.04
C ASP A 97 -3.52 31.90 -6.68
N GLY A 98 -3.55 31.35 -5.47
CA GLY A 98 -4.72 30.62 -5.03
C GLY A 98 -5.79 31.52 -4.45
N LEU A 99 -5.39 32.62 -3.81
CA LEU A 99 -6.37 33.48 -3.17
C LEU A 99 -7.04 34.45 -4.11
N TYR A 100 -6.44 34.75 -5.25
CA TYR A 100 -6.90 35.84 -6.08
C TYR A 100 -7.27 35.36 -7.47
N TRP A 101 -8.37 35.90 -7.98
CA TRP A 101 -8.98 35.43 -9.21
C TRP A 101 -9.57 36.64 -9.92
N LYS A 102 -9.47 36.68 -11.23
CA LYS A 102 -10.09 37.75 -11.99
C LYS A 102 -10.80 37.20 -13.23
N MET A 103 -12.12 37.35 -13.38
CA MET A 103 -13.07 38.02 -12.47
C MET A 103 -12.73 39.47 -12.17
N GLU A 110 -15.72 40.60 -9.87
CA GLU A 110 -16.24 41.60 -10.79
C GLU A 110 -16.29 42.97 -10.15
N ALA A 111 -15.94 43.03 -8.87
CA ALA A 111 -15.95 44.28 -8.12
C ALA A 111 -15.04 45.41 -8.65
N ASP A 112 -13.78 45.15 -9.02
CA ASP A 112 -13.13 43.84 -9.04
C ASP A 112 -12.34 43.59 -7.77
N ASN A 113 -12.45 44.53 -6.81
CA ASN A 113 -11.75 44.38 -5.54
C ASN A 113 -12.10 43.08 -4.83
N ARG A 114 -13.18 42.43 -5.23
CA ARG A 114 -13.61 41.17 -4.65
C ARG A 114 -13.18 40.03 -5.56
N SER A 115 -12.74 38.93 -4.96
CA SER A 115 -12.19 37.81 -5.70
C SER A 115 -12.92 36.54 -5.32
N PHE A 116 -13.46 35.86 -6.33
CA PHE A 116 -14.23 34.64 -6.13
C PHE A 116 -13.34 33.45 -6.45
N ILE A 117 -12.95 32.69 -5.42
CA ILE A 117 -12.16 31.49 -5.66
C ILE A 117 -13.01 30.48 -6.41
N PHE A 118 -12.47 29.96 -7.51
CA PHE A 118 -13.20 29.05 -8.40
C PHE A 118 -14.37 29.77 -9.04
N TYR A 119 -14.54 31.04 -8.72
CA TYR A 119 -15.62 31.94 -9.11
C TYR A 119 -16.84 31.71 -8.24
N GLU A 120 -16.87 30.65 -7.45
CA GLU A 120 -18.00 30.40 -6.56
C GLU A 120 -17.79 30.89 -5.13
N ASN A 121 -16.58 31.27 -4.75
CA ASN A 121 -16.24 31.41 -3.34
C ASN A 121 -15.63 32.77 -3.06
N LEU A 122 -16.31 33.59 -2.27
CA LEU A 122 -15.71 34.81 -1.77
C LEU A 122 -14.50 34.53 -0.92
N LEU A 123 -13.42 35.24 -1.21
CA LEU A 123 -12.40 35.45 -0.19
C LEU A 123 -12.94 36.51 0.73
N LEU A 124 -13.13 36.16 1.98
CA LEU A 124 -13.97 36.92 2.88
C LEU A 124 -13.08 37.82 3.69
N GLY A 125 -13.19 39.13 3.48
CA GLY A 125 -12.33 40.04 4.19
C GLY A 125 -10.90 39.94 3.70
N VAL A 126 -9.97 39.75 4.63
CA VAL A 126 -8.55 39.85 4.33
C VAL A 126 -7.78 38.74 5.03
N PRO A 127 -6.77 38.17 4.40
CA PRO A 127 -5.93 37.18 5.08
C PRO A 127 -5.07 37.82 6.15
N ARG A 128 -4.53 36.98 7.02
CA ARG A 128 -3.64 37.44 8.08
C ARG A 128 -2.51 36.46 8.29
N ILE A 129 -1.29 36.98 8.34
CA ILE A 129 -0.10 36.19 8.63
C ILE A 129 0.38 36.58 10.01
N ARG A 130 0.77 35.59 10.80
CA ARG A 130 1.23 35.82 12.14
C ARG A 130 2.38 34.87 12.41
N GLN A 131 3.41 35.33 13.12
CA GLN A 131 4.50 34.43 13.48
C GLN A 131 4.72 34.48 14.98
N LEU A 132 5.45 33.48 15.46
CA LEU A 132 5.88 33.41 16.85
C LEU A 132 7.39 33.36 16.89
N ARG A 133 7.97 33.98 17.90
CA ARG A 133 9.40 34.22 17.93
C ARG A 133 9.95 33.99 19.32
N VAL A 134 11.16 33.44 19.38
CA VAL A 134 11.81 33.08 20.63
C VAL A 134 13.01 33.99 20.85
N ARG A 135 13.27 34.29 22.12
CA ARG A 135 14.35 35.19 22.48
C ARG A 135 15.71 34.58 22.16
N ASN A 136 16.69 35.47 22.04
CA ASN A 136 18.07 35.04 21.84
C ASN A 136 18.54 34.10 22.94
N GLY A 137 18.75 34.62 24.14
CA GLY A 137 19.47 33.87 25.15
C GLY A 137 18.64 32.82 25.84
N SER A 138 17.51 32.46 25.22
CA SER A 138 16.58 31.50 25.81
C SER A 138 17.27 30.23 26.26
N CYS A 139 18.21 29.74 25.47
CA CYS A 139 19.00 28.56 25.78
C CYS A 139 20.40 28.97 26.21
N SER A 140 21.25 27.98 26.47
CA SER A 140 22.60 28.22 26.95
C SER A 140 23.57 27.35 26.19
N ILE A 141 24.65 27.95 25.74
CA ILE A 141 25.67 27.25 24.96
C ILE A 141 26.64 26.60 25.94
N PRO A 142 27.06 25.36 25.71
CA PRO A 142 28.06 24.75 26.57
C PRO A 142 29.34 25.56 26.58
N GLN A 143 29.95 25.66 27.76
CA GLN A 143 31.11 26.54 27.92
C GLN A 143 32.24 26.19 26.96
N ASP A 144 32.34 24.92 26.58
CA ASP A 144 33.41 24.51 25.68
C ASP A 144 33.29 25.20 24.32
N LEU A 145 32.08 25.32 23.82
CA LEU A 145 31.87 25.81 22.46
C LEU A 145 31.54 27.29 22.40
N ARG A 146 31.50 27.99 23.55
CA ARG A 146 31.14 29.40 23.54
C ARG A 146 32.04 30.20 22.61
N ASP A 147 33.32 29.84 22.55
CA ASP A 147 34.19 30.48 21.59
C ASP A 147 33.73 30.22 20.17
N GLU A 148 33.11 29.06 19.93
CA GLU A 148 32.66 28.73 18.59
C GLU A 148 31.32 29.41 18.29
N ILE A 149 30.27 28.97 18.94
CA ILE A 149 28.91 29.39 18.59
C ILE A 149 28.53 30.63 19.39
N LYS A 150 28.03 31.63 18.69
CA LYS A 150 27.70 32.89 19.35
C LYS A 150 26.36 32.84 20.06
N GLU A 151 25.34 32.25 19.44
CA GLU A 151 23.98 32.43 19.92
C GLU A 151 23.14 31.21 19.60
N CYS A 152 22.17 30.93 20.47
CA CYS A 152 21.28 29.81 20.30
C CYS A 152 19.84 30.31 20.42
N TYR A 153 18.89 29.49 20.01
CA TYR A 153 17.48 29.81 20.18
C TYR A 153 16.74 28.56 20.62
N ASP A 154 16.13 28.63 21.80
CA ASP A 154 15.53 27.45 22.39
C ASP A 154 14.25 27.07 21.67
N VAL A 155 13.81 25.84 21.90
CA VAL A 155 12.52 25.34 21.46
C VAL A 155 11.42 26.26 21.99
N TYR A 156 10.35 26.42 21.22
CA TYR A 156 9.30 27.35 21.60
C TYR A 156 8.68 26.97 22.93
N SER A 157 8.50 27.97 23.78
CA SER A 157 7.79 27.82 25.03
C SER A 157 7.31 29.19 25.46
N VAL A 158 6.31 29.19 26.33
CA VAL A 158 5.76 30.46 26.80
C VAL A 158 6.84 31.29 27.48
N SER A 159 7.75 30.63 28.20
CA SER A 159 8.79 31.35 28.88
C SER A 159 9.77 31.98 27.91
N SER A 160 10.15 31.25 26.86
CA SER A 160 11.18 31.69 25.96
C SER A 160 10.67 32.62 24.87
N GLU A 161 9.38 32.94 24.87
CA GLU A 161 8.81 33.73 23.80
C GLU A 161 9.45 35.11 23.74
N ASP A 162 9.53 35.67 22.54
CA ASP A 162 10.20 36.94 22.31
C ASP A 162 9.16 38.03 22.07
N ARG A 163 9.11 38.99 22.99
CA ARG A 163 8.20 40.13 22.88
C ARG A 163 8.88 41.39 22.39
N ALA A 164 10.17 41.30 22.14
CA ALA A 164 10.93 42.45 21.71
C ALA A 164 10.54 42.85 20.30
N PRO A 165 10.51 44.15 20.08
CA PRO A 165 10.19 44.70 18.75
C PRO A 165 11.36 44.65 17.77
N PHE A 166 11.55 43.51 17.14
CA PHE A 166 12.68 43.35 16.25
C PHE A 166 12.45 44.08 14.94
N GLY A 167 13.53 44.32 14.22
CA GLY A 167 13.43 44.81 12.87
C GLY A 167 13.16 46.30 12.80
N PRO A 168 12.66 46.76 11.64
CA PRO A 168 12.43 48.20 11.46
C PRO A 168 11.45 48.80 12.43
N ARG A 169 10.64 47.99 13.11
CA ARG A 169 9.72 48.47 14.14
C ARG A 169 8.66 49.39 13.55
N ASN A 170 8.31 49.19 12.29
CA ASN A 170 7.41 50.12 11.62
C ASN A 170 5.95 49.71 11.65
N GLY A 171 5.60 48.61 12.31
CA GLY A 171 4.20 48.26 12.32
C GLY A 171 3.95 46.94 13.01
N THR A 172 2.68 46.52 12.95
CA THR A 172 2.24 45.34 13.66
C THR A 172 3.02 44.11 13.26
N ALA A 173 3.66 44.11 12.10
CA ALA A 173 4.49 42.97 11.75
C ALA A 173 5.70 42.87 12.64
N TRP A 174 6.28 44.00 13.01
CA TRP A 174 7.49 44.01 13.80
C TRP A 174 7.27 44.27 15.28
N ILE A 175 6.04 44.38 15.74
CA ILE A 175 5.78 44.69 17.15
C ILE A 175 4.89 43.61 17.74
N TYR A 176 5.25 43.15 18.92
CA TYR A 176 4.51 42.11 19.59
C TYR A 176 3.14 42.62 20.03
N THR A 177 2.14 41.76 19.93
CA THR A 177 0.79 42.08 20.41
C THR A 177 0.26 40.92 21.22
N SER A 178 -0.33 41.23 22.37
CA SER A 178 -0.73 40.19 23.30
C SER A 178 -1.92 39.40 22.78
N GLU A 179 -2.07 38.19 23.31
CA GLU A 179 -3.18 37.34 22.91
C GLU A 179 -4.52 37.97 23.28
N LYS A 180 -4.55 38.80 24.31
CA LYS A 180 -5.79 39.51 24.61
C LYS A 180 -6.02 40.61 23.59
N ASP A 181 -5.01 41.46 23.38
CA ASP A 181 -5.18 42.61 22.49
C ASP A 181 -5.39 42.15 21.06
N LEU A 182 -4.80 41.03 20.69
CA LEU A 182 -5.04 40.41 19.40
C LEU A 182 -5.98 39.24 19.64
N ASN A 183 -7.23 39.41 19.24
CA ASN A 183 -8.26 38.43 19.55
C ASN A 183 -7.84 37.09 18.98
N GLY A 184 -7.78 36.08 19.83
CA GLY A 184 -7.28 34.80 19.39
C GLY A 184 -7.05 33.89 20.56
N SER A 185 -6.84 32.62 20.24
CA SER A 185 -6.75 31.57 21.24
C SER A 185 -5.54 30.70 20.95
N SER A 186 -5.17 29.90 21.94
CA SER A 186 -4.02 29.01 21.79
C SER A 186 -4.34 27.91 20.79
N HIS A 187 -3.45 27.71 19.85
CA HIS A 187 -3.59 26.63 18.89
C HIS A 187 -2.61 25.52 19.21
N TRP A 188 -3.04 24.29 19.04
CA TRP A 188 -2.25 23.13 19.41
C TRP A 188 -1.67 22.51 18.15
N GLY A 189 -0.37 22.71 17.96
CA GLY A 189 0.32 22.21 16.79
C GLY A 189 0.92 20.86 17.05
N ILE A 190 1.76 20.41 16.13
CA ILE A 190 2.24 19.04 16.22
C ILE A 190 3.39 18.93 17.21
N ILE A 191 4.36 19.85 17.19
CA ILE A 191 5.41 19.81 18.22
C ILE A 191 5.14 20.70 19.41
N ALA A 192 4.16 21.59 19.35
CA ALA A 192 3.99 22.52 20.47
C ALA A 192 2.59 23.10 20.44
N THR A 193 2.21 23.70 21.56
CA THR A 193 1.04 24.55 21.63
C THR A 193 1.48 26.00 21.49
N TYR A 194 0.72 26.76 20.73
CA TYR A 194 1.11 28.10 20.34
C TYR A 194 0.09 29.10 20.83
N SER A 195 0.55 30.16 21.48
CA SER A 195 -0.37 31.19 21.94
C SER A 195 -0.93 31.97 20.76
N GLY A 196 -2.05 32.63 21.00
CA GLY A 196 -2.62 33.48 19.98
C GLY A 196 -1.83 34.75 19.73
N ALA A 197 -1.04 35.17 20.70
CA ALA A 197 -0.25 36.38 20.57
C ALA A 197 0.82 36.19 19.49
N GLY A 198 1.40 37.29 19.05
CA GLY A 198 2.55 37.20 18.19
C GLY A 198 2.72 38.46 17.37
N TYR A 199 3.53 38.33 16.33
CA TYR A 199 3.75 39.38 15.35
C TYR A 199 2.92 39.07 14.13
N TYR A 200 1.96 39.92 13.81
CA TYR A 200 1.06 39.63 12.71
C TYR A 200 1.05 40.78 11.72
N LEU A 201 0.58 40.47 10.52
CA LEU A 201 0.32 41.49 9.52
C LEU A 201 -0.91 41.09 8.74
N ASP A 202 -1.79 42.06 8.51
CA ASP A 202 -2.98 41.81 7.70
C ASP A 202 -2.68 42.18 6.26
N LEU A 203 -3.07 41.29 5.35
CA LEU A 203 -2.78 41.47 3.94
C LEU A 203 -3.78 42.45 3.34
N SER A 204 -3.89 42.50 2.02
CA SER A 204 -4.79 43.43 1.38
C SER A 204 -5.85 42.69 0.56
N ARG A 205 -6.74 43.48 -0.04
CA ARG A 205 -7.85 42.90 -0.79
C ARG A 205 -7.40 42.34 -2.13
N THR A 206 -6.38 42.93 -2.74
CA THR A 206 -6.01 42.61 -4.10
C THR A 206 -4.63 41.98 -4.14
N ARG A 207 -4.40 41.18 -5.17
CA ARG A 207 -3.15 40.44 -5.26
C ARG A 207 -1.96 41.39 -5.37
N GLU A 208 -2.14 42.52 -6.05
CA GLU A 208 -1.02 43.42 -6.29
C GLU A 208 -0.54 44.06 -5.00
N GLU A 209 -1.47 44.41 -4.12
CA GLU A 209 -1.09 45.08 -2.88
C GLU A 209 -0.39 44.11 -1.94
N THR A 210 -0.94 42.91 -1.77
CA THR A 210 -0.34 41.96 -0.85
C THR A 210 1.06 41.59 -1.32
N ALA A 211 1.20 41.28 -2.61
CA ALA A 211 2.50 40.89 -3.14
C ALA A 211 3.55 41.94 -2.81
N ALA A 212 3.16 43.20 -2.70
CA ALA A 212 4.10 44.21 -2.24
C ALA A 212 4.45 44.00 -0.77
N GLN A 213 3.43 43.81 0.08
CA GLN A 213 3.68 43.63 1.50
C GLN A 213 4.59 42.44 1.74
N VAL A 214 4.19 41.27 1.25
CA VAL A 214 4.98 40.06 1.46
C VAL A 214 6.40 40.26 0.97
N ALA A 215 6.57 40.92 -0.17
CA ALA A 215 7.91 41.22 -0.64
C ALA A 215 8.68 42.02 0.39
N SER A 216 8.03 43.01 1.01
CA SER A 216 8.71 43.80 2.02
C SER A 216 9.05 42.95 3.22
N LEU A 217 8.16 42.04 3.61
CA LEU A 217 8.48 41.15 4.72
C LEU A 217 9.60 40.20 4.35
N LYS A 218 9.79 39.93 3.06
CA LYS A 218 10.92 39.14 2.65
C LYS A 218 12.17 39.97 2.51
N LYS A 219 12.07 41.18 1.95
CA LYS A 219 13.22 42.05 1.81
C LYS A 219 13.86 42.28 3.16
N ASN A 220 13.20 43.05 4.02
CA ASN A 220 13.52 42.98 5.43
C ASN A 220 13.33 41.54 5.86
N VAL A 221 14.11 41.09 6.81
CA VAL A 221 14.06 39.68 7.18
C VAL A 221 13.04 39.55 8.30
N TRP A 222 11.86 39.04 7.96
CA TRP A 222 10.82 38.84 8.94
C TRP A 222 10.72 37.40 9.39
N LEU A 223 11.49 36.51 8.79
CA LEU A 223 11.63 35.15 9.27
C LEU A 223 13.09 34.93 9.59
N ASP A 224 13.41 34.76 10.86
CA ASP A 224 14.80 34.72 11.28
C ASP A 224 15.08 33.45 12.06
N ARG A 225 16.28 33.37 12.63
CA ARG A 225 16.61 32.26 13.50
C ARG A 225 15.54 32.02 14.55
N GLY A 226 14.92 33.08 15.04
CA GLY A 226 14.03 32.98 16.17
C GLY A 226 12.59 32.64 15.86
N THR A 227 12.22 32.51 14.60
CA THR A 227 10.83 32.22 14.28
C THR A 227 10.55 30.74 14.47
N ARG A 228 9.67 30.42 15.41
CA ARG A 228 9.25 29.04 15.55
C ARG A 228 8.08 28.66 14.66
N ALA A 229 7.08 29.53 14.53
CA ALA A 229 5.88 29.14 13.81
C ALA A 229 5.29 30.34 13.11
N THR A 230 4.69 30.10 11.95
CA THR A 230 3.94 31.12 11.25
C THR A 230 2.57 30.59 10.90
N PHE A 231 1.57 31.43 11.08
CA PHE A 231 0.19 31.10 10.78
C PHE A 231 -0.28 31.89 9.59
N ILE A 232 -1.10 31.28 8.76
CA ILE A 232 -1.79 31.97 7.68
C ILE A 232 -3.26 31.62 7.80
N ASP A 233 -4.10 32.60 8.08
CA ASP A 233 -5.50 32.35 8.32
C ASP A 233 -6.34 33.24 7.42
N PHE A 234 -7.37 32.65 6.84
CA PHE A 234 -8.34 33.40 6.06
C PHE A 234 -9.60 32.58 5.99
N SER A 235 -10.70 33.23 5.63
CA SER A 235 -11.99 32.58 5.57
C SER A 235 -12.60 32.77 4.20
N VAL A 236 -13.40 31.80 3.79
CA VAL A 236 -14.00 31.77 2.47
C VAL A 236 -15.47 31.47 2.61
N TYR A 237 -16.30 32.19 1.87
CA TYR A 237 -17.73 32.00 1.91
C TYR A 237 -18.25 31.56 0.56
N ASN A 238 -19.05 30.51 0.55
CA ASN A 238 -19.69 30.00 -0.65
C ASN A 238 -21.18 30.27 -0.57
N ALA A 239 -21.73 30.88 -1.61
CA ALA A 239 -23.13 31.24 -1.59
C ALA A 239 -24.04 30.21 -2.24
N ASN A 240 -23.49 29.22 -2.93
CA ASN A 240 -24.37 28.32 -3.66
C ASN A 240 -25.04 27.40 -2.67
N ILE A 241 -24.28 26.45 -2.14
CA ILE A 241 -24.59 26.04 -0.79
C ILE A 241 -24.20 27.18 0.12
N ASN A 242 -24.74 27.17 1.32
CA ASN A 242 -24.40 28.24 2.26
C ASN A 242 -23.43 27.66 3.28
N LEU A 243 -22.16 27.97 3.11
CA LEU A 243 -21.15 27.56 4.08
C LEU A 243 -20.00 28.54 4.05
N PHE A 244 -19.49 28.86 5.23
CA PHE A 244 -18.17 29.43 5.35
C PHE A 244 -17.14 28.32 5.40
N CYS A 245 -15.92 28.64 5.00
CA CYS A 245 -14.80 27.74 5.16
C CYS A 245 -13.66 28.51 5.78
N VAL A 246 -13.24 28.09 6.96
CA VAL A 246 -12.16 28.74 7.69
C VAL A 246 -10.89 27.94 7.48
N VAL A 247 -9.82 28.62 7.12
CA VAL A 247 -8.57 27.97 6.75
C VAL A 247 -7.48 28.40 7.71
N ARG A 248 -6.68 27.45 8.17
CA ARG A 248 -5.47 27.74 8.93
C ARG A 248 -4.33 27.00 8.27
N LEU A 249 -3.37 27.73 7.76
CA LEU A 249 -2.13 27.15 7.25
C LEU A 249 -1.06 27.39 8.29
N LEU A 250 -0.61 26.32 8.91
CA LEU A 250 0.36 26.39 9.99
C LEU A 250 1.69 25.85 9.51
N VAL A 251 2.76 26.58 9.81
CA VAL A 251 4.11 26.17 9.45
C VAL A 251 4.98 26.31 10.68
N GLU A 252 5.60 25.22 11.10
CA GLU A 252 6.44 25.23 12.28
C GLU A 252 7.90 25.17 11.87
N PHE A 253 8.75 25.82 12.66
CA PHE A 253 10.18 25.89 12.43
C PHE A 253 10.87 25.32 13.64
N PRO A 254 11.13 24.02 13.68
CA PRO A 254 11.74 23.42 14.87
C PRO A 254 13.08 24.05 15.16
N ALA A 255 13.50 23.94 16.42
CA ALA A 255 14.80 24.44 16.80
C ALA A 255 15.92 23.75 16.05
N THR A 256 15.62 22.61 15.43
CA THR A 256 16.59 21.86 14.67
C THR A 256 16.71 22.34 13.23
N GLY A 257 15.99 23.39 12.87
CA GLY A 257 15.95 23.80 11.48
C GLY A 257 14.98 22.96 10.67
N GLY A 258 14.54 23.53 9.57
CA GLY A 258 13.56 22.87 8.72
C GLY A 258 12.18 23.47 8.87
N VAL A 259 11.21 22.77 8.30
CA VAL A 259 9.83 23.24 8.24
C VAL A 259 8.90 22.05 8.41
N ILE A 260 7.83 22.24 9.16
CA ILE A 260 6.82 21.20 9.33
C ILE A 260 5.45 21.78 9.01
N PRO A 261 4.96 21.65 7.79
CA PRO A 261 3.67 22.24 7.47
C PRO A 261 2.51 21.43 8.02
N SER A 262 1.41 22.13 8.27
CA SER A 262 0.16 21.49 8.64
C SER A 262 -0.96 22.47 8.32
N TRP A 263 -2.17 21.94 8.19
CA TRP A 263 -3.27 22.73 7.67
C TRP A 263 -4.57 22.31 8.33
N GLN A 264 -5.55 23.19 8.26
CA GLN A 264 -6.89 22.88 8.70
C GLN A 264 -7.89 23.59 7.80
N PHE A 265 -8.86 22.84 7.28
CA PHE A 265 -9.94 23.41 6.49
C PHE A 265 -11.24 23.05 7.17
N GLN A 266 -11.91 24.04 7.74
CA GLN A 266 -13.11 23.79 8.52
C GLN A 266 -14.31 24.49 7.92
N PRO A 267 -15.32 23.76 7.45
CA PRO A 267 -16.57 24.40 7.04
C PRO A 267 -17.37 24.85 8.25
N LEU A 268 -18.23 25.82 8.03
CA LEU A 268 -19.13 26.31 9.05
C LEU A 268 -20.47 26.64 8.44
N LYS A 269 -21.51 26.52 9.25
CA LYS A 269 -22.82 27.03 8.89
C LYS A 269 -23.09 28.15 9.89
N LEU A 270 -22.89 29.40 9.47
CA LEU A 270 -23.17 30.51 10.36
C LEU A 270 -24.59 31.01 10.26
N ILE A 271 -25.13 31.15 9.05
CA ILE A 271 -26.47 31.68 8.86
C ILE A 271 -27.42 30.50 8.84
N ARG A 272 -28.23 30.37 9.88
CA ARG A 272 -28.98 29.15 10.07
C ARG A 272 -30.38 29.19 9.47
N TYR A 273 -30.86 30.35 9.04
CA TYR A 273 -32.19 30.41 8.44
C TYR A 273 -32.05 30.96 7.02
N VAL A 274 -32.21 30.07 6.04
CA VAL A 274 -32.33 30.48 4.65
C VAL A 274 -33.47 29.68 4.05
N THR A 275 -33.28 28.38 3.91
CA THR A 275 -34.28 27.49 3.36
C THR A 275 -35.32 27.15 4.41
N THR A 276 -36.52 26.81 3.94
CA THR A 276 -37.56 26.32 4.84
C THR A 276 -37.07 25.10 5.60
N PHE A 277 -36.29 24.24 4.94
CA PHE A 277 -35.75 23.06 5.60
C PHE A 277 -34.85 23.46 6.77
N ASP A 278 -34.19 24.60 6.69
CA ASP A 278 -33.45 25.10 7.83
C ASP A 278 -34.38 25.44 8.98
N PHE A 279 -35.54 26.06 8.66
CA PHE A 279 -36.54 26.28 9.70
C PHE A 279 -37.06 24.96 10.23
N PHE A 280 -37.21 23.97 9.35
CA PHE A 280 -37.66 22.65 9.76
C PHE A 280 -36.73 22.07 10.82
N LEU A 281 -35.42 22.20 10.60
CA LEU A 281 -34.46 21.69 11.57
C LEU A 281 -34.53 22.46 12.87
N ALA A 282 -34.61 23.78 12.79
CA ALA A 282 -34.63 24.61 14.00
C ALA A 282 -35.79 24.23 14.90
N ALA A 283 -36.89 23.76 14.32
CA ALA A 283 -38.00 23.27 15.14
C ALA A 283 -37.55 22.09 15.98
N CYS A 284 -36.85 21.14 15.37
CA CYS A 284 -36.43 19.94 16.09
C CYS A 284 -35.49 20.28 17.23
N GLU A 285 -34.52 21.17 16.99
CA GLU A 285 -33.60 21.56 18.05
C GLU A 285 -34.34 22.07 19.27
N ILE A 286 -35.53 22.63 19.07
CA ILE A 286 -36.37 22.99 20.20
C ILE A 286 -37.03 21.75 20.77
N ILE A 287 -37.57 20.90 19.90
CA ILE A 287 -38.16 19.64 20.35
C ILE A 287 -37.12 18.80 21.06
N PHE A 288 -35.96 18.63 20.43
CA PHE A 288 -34.90 17.83 21.03
C PHE A 288 -34.51 18.34 22.40
N CYS A 289 -34.64 19.65 22.63
CA CYS A 289 -34.35 20.18 23.96
C CYS A 289 -35.34 19.64 24.99
N PHE A 290 -36.58 19.38 24.57
CA PHE A 290 -37.58 18.89 25.51
C PHE A 290 -37.21 17.50 26.02
N PHE A 291 -36.86 16.60 25.11
CA PHE A 291 -36.51 15.23 25.50
C PHE A 291 -35.46 15.21 26.59
N ILE A 292 -34.36 15.92 26.39
CA ILE A 292 -33.28 15.89 27.38
C ILE A 292 -33.80 16.38 28.72
N PHE A 293 -34.60 17.44 28.70
CA PHE A 293 -35.25 17.87 29.93
C PHE A 293 -36.06 16.73 30.54
N TYR A 294 -36.71 15.93 29.71
CA TYR A 294 -37.52 14.82 30.20
C TYR A 294 -36.62 13.71 30.75
N TYR A 295 -35.58 13.34 30.02
CA TYR A 295 -34.68 12.30 30.52
C TYR A 295 -33.96 12.74 31.78
N VAL A 296 -33.70 14.04 31.94
CA VAL A 296 -33.19 14.51 33.22
C VAL A 296 -34.19 14.23 34.31
N VAL A 297 -35.48 14.45 34.03
CA VAL A 297 -36.52 14.16 35.01
C VAL A 297 -36.49 12.69 35.39
N GLU A 298 -36.52 11.81 34.38
CA GLU A 298 -36.53 10.37 34.65
C GLU A 298 -35.29 9.95 35.43
N GLU A 299 -34.13 10.47 35.05
CA GLU A 299 -32.87 10.05 35.68
C GLU A 299 -32.76 10.46 37.14
N ILE A 300 -33.68 11.26 37.65
CA ILE A 300 -33.59 11.70 39.04
C ILE A 300 -33.94 10.54 39.96
N LEU A 301 -33.04 10.21 40.87
CA LEU A 301 -33.31 9.23 41.92
C LEU A 301 -32.26 9.36 43.02
N ARG A 312 -26.50 -2.28 39.37
CA ARG A 312 -25.68 -1.11 39.68
C ARG A 312 -26.16 0.19 39.02
N SER A 313 -26.43 0.22 37.71
CA SER A 313 -26.23 -0.87 36.74
C SER A 313 -25.56 -0.30 35.51
N PHE A 314 -25.12 -1.18 34.61
CA PHE A 314 -24.52 -0.70 33.37
C PHE A 314 -25.45 0.23 32.61
N TRP A 315 -26.66 -0.23 32.32
CA TRP A 315 -27.56 0.59 31.51
C TRP A 315 -27.84 1.93 32.17
N ASN A 316 -27.78 1.98 33.50
CA ASN A 316 -27.84 3.27 34.17
C ASN A 316 -26.64 4.12 33.81
N CYS A 317 -25.43 3.54 33.90
CA CYS A 317 -24.23 4.26 33.51
C CYS A 317 -24.33 4.76 32.08
N LEU A 318 -25.04 4.02 31.22
CA LEU A 318 -25.23 4.49 29.86
C LEU A 318 -26.06 5.76 29.83
N ASP A 319 -27.22 5.74 30.47
CA ASP A 319 -28.12 6.89 30.41
C ASP A 319 -27.45 8.14 30.94
N VAL A 320 -26.67 8.00 32.01
CA VAL A 320 -25.93 9.13 32.54
C VAL A 320 -25.04 9.73 31.47
N VAL A 321 -24.24 8.89 30.82
CA VAL A 321 -23.30 9.37 29.81
C VAL A 321 -24.03 10.15 28.73
N ILE A 322 -25.13 9.59 28.21
CA ILE A 322 -25.89 10.29 27.19
C ILE A 322 -26.32 11.65 27.70
N VAL A 323 -26.95 11.69 28.86
CA VAL A 323 -27.50 12.96 29.35
C VAL A 323 -26.39 13.96 29.59
N VAL A 324 -25.26 13.50 30.15
CA VAL A 324 -24.13 14.40 30.36
C VAL A 324 -23.72 15.04 29.04
N LEU A 325 -23.38 14.22 28.05
CA LEU A 325 -22.95 14.76 26.78
C LEU A 325 -24.05 15.57 26.13
N SER A 326 -25.29 15.10 26.21
CA SER A 326 -26.38 15.82 25.58
C SER A 326 -26.50 17.23 26.11
N VAL A 327 -26.27 17.42 27.41
CA VAL A 327 -26.28 18.76 27.96
C VAL A 327 -25.13 19.56 27.40
N VAL A 328 -23.90 19.04 27.52
CA VAL A 328 -22.72 19.75 27.06
C VAL A 328 -22.88 20.18 25.62
N ALA A 329 -23.50 19.32 24.80
CA ALA A 329 -23.76 19.69 23.42
C ALA A 329 -24.64 20.93 23.35
N ILE A 330 -25.74 20.94 24.09
CA ILE A 330 -26.63 22.10 24.05
C ILE A 330 -25.95 23.33 24.62
N GLY A 331 -25.22 23.16 25.72
CA GLY A 331 -24.48 24.29 26.28
C GLY A 331 -23.59 24.95 25.26
N ILE A 332 -22.82 24.15 24.53
CA ILE A 332 -22.03 24.68 23.43
C ILE A 332 -22.93 25.34 22.40
N ASN A 333 -24.05 24.68 22.09
CA ASN A 333 -24.86 25.15 20.97
C ASN A 333 -25.50 26.50 21.27
N ILE A 334 -25.63 26.86 22.53
CA ILE A 334 -26.37 28.08 22.83
C ILE A 334 -25.41 29.21 23.15
N TYR A 335 -24.86 29.24 24.36
CA TYR A 335 -24.16 30.44 24.78
C TYR A 335 -22.81 30.56 24.10
N ARG A 336 -22.44 29.57 23.29
CA ARG A 336 -21.18 29.69 22.56
C ARG A 336 -21.43 29.89 21.07
N THR A 337 -21.80 28.83 20.36
CA THR A 337 -21.90 28.89 18.91
C THR A 337 -23.09 29.71 18.41
N SER A 338 -24.03 30.07 19.27
CA SER A 338 -25.17 30.84 18.79
C SER A 338 -24.92 32.33 18.97
N ASN A 339 -23.73 32.70 19.46
CA ASN A 339 -23.44 34.12 19.65
C ASN A 339 -23.35 34.86 18.32
N VAL A 340 -22.45 34.41 17.44
CA VAL A 340 -22.29 34.96 16.10
C VAL A 340 -22.17 36.47 16.20
N GLU A 341 -21.41 36.94 17.18
CA GLU A 341 -21.18 38.38 17.30
C GLU A 341 -20.15 38.83 16.29
N VAL A 342 -19.23 37.95 15.92
CA VAL A 342 -18.16 38.32 15.00
C VAL A 342 -18.73 38.65 13.62
N LEU A 343 -19.54 37.74 13.07
CA LEU A 343 -20.14 37.97 11.77
C LEU A 343 -20.82 39.33 11.71
N LEU A 344 -21.58 39.65 12.76
CA LEU A 344 -22.27 40.93 12.79
C LEU A 344 -21.28 42.09 12.68
N GLN A 345 -20.20 42.02 13.45
CA GLN A 345 -19.18 43.06 13.37
C GLN A 345 -18.53 43.08 12.00
N PHE A 346 -18.23 41.90 11.45
CA PHE A 346 -17.54 41.83 10.18
C PHE A 346 -18.35 42.48 9.08
N LEU A 347 -19.64 42.15 8.99
CA LEU A 347 -20.46 42.68 7.91
C LEU A 347 -20.56 44.19 7.94
N GLU A 348 -20.24 44.81 9.07
CA GLU A 348 -20.19 46.26 9.11
C GLU A 348 -19.03 46.79 8.26
N ASP A 349 -17.81 46.33 8.52
CA ASP A 349 -16.63 46.76 7.78
C ASP A 349 -15.96 45.52 7.21
N GLN A 350 -15.94 45.40 5.89
CA GLN A 350 -15.50 44.18 5.23
C GLN A 350 -14.05 44.24 4.80
N ASN A 351 -13.32 45.28 5.16
CA ASN A 351 -11.91 45.38 4.84
C ASN A 351 -11.01 44.81 5.92
N THR A 352 -11.58 44.26 6.98
CA THR A 352 -10.82 43.81 8.13
C THR A 352 -10.56 42.32 8.03
N PHE A 353 -10.01 41.75 9.09
CA PHE A 353 -9.82 40.32 9.16
C PHE A 353 -10.97 39.68 9.91
N PRO A 354 -11.72 38.82 9.28
CA PRO A 354 -12.89 38.21 9.92
C PRO A 354 -12.53 37.07 10.86
N ASN A 355 -12.25 37.34 12.13
CA ASN A 355 -11.70 36.26 12.94
C ASN A 355 -12.81 35.28 13.28
N PHE A 356 -12.75 34.12 12.66
CA PHE A 356 -13.66 33.02 12.93
C PHE A 356 -13.04 31.89 13.73
N GLU A 357 -11.76 32.00 14.08
CA GLU A 357 -11.04 30.86 14.65
C GLU A 357 -11.81 30.21 15.78
N HIS A 358 -12.46 31.01 16.61
CA HIS A 358 -13.23 30.43 17.71
C HIS A 358 -14.45 29.70 17.22
N LEU A 359 -15.26 30.36 16.39
CA LEU A 359 -16.47 29.74 15.89
C LEU A 359 -16.15 28.42 15.21
N ALA A 360 -15.10 28.41 14.38
CA ALA A 360 -14.71 27.15 13.77
C ALA A 360 -14.29 26.15 14.83
N TYR A 361 -13.64 26.62 15.89
CA TYR A 361 -13.22 25.70 16.94
C TYR A 361 -14.41 25.03 17.59
N TRP A 362 -15.39 25.81 18.02
CA TRP A 362 -16.46 25.24 18.81
C TRP A 362 -17.29 24.28 18.00
N GLN A 363 -17.56 24.59 16.73
CA GLN A 363 -18.36 23.66 15.97
C GLN A 363 -17.67 22.33 15.80
N ILE A 364 -16.34 22.33 15.76
CA ILE A 364 -15.62 21.05 15.84
C ILE A 364 -15.96 20.35 17.14
N GLN A 365 -15.77 21.04 18.26
CA GLN A 365 -16.12 20.45 19.55
C GLN A 365 -17.57 20.04 19.58
N PHE A 366 -18.43 20.82 18.93
CA PHE A 366 -19.84 20.46 18.90
C PHE A 366 -20.04 19.19 18.08
N ASN A 367 -19.51 19.14 16.87
CA ASN A 367 -19.68 17.96 16.05
C ASN A 367 -19.09 16.73 16.71
N ASN A 368 -17.93 16.87 17.34
CA ASN A 368 -17.36 15.75 18.07
C ASN A 368 -18.34 15.23 19.10
N ILE A 369 -18.81 16.11 19.97
CA ILE A 369 -19.70 15.68 21.04
C ILE A 369 -21.00 15.15 20.49
N ALA A 370 -21.58 15.85 19.51
CA ALA A 370 -22.82 15.37 18.92
C ALA A 370 -22.66 13.96 18.39
N ALA A 371 -21.55 13.68 17.71
CA ALA A 371 -21.34 12.35 17.17
C ALA A 371 -21.30 11.30 18.27
N VAL A 372 -20.56 11.58 19.34
CA VAL A 372 -20.39 10.58 20.38
C VAL A 372 -21.72 10.28 21.07
N THR A 373 -22.56 11.30 21.24
CA THR A 373 -23.90 11.03 21.75
C THR A 373 -24.64 10.07 20.85
N VAL A 374 -24.73 10.40 19.57
CA VAL A 374 -25.41 9.55 18.61
C VAL A 374 -24.92 8.12 18.73
N PHE A 375 -23.61 7.94 18.83
CA PHE A 375 -23.06 6.61 18.95
C PHE A 375 -23.63 5.88 20.15
N PHE A 376 -23.54 6.49 21.33
CA PHE A 376 -24.09 5.83 22.51
C PHE A 376 -25.59 5.68 22.44
N VAL A 377 -26.28 6.59 21.77
CA VAL A 377 -27.73 6.46 21.68
C VAL A 377 -28.10 5.17 20.96
N TRP A 378 -27.39 4.86 19.87
CA TRP A 378 -27.62 3.58 19.21
C TRP A 378 -27.41 2.41 20.16
N ILE A 379 -26.32 2.44 20.92
CA ILE A 379 -26.03 1.31 21.79
C ILE A 379 -27.13 1.12 22.81
N LYS A 380 -27.78 2.20 23.23
CA LYS A 380 -28.88 2.06 24.17
C LYS A 380 -30.00 1.20 23.61
N LEU A 381 -30.00 0.96 22.30
CA LEU A 381 -31.05 0.16 21.70
C LEU A 381 -30.97 -1.30 22.15
N PHE A 382 -29.78 -1.78 22.50
CA PHE A 382 -29.65 -3.17 22.92
C PHE A 382 -30.49 -3.47 24.15
N LYS A 383 -30.77 -2.45 24.95
CA LYS A 383 -31.61 -2.66 26.12
C LYS A 383 -32.97 -3.23 25.72
N PHE A 384 -33.40 -2.97 24.50
CA PHE A 384 -34.71 -3.38 24.02
C PHE A 384 -34.69 -4.64 23.16
N ILE A 385 -33.53 -5.23 22.89
CA ILE A 385 -33.46 -6.39 22.00
C ILE A 385 -33.70 -7.70 22.74
N ASN A 386 -33.98 -7.65 24.03
CA ASN A 386 -34.06 -8.86 24.81
C ASN A 386 -35.36 -9.63 24.60
N PHE A 387 -36.24 -9.13 23.71
CA PHE A 387 -37.49 -9.82 23.43
C PHE A 387 -37.28 -11.29 23.11
N ASN A 388 -36.34 -11.59 22.22
CA ASN A 388 -36.18 -12.95 21.74
C ASN A 388 -35.37 -13.79 22.73
N ARG A 389 -35.60 -15.10 22.67
CA ARG A 389 -34.76 -16.03 23.42
C ARG A 389 -33.30 -15.86 23.03
N THR A 390 -33.00 -16.05 21.74
CA THR A 390 -31.62 -16.06 21.28
C THR A 390 -30.91 -14.77 21.66
N MET A 391 -31.62 -13.65 21.62
CA MET A 391 -31.00 -12.39 22.02
C MET A 391 -30.67 -12.40 23.50
N SER A 392 -31.65 -12.73 24.34
CA SER A 392 -31.38 -12.91 25.75
C SER A 392 -30.31 -13.97 25.97
N GLN A 393 -30.31 -15.00 25.13
CA GLN A 393 -29.24 -16.00 25.19
C GLN A 393 -27.89 -15.35 25.01
N LEU A 394 -27.78 -14.37 24.10
CA LEU A 394 -26.50 -13.74 23.85
C LEU A 394 -26.17 -12.71 24.93
N SER A 395 -27.13 -11.87 25.27
CA SER A 395 -26.87 -10.79 26.22
C SER A 395 -26.31 -11.34 27.52
N THR A 396 -26.88 -12.43 28.02
CA THR A 396 -26.40 -12.98 29.27
C THR A 396 -24.97 -13.49 29.14
N THR A 397 -24.55 -13.88 27.94
CA THR A 397 -23.18 -14.33 27.75
C THR A 397 -22.21 -13.16 27.84
N MET A 398 -22.43 -12.14 27.00
CA MET A 398 -21.50 -11.01 26.99
C MET A 398 -21.46 -10.32 28.34
N SER A 399 -22.59 -10.29 29.05
CA SER A 399 -22.57 -9.79 30.42
C SER A 399 -21.60 -10.61 31.27
N ARG A 400 -21.58 -11.92 31.06
CA ARG A 400 -20.65 -12.76 31.81
C ARG A 400 -19.25 -12.71 31.23
N CYS A 401 -19.12 -12.39 29.95
CA CYS A 401 -17.79 -12.30 29.33
C CYS A 401 -16.96 -11.22 30.00
N ALA A 402 -17.59 -10.19 30.55
CA ALA A 402 -16.89 -8.97 30.89
C ALA A 402 -15.79 -9.21 31.91
N LYS A 403 -16.14 -9.78 33.07
CA LYS A 403 -15.19 -9.84 34.17
C LYS A 403 -13.93 -10.59 33.78
N ASP A 404 -14.07 -11.62 32.95
CA ASP A 404 -12.89 -12.37 32.54
C ASP A 404 -12.06 -11.59 31.53
N LEU A 405 -12.70 -11.04 30.50
CA LEU A 405 -11.97 -10.31 29.48
C LEU A 405 -11.22 -9.14 30.07
N PHE A 406 -11.92 -8.28 30.80
CA PHE A 406 -11.26 -7.11 31.38
C PHE A 406 -10.05 -7.52 32.19
N GLY A 407 -10.16 -8.60 32.96
CA GLY A 407 -9.00 -9.08 33.68
C GLY A 407 -7.83 -9.38 32.76
N PHE A 408 -8.12 -9.94 31.59
CA PHE A 408 -7.04 -10.27 30.67
C PHE A 408 -6.57 -9.07 29.88
N ALA A 409 -7.47 -8.14 29.55
CA ALA A 409 -7.04 -6.96 28.81
C ALA A 409 -5.92 -6.24 29.54
N ILE A 410 -6.03 -6.11 30.86
CA ILE A 410 -4.95 -5.56 31.66
C ILE A 410 -3.66 -6.34 31.39
N MET A 411 -3.72 -7.66 31.57
CA MET A 411 -2.58 -8.49 31.24
C MET A 411 -2.09 -8.24 29.84
N PHE A 412 -3.01 -7.95 28.91
CA PHE A 412 -2.62 -7.78 27.53
C PHE A 412 -1.90 -6.46 27.31
N PHE A 413 -2.50 -5.35 27.73
CA PHE A 413 -1.93 -4.07 27.37
C PHE A 413 -0.62 -3.81 28.08
N ILE A 414 -0.41 -4.39 29.25
CA ILE A 414 0.91 -4.31 29.87
C ILE A 414 1.95 -4.84 28.91
N ILE A 415 1.70 -5.99 28.30
CA ILE A 415 2.60 -6.49 27.28
C ILE A 415 2.58 -5.59 26.06
N PHE A 416 1.40 -5.17 25.65
CA PHE A 416 1.29 -4.33 24.47
C PHE A 416 2.08 -3.04 24.66
N LEU A 417 1.87 -2.38 25.79
CA LEU A 417 2.58 -1.13 26.03
C LEU A 417 4.07 -1.35 26.23
N ALA A 418 4.46 -2.53 26.69
CA ALA A 418 5.89 -2.82 26.79
C ALA A 418 6.57 -2.69 25.43
N TYR A 419 6.02 -3.38 24.43
CA TYR A 419 6.54 -3.22 23.08
C TYR A 419 6.51 -1.76 22.65
N ALA A 420 5.40 -1.08 22.88
CA ALA A 420 5.29 0.32 22.47
C ALA A 420 6.46 1.12 23.02
N GLN A 421 6.74 0.94 24.31
CA GLN A 421 7.85 1.68 24.89
C GLN A 421 9.18 1.18 24.34
N LEU A 422 9.29 -0.11 24.07
CA LEU A 422 10.50 -0.62 23.44
C LEU A 422 10.68 -0.01 22.06
N ALA A 423 9.65 -0.13 21.22
CA ALA A 423 9.76 0.41 19.86
C ALA A 423 10.07 1.88 19.87
N TYR A 424 9.54 2.61 20.84
CA TYR A 424 9.78 4.04 20.87
C TYR A 424 11.23 4.37 21.21
N LEU A 425 11.89 3.51 21.97
CA LEU A 425 13.29 3.81 22.29
C LEU A 425 14.20 3.41 21.15
N VAL A 426 13.98 2.23 20.57
CA VAL A 426 14.81 1.78 19.47
C VAL A 426 14.60 2.65 18.25
N PHE A 427 13.37 2.75 17.81
CA PHE A 427 12.99 3.61 16.71
C PHE A 427 12.63 4.96 17.30
N GLY A 428 11.97 5.81 16.53
CA GLY A 428 11.49 7.05 17.06
C GLY A 428 12.45 8.19 16.94
N THR A 429 13.74 7.91 16.82
CA THR A 429 14.66 8.87 16.27
C THR A 429 14.83 8.68 14.77
N GLN A 430 14.16 7.68 14.22
CA GLN A 430 14.37 7.30 12.84
C GLN A 430 13.06 7.26 12.09
N VAL A 431 12.17 6.39 12.50
CA VAL A 431 10.98 6.07 11.74
C VAL A 431 9.88 7.05 12.12
N ASP A 432 9.20 7.60 11.10
CA ASP A 432 8.10 8.51 11.35
C ASP A 432 7.03 7.85 12.20
N ASP A 433 6.65 6.62 11.85
CA ASP A 433 5.53 5.97 12.51
C ASP A 433 5.76 5.83 14.02
N PHE A 434 7.01 5.72 14.43
CA PHE A 434 7.36 5.60 15.83
C PHE A 434 7.78 6.91 16.47
N SER A 435 7.66 8.02 15.73
CA SER A 435 8.24 9.28 16.18
C SER A 435 7.89 9.63 17.61
N THR A 436 6.63 9.43 18.00
CA THR A 436 6.19 9.75 19.35
C THR A 436 5.59 8.53 20.01
N PHE A 437 5.57 8.55 21.34
CA PHE A 437 5.05 7.39 22.04
C PHE A 437 3.58 7.16 21.75
N GLN A 438 2.81 8.23 21.56
CA GLN A 438 1.42 8.05 21.16
C GLN A 438 1.34 7.22 19.90
N GLU A 439 2.15 7.55 18.91
CA GLU A 439 2.01 6.95 17.61
C GLU A 439 2.64 5.58 17.53
N CYS A 440 3.54 5.25 18.46
CA CYS A 440 3.99 3.88 18.55
C CYS A 440 2.84 2.95 18.87
N ILE A 441 1.95 3.39 19.77
CA ILE A 441 0.77 2.60 20.08
C ILE A 441 -0.06 2.38 18.83
N PHE A 442 -0.36 3.46 18.11
CA PHE A 442 -1.19 3.35 16.92
C PHE A 442 -0.53 2.47 15.89
N THR A 443 0.79 2.61 15.72
CA THR A 443 1.49 1.79 14.75
C THR A 443 1.33 0.32 15.07
N GLN A 444 1.35 -0.03 16.34
CA GLN A 444 1.24 -1.45 16.68
C GLN A 444 -0.14 -2.00 16.36
N PHE A 445 -1.17 -1.18 16.46
CA PHE A 445 -2.45 -1.63 15.95
C PHE A 445 -2.40 -1.84 14.44
N ARG A 446 -1.79 -0.91 13.71
CA ARG A 446 -1.71 -1.09 12.28
C ARG A 446 -0.93 -2.34 11.92
N ILE A 447 0.07 -2.71 12.72
CA ILE A 447 0.81 -3.92 12.45
C ILE A 447 -0.07 -5.14 12.61
N ILE A 448 -0.84 -5.18 13.69
CA ILE A 448 -1.73 -6.31 13.92
C ILE A 448 -2.68 -6.49 12.75
N LEU A 449 -3.17 -5.38 12.21
CA LEU A 449 -4.09 -5.48 11.08
C LEU A 449 -3.37 -5.76 9.78
N GLY A 450 -2.06 -5.55 9.72
CA GLY A 450 -1.31 -5.78 8.51
C GLY A 450 -0.87 -4.54 7.78
N ASP A 451 -1.21 -3.35 8.27
CA ASP A 451 -0.68 -2.13 7.68
C ASP A 451 0.73 -1.93 8.23
N ILE A 452 1.72 -1.96 7.34
CA ILE A 452 3.11 -1.99 7.76
C ILE A 452 3.93 -1.26 6.71
N ASN A 453 4.93 -0.53 7.15
CA ASN A 453 6.10 -0.29 6.31
C ASN A 453 7.24 -1.00 7.02
N PHE A 454 7.64 -2.14 6.50
CA PHE A 454 8.71 -2.89 7.13
C PHE A 454 10.07 -2.39 6.69
N ALA A 455 10.17 -1.92 5.45
CA ALA A 455 11.45 -1.50 4.91
C ALA A 455 12.11 -0.47 5.82
N GLU A 456 11.39 0.59 6.15
CA GLU A 456 11.98 1.65 6.96
C GLU A 456 12.25 1.19 8.38
N ILE A 457 11.57 0.16 8.86
CA ILE A 457 11.93 -0.40 10.15
C ILE A 457 13.28 -1.08 10.08
N GLU A 458 13.49 -1.88 9.04
CA GLU A 458 14.76 -2.58 8.91
C GLU A 458 15.90 -1.63 8.63
N GLU A 459 15.65 -0.56 7.90
CA GLU A 459 16.70 0.43 7.66
C GLU A 459 17.10 1.12 8.95
N ALA A 460 16.15 1.37 9.83
CA ALA A 460 16.45 2.05 11.07
C ALA A 460 17.41 1.24 11.92
N ASN A 461 17.05 0.01 12.25
CA ASN A 461 17.91 -0.88 13.00
C ASN A 461 17.85 -2.24 12.34
N ARG A 462 18.98 -2.73 11.86
CA ARG A 462 19.00 -3.96 11.11
C ARG A 462 19.00 -5.19 11.98
N VAL A 463 19.03 -5.05 13.30
CA VAL A 463 19.00 -6.17 14.22
C VAL A 463 17.70 -6.20 15.01
N LEU A 464 17.48 -5.18 15.85
CA LEU A 464 16.25 -5.15 16.62
C LEU A 464 15.03 -4.96 15.74
N GLY A 465 15.17 -4.27 14.63
CA GLY A 465 14.06 -4.07 13.73
C GLY A 465 13.39 -5.37 13.39
N PRO A 466 14.17 -6.32 12.90
CA PRO A 466 13.61 -7.66 12.66
C PRO A 466 13.19 -8.37 13.92
N ILE A 467 13.96 -8.27 15.00
CA ILE A 467 13.61 -8.98 16.21
C ILE A 467 12.31 -8.43 16.79
N TYR A 468 12.22 -7.12 16.93
CA TYR A 468 10.98 -6.49 17.37
C TYR A 468 9.81 -6.97 16.54
N PHE A 469 9.90 -6.80 15.23
CA PHE A 469 8.79 -7.13 14.37
C PHE A 469 8.42 -8.60 14.49
N THR A 470 9.42 -9.48 14.45
CA THR A 470 9.14 -10.91 14.53
C THR A 470 8.48 -11.27 15.84
N THR A 471 9.13 -10.96 16.96
CA THR A 471 8.59 -11.35 18.26
C THR A 471 7.23 -10.73 18.49
N PHE A 472 7.07 -9.45 18.16
CA PHE A 472 5.77 -8.81 18.33
C PHE A 472 4.71 -9.55 17.54
N VAL A 473 4.93 -9.72 16.23
CA VAL A 473 3.95 -10.44 15.43
C VAL A 473 3.74 -11.84 15.97
N PHE A 474 4.77 -12.45 16.53
CA PHE A 474 4.58 -13.81 16.99
C PHE A 474 3.74 -13.83 18.25
N PHE A 475 4.27 -13.28 19.35
CA PHE A 475 3.57 -13.39 20.62
C PHE A 475 2.21 -12.71 20.58
N MET A 476 2.14 -11.50 20.02
CA MET A 476 0.88 -10.77 20.07
C MET A 476 -0.14 -11.40 19.14
N PHE A 477 0.20 -11.57 17.87
CA PHE A 477 -0.79 -11.98 16.89
C PHE A 477 -1.10 -13.46 16.97
N PHE A 478 -0.10 -14.32 17.16
CA PHE A 478 -0.37 -15.73 17.27
C PHE A 478 -0.95 -16.07 18.63
N ILE A 479 -0.14 -15.91 19.68
CA ILE A 479 -0.51 -16.43 20.99
C ILE A 479 -1.55 -15.54 21.65
N LEU A 480 -1.28 -14.25 21.76
CA LEU A 480 -2.07 -13.46 22.71
C LEU A 480 -3.45 -13.13 22.19
N LEU A 481 -3.59 -12.73 20.92
CA LEU A 481 -4.93 -12.50 20.41
C LEU A 481 -5.80 -13.70 20.64
N ASN A 482 -5.25 -14.89 20.39
CA ASN A 482 -6.00 -16.11 20.59
C ASN A 482 -6.39 -16.33 22.04
N MET A 483 -5.80 -15.58 22.97
CA MET A 483 -6.17 -15.79 24.35
C MET A 483 -7.50 -15.14 24.68
N PHE A 484 -7.82 -14.01 24.04
CA PHE A 484 -9.19 -13.50 24.11
C PHE A 484 -10.16 -14.55 23.64
N LEU A 485 -9.98 -15.00 22.42
CA LEU A 485 -10.92 -15.92 21.82
C LEU A 485 -11.02 -17.21 22.63
N ALA A 486 -9.97 -17.56 23.36
CA ALA A 486 -10.10 -18.68 24.28
C ALA A 486 -11.10 -18.37 25.38
N ILE A 487 -11.03 -17.16 25.92
CA ILE A 487 -11.95 -16.79 26.99
C ILE A 487 -13.38 -16.81 26.50
N ILE A 488 -13.61 -16.27 25.31
CA ILE A 488 -14.99 -16.13 24.84
C ILE A 488 -15.62 -17.49 24.62
N ASN A 489 -14.90 -18.42 23.99
CA ASN A 489 -15.45 -19.75 23.78
C ASN A 489 -15.88 -20.38 25.09
N ASP A 490 -14.98 -20.39 26.08
CA ASP A 490 -15.33 -21.02 27.34
C ASP A 490 -16.58 -20.39 27.93
N THR A 491 -16.56 -19.08 28.12
CA THR A 491 -17.68 -18.46 28.80
C THR A 491 -18.96 -18.58 27.99
N TYR A 492 -18.86 -18.66 26.66
CA TYR A 492 -20.05 -18.82 25.85
C TYR A 492 -20.60 -20.24 25.99
N SER A 493 -19.77 -21.23 25.73
CA SER A 493 -20.24 -22.61 25.78
C SER A 493 -20.71 -22.96 27.17
N GLU A 494 -20.13 -22.34 28.19
CA GLU A 494 -20.61 -22.56 29.55
C GLU A 494 -22.03 -22.06 29.71
N VAL A 495 -22.32 -20.86 29.20
CA VAL A 495 -23.66 -20.32 29.35
C VAL A 495 -24.66 -21.12 28.54
N LYS A 496 -24.26 -21.64 27.38
CA LYS A 496 -25.15 -22.52 26.67
C LYS A 496 -25.35 -23.84 27.41
N SER A 497 -24.37 -24.23 28.22
CA SER A 497 -24.51 -25.48 28.96
C SER A 497 -25.63 -25.38 29.98
N ASP A 498 -25.57 -24.39 30.86
CA ASP A 498 -26.50 -24.36 31.98
C ASP A 498 -27.88 -23.88 31.58
N LEU A 499 -27.97 -22.92 30.66
CA LEU A 499 -29.29 -22.49 30.20
C LEU A 499 -30.02 -23.65 29.53
N ALA A 500 -29.29 -24.54 28.86
CA ALA A 500 -29.91 -25.74 28.34
C ALA A 500 -30.46 -26.61 29.45
N GLN A 501 -29.81 -26.60 30.62
CA GLN A 501 -30.32 -27.34 31.77
C GLN A 501 -31.64 -26.79 32.29
N GLN A 502 -32.10 -25.66 31.76
CA GLN A 502 -33.33 -25.06 32.26
C GLN A 502 -34.40 -25.07 31.18
N TYR B 24 3.47 -12.39 55.48
CA TYR B 24 4.00 -12.86 54.21
C TYR B 24 3.59 -11.95 53.07
N LEU B 25 2.30 -11.58 53.03
CA LEU B 25 1.84 -10.64 52.02
C LEU B 25 2.52 -9.29 52.16
N LYS B 26 2.94 -8.93 53.38
CA LYS B 26 3.69 -7.70 53.57
C LYS B 26 5.05 -7.78 52.92
N SER B 27 5.75 -8.89 53.11
CA SER B 27 7.07 -9.06 52.50
C SER B 27 6.97 -9.00 50.98
N VAL B 28 5.97 -9.67 50.41
CA VAL B 28 5.73 -9.56 48.98
C VAL B 28 5.48 -8.11 48.59
N LEU B 29 4.68 -7.41 49.37
CA LEU B 29 4.49 -5.99 49.12
C LEU B 29 5.75 -5.20 49.47
N ARG B 30 6.57 -5.71 50.39
CA ARG B 30 7.81 -5.03 50.71
C ARG B 30 8.73 -4.99 49.49
N GLU B 31 8.94 -6.14 48.86
CA GLU B 31 9.72 -6.16 47.62
C GLU B 31 9.00 -5.45 46.49
N LEU B 32 7.68 -5.31 46.57
CA LEU B 32 6.94 -4.66 45.49
C LEU B 32 7.28 -3.19 45.40
N VAL B 33 7.16 -2.45 46.51
CA VAL B 33 7.45 -1.02 46.46
C VAL B 33 8.89 -0.77 46.06
N THR B 34 9.80 -1.64 46.49
CA THR B 34 11.17 -1.59 45.98
C THR B 34 11.17 -1.63 44.45
N TYR B 35 10.42 -2.57 43.89
CA TYR B 35 10.36 -2.70 42.44
C TYR B 35 9.77 -1.46 41.79
N LEU B 36 8.73 -0.89 42.38
CA LEU B 36 8.07 0.25 41.77
C LEU B 36 9.03 1.42 41.60
N LEU B 37 9.75 1.77 42.66
CA LEU B 37 10.72 2.84 42.55
C LEU B 37 11.71 2.55 41.43
N PHE B 38 12.16 1.31 41.35
CA PHE B 38 13.08 0.92 40.29
C PHE B 38 12.49 1.18 38.91
N LEU B 39 11.18 1.04 38.76
CA LEU B 39 10.54 1.42 37.51
C LEU B 39 10.69 2.91 37.26
N ILE B 40 10.16 3.73 38.16
CA ILE B 40 10.05 5.15 37.87
C ILE B 40 11.44 5.78 37.77
N VAL B 41 12.41 5.27 38.52
CA VAL B 41 13.80 5.64 38.27
C VAL B 41 14.15 5.33 36.83
N LEU B 42 13.97 4.08 36.42
CA LEU B 42 14.27 3.70 35.05
C LEU B 42 13.36 4.41 34.06
N CYS B 43 12.11 4.66 34.44
CA CYS B 43 11.21 5.38 33.56
C CYS B 43 11.72 6.79 33.28
N ILE B 44 12.38 7.41 34.24
CA ILE B 44 12.89 8.77 34.03
C ILE B 44 14.09 8.75 33.10
N LEU B 45 15.05 7.87 33.37
CA LEU B 45 16.27 7.85 32.58
C LEU B 45 15.97 7.75 31.09
N THR B 46 15.12 6.80 30.73
CA THR B 46 14.75 6.64 29.32
C THR B 46 14.14 7.91 28.77
N TYR B 47 13.06 8.37 29.40
CA TYR B 47 12.48 9.65 28.98
C TYR B 47 13.51 10.76 29.04
N GLY B 48 14.40 10.71 30.03
CA GLY B 48 15.43 11.73 30.11
C GLY B 48 16.48 11.58 29.03
N MET B 49 17.04 10.37 28.89
CA MET B 49 18.11 10.16 27.94
C MET B 49 17.67 10.34 26.50
N MET B 50 16.38 10.43 26.24
CA MET B 50 15.87 10.62 24.88
C MET B 50 15.08 11.92 24.84
N SER B 51 15.60 12.89 24.10
CA SER B 51 14.85 14.12 23.87
C SER B 51 13.63 13.82 23.00
N SER B 52 12.68 14.76 23.02
CA SER B 52 11.37 14.49 22.45
C SER B 52 11.41 14.50 20.93
N ASN B 53 11.71 15.64 20.33
CA ASN B 53 11.48 15.87 18.91
C ASN B 53 12.65 15.46 18.05
N VAL B 54 13.64 14.77 18.61
CA VAL B 54 14.84 14.41 17.87
C VAL B 54 14.52 13.85 16.50
N TYR B 55 13.41 13.13 16.39
CA TYR B 55 13.02 12.59 15.10
C TYR B 55 13.09 13.62 13.99
N TYR B 56 12.57 14.82 14.25
CA TYR B 56 12.62 15.83 13.20
C TYR B 56 14.03 16.30 12.93
N TYR B 57 14.94 16.13 13.88
CA TYR B 57 16.31 16.56 13.64
C TYR B 57 16.99 15.66 12.62
N THR B 58 16.79 14.35 12.71
CA THR B 58 17.32 13.47 11.68
C THR B 58 16.54 13.64 10.39
N ARG B 59 15.22 13.73 10.49
CA ARG B 59 14.38 13.82 9.30
C ARG B 59 14.80 14.98 8.42
N MET B 60 15.15 16.11 9.01
CA MET B 60 15.58 17.23 8.20
C MET B 60 16.92 16.96 7.57
N MET B 61 17.83 16.35 8.32
CA MET B 61 19.12 15.98 7.74
C MET B 61 18.93 15.03 6.58
N SER B 62 18.15 13.97 6.78
CA SER B 62 17.99 12.97 5.75
C SER B 62 17.39 13.57 4.49
N GLN B 63 16.27 14.28 4.63
CA GLN B 63 15.65 14.88 3.46
C GLN B 63 16.59 15.83 2.75
N LEU B 64 17.48 16.47 3.49
CA LEU B 64 18.40 17.40 2.85
C LEU B 64 19.37 16.66 1.95
N PHE B 65 19.89 15.53 2.40
CA PHE B 65 20.88 14.77 1.65
C PHE B 65 20.25 13.68 0.80
N LEU B 66 19.58 12.73 1.45
CA LEU B 66 19.03 11.59 0.73
C LEU B 66 18.05 12.04 -0.33
N ASP B 67 17.11 12.89 0.03
CA ASP B 67 15.90 13.11 -0.74
C ASP B 67 16.01 14.21 -1.78
N THR B 68 17.18 14.76 -2.00
CA THR B 68 17.08 15.85 -2.96
C THR B 68 17.69 15.44 -4.28
N PRO B 69 17.20 16.01 -5.38
CA PRO B 69 17.72 15.61 -6.70
C PRO B 69 19.21 15.82 -6.78
N VAL B 70 19.90 14.82 -7.31
CA VAL B 70 21.35 14.87 -7.41
C VAL B 70 21.80 16.14 -8.11
N SER B 71 21.05 16.57 -9.12
CA SER B 71 21.32 17.83 -9.78
C SER B 71 19.99 18.44 -10.21
N LYS B 72 20.02 19.75 -10.48
CA LYS B 72 18.79 20.45 -10.84
C LYS B 72 18.14 19.83 -12.07
N THR B 73 18.91 19.29 -12.99
CA THR B 73 18.37 18.66 -14.19
C THR B 73 18.13 17.17 -14.00
N GLU B 74 18.55 16.59 -12.88
CA GLU B 74 18.45 15.15 -12.67
C GLU B 74 17.33 14.84 -11.69
N LYS B 75 16.68 13.70 -11.89
CA LYS B 75 15.58 13.29 -11.04
C LYS B 75 15.98 12.31 -9.95
N THR B 76 17.24 11.88 -9.89
CA THR B 76 17.63 10.85 -8.94
C THR B 76 17.94 11.44 -7.58
N ASN B 77 17.61 10.68 -6.54
CA ASN B 77 18.01 11.00 -5.18
C ASN B 77 19.38 10.43 -4.91
N PHE B 78 19.81 10.51 -3.66
CA PHE B 78 20.89 9.63 -3.23
C PHE B 78 20.41 8.21 -3.08
N LYS B 79 19.14 8.03 -2.69
CA LYS B 79 18.58 6.70 -2.56
C LYS B 79 18.50 5.98 -3.90
N THR B 80 18.54 6.72 -5.00
CA THR B 80 18.27 6.18 -6.32
C THR B 80 19.53 5.87 -7.11
N LEU B 81 20.72 6.12 -6.56
CA LEU B 81 21.94 6.06 -7.36
C LEU B 81 22.09 4.73 -8.05
N SER B 82 22.18 4.75 -9.37
CA SER B 82 22.36 3.53 -10.14
C SER B 82 23.77 3.31 -10.67
N SER B 83 24.67 4.28 -10.56
CA SER B 83 25.93 4.14 -11.29
C SER B 83 26.98 5.06 -10.70
N MET B 84 28.24 4.77 -11.02
CA MET B 84 29.33 5.64 -10.62
C MET B 84 29.10 7.06 -11.13
N GLU B 85 28.67 7.20 -12.38
CA GLU B 85 28.40 8.52 -12.92
C GLU B 85 27.42 9.27 -12.05
N ASP B 86 26.37 8.59 -11.60
CA ASP B 86 25.42 9.20 -10.69
C ASP B 86 26.11 9.60 -9.40
N PHE B 87 27.05 8.78 -8.93
CA PHE B 87 27.70 9.07 -7.66
C PHE B 87 28.49 10.36 -7.74
N TRP B 88 29.33 10.50 -8.77
CA TRP B 88 30.09 11.75 -8.89
C TRP B 88 29.15 12.93 -9.01
N LYS B 89 28.03 12.77 -9.70
CA LYS B 89 27.06 13.85 -9.74
C LYS B 89 26.55 14.17 -8.36
N PHE B 90 26.52 13.18 -7.47
CA PHE B 90 26.03 13.44 -6.12
C PHE B 90 27.05 14.21 -5.31
N THR B 91 28.31 13.77 -5.35
CA THR B 91 29.34 14.43 -4.57
C THR B 91 29.49 15.88 -4.99
N GLU B 92 29.78 16.11 -6.26
CA GLU B 92 29.84 17.48 -6.76
C GLU B 92 28.48 18.15 -6.76
N GLY B 93 27.43 17.40 -6.50
CA GLY B 93 26.04 17.80 -6.51
C GLY B 93 25.52 18.08 -5.13
N SER B 94 24.30 17.61 -4.88
CA SER B 94 23.55 17.94 -3.68
C SER B 94 24.39 17.82 -2.41
N LEU B 95 25.34 16.91 -2.38
CA LEU B 95 26.17 16.78 -1.18
C LEU B 95 26.85 18.09 -0.82
N LEU B 96 27.65 18.62 -1.74
CA LEU B 96 28.32 19.88 -1.46
C LEU B 96 27.31 20.97 -1.14
N ASP B 97 26.29 21.09 -1.98
CA ASP B 97 25.27 22.10 -1.72
C ASP B 97 24.48 21.80 -0.47
N GLY B 98 24.54 20.57 0.02
CA GLY B 98 23.93 20.27 1.31
C GLY B 98 24.83 20.60 2.48
N LEU B 99 26.14 20.47 2.31
CA LEU B 99 27.04 20.70 3.42
C LEU B 99 27.36 22.16 3.65
N TYR B 100 27.20 23.01 2.65
CA TYR B 100 27.72 24.36 2.74
C TYR B 100 26.61 25.38 2.57
N TRP B 101 26.69 26.44 3.36
CA TRP B 101 25.63 27.42 3.50
C TRP B 101 26.28 28.78 3.74
N LYS B 102 25.73 29.82 3.14
CA LYS B 102 26.24 31.16 3.39
C LYS B 102 25.09 32.14 3.60
N MET B 103 24.96 32.79 4.76
CA MET B 103 25.81 32.71 5.96
C MET B 103 27.28 33.04 5.70
N GLU B 110 28.87 32.75 9.29
CA GLU B 110 29.25 34.16 9.38
C GLU B 110 30.75 34.31 9.63
N ALA B 111 31.43 33.18 9.77
CA ALA B 111 32.86 33.17 10.02
C ALA B 111 33.75 33.82 8.93
N ASP B 112 33.54 33.56 7.63
CA ASP B 112 32.48 32.73 7.08
C ASP B 112 32.96 31.31 6.84
N ASN B 113 34.19 31.02 7.25
CA ASN B 113 34.75 29.68 7.09
C ASN B 113 33.87 28.61 7.73
N ARG B 114 32.97 29.00 8.62
CA ARG B 114 32.05 28.08 9.28
C ARG B 114 30.70 28.12 8.59
N SER B 115 30.07 26.96 8.43
CA SER B 115 28.83 26.83 7.69
C SER B 115 27.78 26.18 8.57
N PHE B 116 26.64 26.85 8.70
CA PHE B 116 25.55 26.38 9.55
C PHE B 116 24.49 25.76 8.64
N ILE B 117 24.35 24.44 8.70
CA ILE B 117 23.31 23.78 7.93
C ILE B 117 21.95 24.21 8.47
N PHE B 118 21.07 24.66 7.57
CA PHE B 118 19.77 25.20 7.95
C PHE B 118 19.93 26.46 8.75
N TYR B 119 21.16 26.87 8.99
CA TYR B 119 21.61 27.98 9.81
C TYR B 119 21.64 27.60 11.28
N GLU B 120 21.06 26.47 11.65
CA GLU B 120 21.07 26.02 13.04
C GLU B 120 22.18 25.02 13.35
N ASN B 121 22.88 24.48 12.37
CA ASN B 121 23.69 23.29 12.58
C ASN B 121 25.09 23.49 12.06
N LEU B 122 26.07 23.49 12.97
CA LEU B 122 27.45 23.46 12.54
C LEU B 122 27.77 22.21 11.75
N LEU B 123 28.43 22.41 10.62
CA LEU B 123 29.23 21.33 10.06
C LEU B 123 30.50 21.28 10.86
N LEU B 124 30.73 20.17 11.52
CA LEU B 124 31.68 20.10 12.61
C LEU B 124 32.98 19.57 12.05
N GLY B 125 34.01 20.39 12.02
CA GLY B 125 35.26 19.95 11.46
C GLY B 125 35.16 19.81 9.96
N VAL B 126 35.56 18.64 9.45
CA VAL B 126 35.72 18.44 8.02
C VAL B 126 35.17 17.08 7.61
N PRO B 127 34.53 16.96 6.46
CA PRO B 127 34.09 15.65 5.99
C PRO B 127 35.27 14.79 5.56
N ARG B 128 35.01 13.50 5.43
CA ARG B 128 36.02 12.56 4.99
C ARG B 128 35.43 11.53 4.04
N ILE B 129 36.08 11.30 2.92
CA ILE B 129 35.71 10.28 1.96
C ILE B 129 36.74 9.18 2.00
N ARG B 130 36.29 7.94 1.98
CA ARG B 130 37.16 6.80 2.05
C ARG B 130 36.62 5.73 1.13
N GLN B 131 37.51 5.02 0.43
CA GLN B 131 37.04 3.93 -0.41
C GLN B 131 37.79 2.66 -0.05
N LEU B 132 37.25 1.55 -0.51
CA LEU B 132 37.88 0.25 -0.39
C LEU B 132 38.08 -0.34 -1.77
N ARG B 133 39.17 -1.07 -1.94
CA ARG B 133 39.60 -1.48 -3.27
C ARG B 133 40.11 -2.90 -3.24
N VAL B 134 39.83 -3.63 -4.32
CA VAL B 134 40.18 -5.03 -4.44
C VAL B 134 41.26 -5.20 -5.50
N ARG B 135 42.14 -6.17 -5.27
CA ARG B 135 43.25 -6.41 -6.18
C ARG B 135 42.77 -6.91 -7.53
N ASN B 136 43.64 -6.74 -8.53
CA ASN B 136 43.38 -7.26 -9.86
C ASN B 136 43.12 -8.76 -9.84
N GLY B 137 44.16 -9.55 -9.60
CA GLY B 137 44.06 -10.97 -9.86
C GLY B 137 43.31 -11.74 -8.79
N SER B 138 42.57 -11.02 -7.97
CA SER B 138 41.85 -11.63 -6.85
C SER B 138 41.04 -12.84 -7.27
N CYS B 139 40.39 -12.76 -8.42
CA CYS B 139 39.61 -13.84 -8.98
C CYS B 139 40.38 -14.48 -10.14
N SER B 140 39.75 -15.46 -10.78
CA SER B 140 40.38 -16.21 -11.86
C SER B 140 39.41 -16.35 -13.02
N ILE B 141 39.89 -16.07 -14.22
CA ILE B 141 39.07 -16.14 -15.42
C ILE B 141 39.09 -17.57 -15.93
N PRO B 142 37.95 -18.12 -16.35
CA PRO B 142 37.96 -19.46 -16.93
C PRO B 142 38.86 -19.52 -18.15
N GLN B 143 39.59 -20.63 -18.28
CA GLN B 143 40.60 -20.75 -19.31
C GLN B 143 40.02 -20.54 -20.71
N ASP B 144 38.75 -20.86 -20.90
CA ASP B 144 38.14 -20.71 -22.21
C ASP B 144 38.10 -19.24 -22.64
N LEU B 145 37.81 -18.35 -21.70
CA LEU B 145 37.60 -16.95 -22.04
C LEU B 145 38.83 -16.08 -21.81
N ARG B 146 39.94 -16.67 -21.38
CA ARG B 146 41.13 -15.86 -21.09
C ARG B 146 41.55 -15.04 -22.31
N ASP B 147 41.39 -15.61 -23.51
CA ASP B 147 41.64 -14.83 -24.70
C ASP B 147 40.70 -13.65 -24.80
N GLU B 148 39.48 -13.79 -24.26
CA GLU B 148 38.51 -12.71 -24.34
C GLU B 148 38.78 -11.68 -23.25
N ILE B 149 38.54 -12.05 -22.00
CA ILE B 149 38.54 -11.09 -20.90
C ILE B 149 39.94 -11.02 -20.29
N LYS B 150 40.43 -9.79 -20.12
CA LYS B 150 41.79 -9.61 -19.62
C LYS B 150 41.87 -9.75 -18.11
N GLU B 151 40.91 -9.17 -17.38
CA GLU B 151 41.09 -9.00 -15.95
C GLU B 151 39.75 -9.03 -15.24
N CYS B 152 39.75 -9.53 -14.01
CA CYS B 152 38.55 -9.61 -13.20
C CYS B 152 38.84 -8.97 -11.86
N TYR B 153 37.80 -8.70 -11.09
CA TYR B 153 37.94 -8.20 -9.73
C TYR B 153 36.93 -8.89 -8.83
N ASP B 154 37.44 -9.61 -7.84
CA ASP B 154 36.58 -10.43 -7.01
C ASP B 154 35.73 -9.59 -6.07
N VAL B 155 34.69 -10.21 -5.54
CA VAL B 155 33.86 -9.64 -4.49
C VAL B 155 34.74 -9.24 -3.32
N TYR B 156 34.38 -8.18 -2.62
CA TYR B 156 35.22 -7.67 -1.53
C TYR B 156 35.39 -8.72 -0.45
N SER B 157 36.63 -8.86 0.00
CA SER B 157 36.96 -9.69 1.14
C SER B 157 38.29 -9.22 1.69
N VAL B 158 38.54 -9.58 2.95
CA VAL B 158 39.78 -9.16 3.58
C VAL B 158 40.98 -9.68 2.80
N SER B 159 40.86 -10.90 2.26
CA SER B 159 41.95 -11.48 1.52
C SER B 159 42.21 -10.73 0.22
N SER B 160 41.16 -10.36 -0.48
CA SER B 160 41.29 -9.78 -1.80
C SER B 160 41.52 -8.28 -1.78
N GLU B 161 41.62 -7.68 -0.60
CA GLU B 161 41.74 -6.23 -0.49
C GLU B 161 43.02 -5.76 -1.16
N ASP B 162 42.98 -4.55 -1.70
CA ASP B 162 44.10 -3.99 -2.46
C ASP B 162 44.79 -2.92 -1.63
N ARG B 163 46.05 -3.19 -1.27
CA ARG B 163 46.85 -2.24 -0.53
C ARG B 163 47.84 -1.47 -1.38
N ALA B 164 47.85 -1.77 -2.66
CA ALA B 164 48.78 -1.13 -3.58
C ALA B 164 48.44 0.32 -3.76
N PRO B 165 49.47 1.13 -3.87
CA PRO B 165 49.29 2.58 -4.09
C PRO B 165 48.99 2.94 -5.54
N PHE B 166 47.72 2.83 -5.92
CA PHE B 166 47.34 3.08 -7.29
C PHE B 166 47.36 4.57 -7.59
N GLY B 167 47.40 4.89 -8.87
CA GLY B 167 47.20 6.25 -9.30
C GLY B 167 48.44 7.12 -9.14
N PRO B 168 48.25 8.44 -9.13
CA PRO B 168 49.39 9.35 -9.05
C PRO B 168 50.22 9.19 -7.79
N ARG B 169 49.69 8.53 -6.76
CA ARG B 169 50.44 8.26 -5.54
C ARG B 169 50.83 9.54 -4.82
N ASN B 170 50.03 10.59 -4.95
CA ASN B 170 50.41 11.88 -4.41
C ASN B 170 49.85 12.17 -3.03
N GLY B 171 49.14 11.23 -2.41
CA GLY B 171 48.63 11.55 -1.10
C GLY B 171 47.74 10.45 -0.56
N THR B 172 47.16 10.74 0.61
CA THR B 172 46.37 9.76 1.32
C THR B 172 45.23 9.22 0.50
N ALA B 173 44.79 9.94 -0.53
CA ALA B 173 43.76 9.40 -1.38
C ALA B 173 44.26 8.20 -2.16
N TRP B 174 45.50 8.24 -2.61
CA TRP B 174 46.04 7.18 -3.43
C TRP B 174 46.91 6.19 -2.68
N ILE B 175 47.05 6.31 -1.37
CA ILE B 175 47.90 5.40 -0.62
C ILE B 175 47.09 4.72 0.47
N TYR B 176 47.27 3.42 0.60
CA TYR B 176 46.55 2.64 1.58
C TYR B 176 47.01 3.01 2.99
N THR B 177 46.06 3.02 3.92
CA THR B 177 46.36 3.26 5.32
C THR B 177 45.62 2.23 6.17
N SER B 178 46.32 1.66 7.14
CA SER B 178 45.78 0.55 7.90
C SER B 178 44.68 1.01 8.84
N GLU B 179 43.83 0.06 9.22
CA GLU B 179 42.74 0.37 10.14
C GLU B 179 43.25 0.83 11.48
N LYS B 180 44.45 0.41 11.87
CA LYS B 180 45.03 0.94 13.10
C LYS B 180 45.50 2.36 12.88
N ASP B 181 46.31 2.58 11.85
CA ASP B 181 46.89 3.90 11.63
C ASP B 181 45.80 4.91 11.30
N LEU B 182 44.73 4.47 10.65
CA LEU B 182 43.56 5.30 10.41
C LEU B 182 42.51 4.88 11.42
N ASN B 183 42.30 5.72 12.42
CA ASN B 183 41.42 5.36 13.52
C ASN B 183 40.05 5.04 12.97
N GLY B 184 39.55 3.86 13.29
CA GLY B 184 38.30 3.43 12.70
C GLY B 184 38.07 1.96 12.96
N SER B 185 36.84 1.55 12.70
CA SER B 185 36.38 0.21 13.03
C SER B 185 35.66 -0.39 11.84
N SER B 186 35.47 -1.70 11.89
CA SER B 186 34.79 -2.40 10.81
C SER B 186 33.32 -2.00 10.77
N HIS B 187 32.85 -1.65 9.60
CA HIS B 187 31.44 -1.34 9.41
C HIS B 187 30.76 -2.47 8.66
N TRP B 188 29.54 -2.77 9.05
CA TRP B 188 28.80 -3.89 8.50
C TRP B 188 27.77 -3.37 7.51
N GLY B 189 28.04 -3.58 6.23
CA GLY B 189 27.19 -3.11 5.17
C GLY B 189 26.20 -4.17 4.76
N ILE B 190 25.52 -3.93 3.65
CA ILE B 190 24.43 -4.83 3.31
C ILE B 190 24.95 -6.08 2.61
N ILE B 191 25.90 -5.96 1.68
CA ILE B 191 26.48 -7.18 1.08
C ILE B 191 27.76 -7.62 1.75
N ALA B 192 28.37 -6.81 2.60
CA ALA B 192 29.66 -7.21 3.14
C ALA B 192 29.96 -6.42 4.40
N THR B 193 30.94 -6.91 5.16
CA THR B 193 31.54 -6.16 6.23
C THR B 193 32.81 -5.51 5.71
N TYR B 194 33.03 -4.26 6.10
CA TYR B 194 34.09 -3.44 5.54
C TYR B 194 35.04 -3.01 6.64
N SER B 195 36.33 -3.19 6.42
CA SER B 195 37.30 -2.76 7.40
C SER B 195 37.37 -1.24 7.44
N GLY B 196 37.90 -0.73 8.55
CA GLY B 196 38.10 0.70 8.66
C GLY B 196 39.22 1.23 7.79
N ALA B 197 40.15 0.37 7.40
CA ALA B 197 41.26 0.78 6.57
C ALA B 197 40.77 1.19 5.19
N GLY B 198 41.63 1.87 4.44
CA GLY B 198 41.32 2.11 3.06
C GLY B 198 42.08 3.32 2.55
N TYR B 199 41.61 3.83 1.41
CA TYR B 199 42.13 5.03 0.79
C TYR B 199 41.18 6.16 1.12
N TYR B 200 41.64 7.16 1.86
CA TYR B 200 40.74 8.21 2.28
C TYR B 200 41.31 9.56 1.87
N LEU B 201 40.43 10.56 1.87
CA LEU B 201 40.83 11.94 1.70
C LEU B 201 39.94 12.81 2.56
N ASP B 202 40.55 13.76 3.24
CA ASP B 202 39.79 14.71 4.05
C ASP B 202 39.50 15.95 3.23
N LEU B 203 38.26 16.39 3.27
CA LEU B 203 37.82 17.53 2.46
C LEU B 203 38.26 18.81 3.14
N SER B 204 37.69 19.94 2.74
CA SER B 204 38.09 21.22 3.29
C SER B 204 36.91 21.89 3.99
N ARG B 205 37.19 23.07 4.56
CA ARG B 205 36.18 23.78 5.32
C ARG B 205 35.15 24.44 4.44
N THR B 206 35.53 24.85 3.23
CA THR B 206 34.69 25.68 2.40
C THR B 206 34.33 24.93 1.13
N ARG B 207 33.19 25.30 0.55
CA ARG B 207 32.69 24.59 -0.61
C ARG B 207 33.64 24.72 -1.79
N GLU B 208 34.30 25.86 -1.92
CA GLU B 208 35.14 26.09 -3.08
C GLU B 208 36.36 25.18 -3.07
N GLU B 209 36.93 24.97 -1.88
CA GLU B 209 38.14 24.15 -1.81
C GLU B 209 37.83 22.69 -2.05
N THR B 210 36.77 22.18 -1.43
CA THR B 210 36.43 20.77 -1.62
C THR B 210 36.10 20.48 -3.07
N ALA B 211 35.26 21.33 -3.67
CA ALA B 211 34.89 21.13 -5.06
C ALA B 211 36.11 20.99 -5.96
N ALA B 212 37.21 21.63 -5.58
CA ALA B 212 38.44 21.42 -6.32
C ALA B 212 38.97 20.02 -6.08
N GLN B 213 39.05 19.60 -4.82
CA GLN B 213 39.57 18.27 -4.51
C GLN B 213 38.76 17.19 -5.22
N VAL B 214 37.45 17.17 -4.99
CA VAL B 214 36.61 16.15 -5.59
C VAL B 214 36.77 16.15 -7.10
N ALA B 215 36.86 17.33 -7.71
CA ALA B 215 37.11 17.38 -9.14
C ALA B 215 38.39 16.67 -9.50
N SER B 216 39.44 16.86 -8.71
CA SER B 216 40.70 16.17 -8.98
C SER B 216 40.54 14.68 -8.82
N LEU B 217 39.79 14.24 -7.81
CA LEU B 217 39.56 12.82 -7.65
C LEU B 217 38.72 12.28 -8.78
N LYS B 218 37.93 13.12 -9.43
CA LYS B 218 37.21 12.68 -10.61
C LYS B 218 38.07 12.75 -11.86
N LYS B 219 38.85 13.82 -12.02
CA LYS B 219 39.73 13.94 -13.17
C LYS B 219 40.64 12.74 -13.27
N ASN B 220 41.61 12.64 -12.36
CA ASN B 220 42.23 11.37 -12.12
C ASN B 220 41.13 10.39 -11.73
N VAL B 221 41.28 9.13 -12.08
CA VAL B 221 40.21 8.19 -11.84
C VAL B 221 40.45 7.58 -10.46
N TRP B 222 39.67 8.02 -9.48
CA TRP B 222 39.79 7.50 -8.14
C TRP B 222 38.72 6.48 -7.82
N LEU B 223 37.77 6.27 -8.73
CA LEU B 223 36.81 5.19 -8.63
C LEU B 223 36.98 4.32 -9.86
N ASP B 224 37.46 3.10 -9.65
CA ASP B 224 37.81 2.26 -10.79
C ASP B 224 37.10 0.94 -10.70
N ARG B 225 37.46 0.02 -11.59
CA ARG B 225 36.93 -1.34 -11.53
C ARG B 225 37.04 -1.92 -10.14
N GLY B 226 38.10 -1.61 -9.42
CA GLY B 226 38.40 -2.25 -8.17
C GLY B 226 37.75 -1.65 -6.95
N THR B 227 37.00 -0.58 -7.07
CA THR B 227 36.39 0.02 -5.89
C THR B 227 35.14 -0.73 -5.50
N ARG B 228 35.15 -1.34 -4.32
CA ARG B 228 33.94 -1.96 -3.82
C ARG B 228 33.03 -1.02 -3.06
N ALA B 229 33.60 -0.14 -2.23
CA ALA B 229 32.75 0.67 -1.37
C ALA B 229 33.40 2.01 -1.13
N THR B 230 32.57 3.03 -0.99
CA THR B 230 33.04 4.34 -0.60
C THR B 230 32.21 4.85 0.56
N PHE B 231 32.88 5.45 1.52
CA PHE B 231 32.24 6.02 2.69
C PHE B 231 32.34 7.53 2.65
N ILE B 232 31.30 8.19 3.11
CA ILE B 232 31.32 9.63 3.33
C ILE B 232 30.85 9.87 4.74
N ASP B 233 31.71 10.41 5.59
CA ASP B 233 31.38 10.58 6.98
C ASP B 233 31.64 12.02 7.39
N PHE B 234 30.71 12.58 8.15
CA PHE B 234 30.86 13.90 8.72
C PHE B 234 29.93 14.00 9.90
N SER B 235 30.18 14.99 10.76
CA SER B 235 29.38 15.17 11.95
C SER B 235 28.84 16.59 11.99
N VAL B 236 27.68 16.73 12.62
CA VAL B 236 26.97 17.99 12.67
C VAL B 236 26.55 18.25 14.10
N TYR B 237 26.72 19.47 14.55
CA TYR B 237 26.36 19.84 15.91
C TYR B 237 25.28 20.91 15.90
N ASN B 238 24.24 20.69 16.67
CA ASN B 238 23.16 21.65 16.83
C ASN B 238 23.21 22.23 18.23
N ALA B 239 23.19 23.55 18.33
CA ALA B 239 23.30 24.20 19.62
C ALA B 239 21.97 24.54 20.25
N ASN B 240 20.87 24.44 19.53
CA ASN B 240 19.61 24.91 20.09
C ASN B 240 19.16 23.90 21.12
N ILE B 241 18.68 22.76 20.67
CA ILE B 241 18.88 21.58 21.46
C ILE B 241 20.36 21.25 21.41
N ASN B 242 20.81 20.46 22.36
CA ASN B 242 22.23 20.10 22.36
C ASN B 242 22.33 18.67 21.87
N LEU B 243 22.71 18.50 20.62
CA LEU B 243 22.94 17.17 20.06
C LEU B 243 23.96 17.27 18.94
N PHE B 244 24.85 16.29 18.91
CA PHE B 244 25.60 16.00 17.71
C PHE B 244 24.80 15.07 16.82
N CYS B 245 25.08 15.13 15.53
CA CYS B 245 24.52 14.17 14.57
C CYS B 245 25.66 13.65 13.73
N VAL B 246 25.88 12.34 13.79
CA VAL B 246 26.95 11.70 13.05
C VAL B 246 26.33 11.04 11.83
N VAL B 247 26.93 11.28 10.67
CA VAL B 247 26.38 10.83 9.41
C VAL B 247 27.35 9.89 8.74
N ARG B 248 26.84 8.79 8.21
CA ARG B 248 27.62 7.89 7.36
C ARG B 248 26.83 7.67 6.08
N LEU B 249 27.39 8.09 4.97
CA LEU B 249 26.84 7.81 3.67
C LEU B 249 27.68 6.71 3.05
N LEU B 250 27.08 5.53 2.91
CA LEU B 250 27.78 4.36 2.42
C LEU B 250 27.29 4.03 1.02
N VAL B 251 28.21 3.77 0.12
CA VAL B 251 27.89 3.39 -1.25
C VAL B 251 28.70 2.16 -1.60
N GLU B 252 28.04 1.08 -1.97
CA GLU B 252 28.69 -0.16 -2.32
C GLU B 252 28.68 -0.36 -3.81
N PHE B 253 29.73 -0.98 -4.32
CA PHE B 253 29.89 -1.27 -5.75
C PHE B 253 30.05 -2.76 -5.91
N PRO B 254 28.97 -3.49 -6.07
CA PRO B 254 29.07 -4.95 -6.17
C PRO B 254 29.95 -5.35 -7.33
N ALA B 255 30.48 -6.58 -7.24
CA ALA B 255 31.29 -7.09 -8.33
C ALA B 255 30.50 -7.21 -9.62
N THR B 256 29.19 -7.15 -9.53
CA THR B 256 28.32 -7.22 -10.68
C THR B 256 28.11 -5.88 -11.35
N GLY B 257 28.75 -4.83 -10.86
CA GLY B 257 28.49 -3.50 -11.35
C GLY B 257 27.24 -2.91 -10.73
N GLY B 258 27.17 -1.60 -10.76
CA GLY B 258 26.06 -0.88 -10.15
C GLY B 258 26.45 -0.24 -8.84
N VAL B 259 25.44 0.23 -8.13
CA VAL B 259 25.62 0.98 -6.90
C VAL B 259 24.51 0.59 -5.93
N ILE B 260 24.86 0.45 -4.65
CA ILE B 260 23.87 0.17 -3.62
C ILE B 260 24.04 1.18 -2.49
N PRO B 261 23.30 2.28 -2.49
CA PRO B 261 23.47 3.27 -1.44
C PRO B 261 22.85 2.85 -0.13
N SER B 262 23.41 3.35 0.96
CA SER B 262 22.83 3.19 2.28
C SER B 262 23.38 4.30 3.16
N TRP B 263 22.67 4.57 4.25
CA TRP B 263 22.97 5.75 5.04
C TRP B 263 22.70 5.48 6.51
N GLN B 264 23.31 6.29 7.36
CA GLN B 264 23.04 6.25 8.78
C GLN B 264 23.10 7.67 9.34
N PHE B 265 22.06 8.07 10.06
CA PHE B 265 22.04 9.35 10.74
C PHE B 265 21.85 9.08 12.23
N GLN B 266 22.88 9.33 13.02
CA GLN B 266 22.83 8.99 14.43
C GLN B 266 22.99 10.22 15.29
N PRO B 267 21.99 10.61 16.08
CA PRO B 267 22.19 11.68 17.06
C PRO B 267 23.01 11.20 18.24
N LEU B 268 23.64 12.14 18.91
CA LEU B 268 24.40 11.86 20.11
C LEU B 268 24.22 12.98 21.11
N LYS B 269 24.31 12.63 22.38
CA LYS B 269 24.41 13.61 23.44
C LYS B 269 25.80 13.45 24.02
N LEU B 270 26.74 14.30 23.63
CA LEU B 270 28.09 14.20 24.18
C LEU B 270 28.26 15.02 25.44
N ILE B 271 27.75 16.24 25.47
CA ILE B 271 27.94 17.12 26.62
C ILE B 271 26.75 16.90 27.54
N ARG B 272 27.00 16.29 28.68
CA ARG B 272 25.89 15.81 29.51
C ARG B 272 25.45 16.80 30.57
N TYR B 273 26.20 17.87 30.81
CA TYR B 273 25.79 18.86 31.81
C TYR B 273 25.64 20.20 31.13
N VAL B 274 24.41 20.64 30.94
CA VAL B 274 24.11 21.99 30.51
C VAL B 274 22.97 22.50 31.37
N THR B 275 21.79 21.91 31.19
CA THR B 275 20.61 22.29 31.95
C THR B 275 20.63 21.64 33.32
N THR B 276 19.94 22.28 34.27
CA THR B 276 19.76 21.67 35.58
C THR B 276 19.11 20.31 35.46
N PHE B 277 18.17 20.17 34.53
CA PHE B 277 17.52 18.88 34.32
C PHE B 277 18.53 17.81 33.92
N ASP B 278 19.60 18.20 33.23
CA ASP B 278 20.66 17.25 32.95
C ASP B 278 21.34 16.81 34.24
N PHE B 279 21.56 17.76 35.16
CA PHE B 279 22.09 17.37 36.47
C PHE B 279 21.09 16.51 37.21
N PHE B 280 19.80 16.80 37.05
CA PHE B 280 18.76 15.99 37.67
C PHE B 280 18.88 14.54 37.23
N LEU B 281 19.08 14.31 35.92
CA LEU B 281 19.21 12.96 35.42
C LEU B 281 20.47 12.30 35.95
N ALA B 282 21.58 13.02 35.94
CA ALA B 282 22.85 12.44 36.38
C ALA B 282 22.76 11.95 37.81
N ALA B 283 21.91 12.57 38.63
CA ALA B 283 21.69 12.05 39.98
C ALA B 283 21.10 10.66 39.93
N CYS B 284 20.09 10.46 39.08
CA CYS B 284 19.43 9.16 39.02
C CYS B 284 20.38 8.07 38.56
N GLU B 285 21.20 8.35 37.54
CA GLU B 285 22.16 7.36 37.06
C GLU B 285 23.05 6.89 38.19
N ILE B 286 23.29 7.73 39.20
CA ILE B 286 23.99 7.27 40.39
C ILE B 286 23.05 6.44 41.26
N ILE B 287 21.83 6.94 41.47
CA ILE B 287 20.84 6.18 42.24
C ILE B 287 20.58 4.84 41.57
N PHE B 288 20.32 4.86 40.26
CA PHE B 288 20.05 3.64 39.54
C PHE B 288 21.18 2.64 39.66
N CYS B 289 22.42 3.11 39.82
CA CYS B 289 23.52 2.19 40.05
C CYS B 289 23.37 1.45 41.37
N PHE B 290 22.77 2.09 42.37
CA PHE B 290 22.61 1.45 43.67
C PHE B 290 21.68 0.25 43.56
N PHE B 291 20.52 0.43 42.93
CA PHE B 291 19.55 -0.65 42.81
C PHE B 291 20.19 -1.92 42.25
N ILE B 292 20.87 -1.80 41.12
CA ILE B 292 21.46 -2.98 40.50
C ILE B 292 22.43 -3.65 41.47
N PHE B 293 23.23 -2.85 42.17
CA PHE B 293 24.07 -3.42 43.21
C PHE B 293 23.22 -4.17 44.23
N TYR B 294 22.05 -3.65 44.55
CA TYR B 294 21.17 -4.30 45.52
C TYR B 294 20.58 -5.58 44.95
N TYR B 295 20.08 -5.53 43.72
CA TYR B 295 19.53 -6.74 43.11
C TYR B 295 20.59 -7.80 42.91
N VAL B 296 21.84 -7.40 42.68
CA VAL B 296 22.91 -8.39 42.66
C VAL B 296 23.02 -9.06 44.02
N VAL B 297 22.89 -8.27 45.09
CA VAL B 297 22.92 -8.84 46.43
C VAL B 297 21.80 -9.86 46.61
N GLU B 298 20.57 -9.46 46.29
CA GLU B 298 19.43 -10.36 46.46
C GLU B 298 19.60 -11.61 45.62
N GLU B 299 20.06 -11.47 44.38
CA GLU B 299 20.16 -12.61 43.47
C GLU B 299 21.19 -13.63 43.90
N ILE B 300 21.99 -13.35 44.91
CA ILE B 300 23.03 -14.29 45.34
C ILE B 300 22.37 -15.46 46.05
N LEU B 301 22.64 -16.66 45.57
CA LEU B 301 22.20 -17.89 46.24
C LEU B 301 22.98 -19.07 45.68
N ARG B 312 11.94 -23.68 39.43
CA ARG B 312 13.23 -23.65 38.75
C ARG B 312 14.00 -22.34 38.88
N SER B 313 13.40 -21.17 38.65
CA SER B 313 12.04 -20.98 38.14
C SER B 313 12.07 -19.94 37.03
N PHE B 314 10.95 -19.79 36.31
CA PHE B 314 10.89 -18.77 35.27
C PHE B 314 11.23 -17.39 35.82
N TRP B 315 10.52 -16.94 36.85
CA TRP B 315 10.74 -15.59 37.34
C TRP B 315 12.17 -15.39 37.81
N ASN B 316 12.83 -16.45 38.24
CA ASN B 316 14.26 -16.37 38.50
C ASN B 316 15.01 -16.09 37.22
N CYS B 317 14.73 -16.85 36.16
CA CYS B 317 15.37 -16.61 34.88
C CYS B 317 15.13 -15.19 34.40
N LEU B 318 14.00 -14.60 34.77
CA LEU B 318 13.76 -13.21 34.42
C LEU B 318 14.74 -12.29 35.12
N ASP B 319 14.84 -12.42 36.45
CA ASP B 319 15.69 -11.51 37.20
C ASP B 319 17.13 -11.57 36.74
N VAL B 320 17.60 -12.78 36.42
CA VAL B 320 18.95 -12.93 35.90
C VAL B 320 19.12 -12.08 34.64
N VAL B 321 18.21 -12.24 33.69
CA VAL B 321 18.32 -11.52 32.43
C VAL B 321 18.39 -10.02 32.66
N ILE B 322 17.52 -9.50 33.50
CA ILE B 322 17.54 -8.07 33.80
C ILE B 322 18.91 -7.68 34.34
N VAL B 323 19.38 -8.38 35.36
CA VAL B 323 20.64 -7.98 36.00
C VAL B 323 21.79 -8.09 35.02
N VAL B 324 21.81 -9.14 34.21
CA VAL B 324 22.86 -9.28 33.21
C VAL B 324 22.89 -8.06 32.31
N LEU B 325 21.77 -7.76 31.66
CA LEU B 325 21.72 -6.63 30.75
C LEU B 325 21.98 -5.34 31.50
N SER B 326 21.42 -5.19 32.69
CA SER B 326 21.60 -3.96 33.44
C SER B 326 23.06 -3.68 33.70
N VAL B 327 23.85 -4.72 33.97
CA VAL B 327 25.29 -4.53 34.12
C VAL B 327 25.90 -4.08 32.81
N VAL B 328 25.68 -4.86 31.75
CA VAL B 328 26.28 -4.56 30.46
C VAL B 328 25.97 -3.14 30.05
N ALA B 329 24.76 -2.67 30.35
CA ALA B 329 24.42 -1.29 30.06
C ALA B 329 25.34 -0.34 30.79
N ILE B 330 25.53 -0.55 32.09
CA ILE B 330 26.39 0.35 32.84
C ILE B 330 27.83 0.24 32.38
N GLY B 331 28.29 -0.99 32.14
CA GLY B 331 29.64 -1.16 31.62
C GLY B 331 29.89 -0.33 30.38
N ILE B 332 28.98 -0.40 29.42
CA ILE B 332 29.05 0.47 28.26
C ILE B 332 29.04 1.94 28.69
N ASN B 333 28.16 2.27 29.64
CA ASN B 333 27.94 3.67 29.94
C ASN B 333 29.16 4.30 30.60
N ILE B 334 30.04 3.49 31.18
CA ILE B 334 31.13 4.09 31.93
C ILE B 334 32.42 4.04 31.12
N TYR B 335 33.06 2.87 31.05
CA TYR B 335 34.41 2.87 30.52
C TYR B 335 34.42 3.02 29.01
N ARG B 336 33.24 3.07 28.40
CA ARG B 336 33.19 3.27 26.96
C ARG B 336 32.66 4.65 26.62
N THR B 337 31.35 4.86 26.74
CA THR B 337 30.73 6.09 26.29
C THR B 337 31.04 7.29 27.16
N SER B 338 31.61 7.09 28.34
CA SER B 338 31.90 8.25 29.19
C SER B 338 33.33 8.72 28.98
N ASN B 339 34.06 8.10 28.04
CA ASN B 339 35.43 8.51 27.78
C ASN B 339 35.48 9.91 27.17
N VAL B 340 34.83 10.09 26.02
CA VAL B 340 34.73 11.38 25.36
C VAL B 340 36.12 11.98 25.23
N GLU B 341 37.09 11.14 24.87
CA GLU B 341 38.44 11.65 24.65
C GLU B 341 38.54 12.32 23.30
N VAL B 342 37.72 11.88 22.33
CA VAL B 342 37.79 12.43 20.99
C VAL B 342 37.37 13.90 20.99
N LEU B 343 36.20 14.19 21.56
CA LEU B 343 35.72 15.56 21.62
C LEU B 343 36.79 16.49 22.17
N LEU B 344 37.44 16.07 23.25
CA LEU B 344 38.48 16.89 23.86
C LEU B 344 39.59 17.18 22.86
N GLN B 345 40.04 16.15 22.15
CA GLN B 345 41.06 16.36 21.14
C GLN B 345 40.56 17.24 20.02
N PHE B 346 39.32 17.02 19.58
CA PHE B 346 38.79 17.78 18.46
C PHE B 346 38.74 19.27 18.78
N LEU B 347 38.22 19.62 19.95
CA LEU B 347 38.06 21.03 20.28
C LEU B 347 39.39 21.76 20.32
N GLU B 348 40.50 21.04 20.43
CA GLU B 348 41.80 21.67 20.35
C GLU B 348 42.05 22.21 18.94
N ASP B 349 41.95 21.36 17.92
CA ASP B 349 42.15 21.75 16.53
C ASP B 349 40.91 21.38 15.74
N GLN B 350 40.21 22.38 15.24
CA GLN B 350 38.90 22.19 14.63
C GLN B 350 38.97 22.06 13.12
N ASN B 351 40.17 22.01 12.54
CA ASN B 351 40.31 21.83 11.11
C ASN B 351 40.43 20.37 10.71
N THR B 352 40.36 19.45 11.65
CA THR B 352 40.59 18.04 11.40
C THR B 352 39.27 17.32 11.18
N PHE B 353 39.33 16.00 11.08
CA PHE B 353 38.13 15.19 10.99
C PHE B 353 37.74 14.69 12.37
N PRO B 354 36.59 15.05 12.86
CA PRO B 354 36.17 14.65 14.21
C PRO B 354 35.65 13.23 14.27
N ASN B 355 36.50 12.23 14.47
CA ASN B 355 36.01 10.87 14.32
C ASN B 355 35.13 10.51 15.50
N PHE B 356 33.84 10.44 15.26
CA PHE B 356 32.86 10.01 16.25
C PHE B 356 32.33 8.62 16.02
N GLU B 357 32.77 7.94 14.96
CA GLU B 357 32.13 6.69 14.55
C GLU B 357 31.95 5.73 15.71
N HIS B 358 32.94 5.66 16.60
CA HIS B 358 32.82 4.77 17.75
C HIS B 358 31.78 5.25 18.73
N LEU B 359 31.86 6.52 19.13
CA LEU B 359 30.91 7.05 20.08
C LEU B 359 29.49 6.85 19.58
N ALA B 360 29.25 7.15 18.31
CA ALA B 360 27.93 6.90 17.75
C ALA B 360 27.59 5.43 17.81
N TYR B 361 28.59 4.57 17.59
CA TYR B 361 28.31 3.14 17.63
C TYR B 361 27.85 2.71 19.00
N TRP B 362 28.59 3.08 20.04
CA TRP B 362 28.28 2.54 21.35
C TRP B 362 26.94 3.03 21.85
N GLN B 363 26.60 4.29 21.61
CA GLN B 363 25.32 4.75 22.10
C GLN B 363 24.18 4.01 21.45
N ILE B 364 24.35 3.57 20.20
CA ILE B 364 23.38 2.65 19.62
C ILE B 364 23.30 1.39 20.45
N GLN B 365 24.44 0.74 20.66
CA GLN B 365 24.46 -0.46 21.49
C GLN B 365 23.89 -0.17 22.87
N PHE B 366 24.16 1.02 23.39
CA PHE B 366 23.61 1.36 24.69
C PHE B 366 22.10 1.50 24.63
N ASN B 367 21.59 2.26 23.67
CA ASN B 367 20.15 2.42 23.57
C ASN B 367 19.46 1.10 23.32
N ASN B 368 20.04 0.26 22.48
CA ASN B 368 19.47 -1.07 22.26
C ASN B 368 19.33 -1.81 23.57
N ILE B 369 20.44 -1.93 24.32
CA ILE B 369 20.42 -2.69 25.55
C ILE B 369 19.50 -2.04 26.56
N ALA B 370 19.59 -0.72 26.71
CA ALA B 370 18.71 -0.03 27.65
C ALA B 370 17.26 -0.33 27.36
N ALA B 371 16.87 -0.30 26.09
CA ALA B 371 15.49 -0.57 25.75
C ALA B 371 15.07 -1.97 26.16
N VAL B 372 15.91 -2.96 25.87
CA VAL B 372 15.53 -4.34 26.14
C VAL B 372 15.38 -4.58 27.63
N THR B 373 16.23 -3.94 28.44
CA THR B 373 16.03 -4.01 29.88
C THR B 373 14.66 -3.49 30.27
N VAL B 374 14.36 -2.27 29.86
CA VAL B 374 13.07 -1.66 30.16
C VAL B 374 11.94 -2.60 29.81
N PHE B 375 12.03 -3.22 28.64
CA PHE B 375 10.99 -4.14 28.22
C PHE B 375 10.81 -5.26 29.23
N PHE B 376 11.90 -5.95 29.57
CA PHE B 376 11.78 -7.03 30.55
C PHE B 376 11.39 -6.53 31.92
N VAL B 377 11.79 -5.31 32.27
CA VAL B 377 11.41 -4.80 33.58
C VAL B 377 9.90 -4.70 33.70
N TRP B 378 9.24 -4.22 32.64
CA TRP B 378 7.78 -4.21 32.66
C TRP B 378 7.21 -5.60 32.87
N ILE B 379 7.75 -6.58 32.14
CA ILE B 379 7.19 -7.92 32.25
C ILE B 379 7.32 -8.46 33.66
N LYS B 380 8.37 -8.05 34.37
CA LYS B 380 8.51 -8.50 35.75
C LYS B 380 7.32 -8.07 36.60
N LEU B 381 6.53 -7.12 36.12
CA LEU B 381 5.39 -6.65 36.90
C LEU B 381 4.33 -7.74 37.05
N PHE B 382 4.24 -8.67 36.10
CA PHE B 382 3.23 -9.72 36.19
C PHE B 382 3.40 -10.56 37.44
N LYS B 383 4.61 -10.62 37.97
CA LYS B 383 4.84 -11.37 39.19
C LYS B 383 3.96 -10.85 40.32
N PHE B 384 3.56 -9.59 40.25
CA PHE B 384 2.79 -8.95 41.30
C PHE B 384 1.30 -8.85 41.01
N ILE B 385 0.83 -9.32 39.84
CA ILE B 385 -0.58 -9.18 39.50
C ILE B 385 -1.43 -10.31 40.05
N ASN B 386 -0.84 -11.23 40.79
CA ASN B 386 -1.57 -12.42 41.20
C ASN B 386 -2.53 -12.16 42.36
N PHE B 387 -2.63 -10.90 42.81
CA PHE B 387 -3.54 -10.56 43.90
C PHE B 387 -4.95 -11.08 43.64
N ASN B 388 -5.48 -10.83 42.44
CA ASN B 388 -6.87 -11.14 42.17
C ASN B 388 -7.04 -12.62 41.82
N ARG B 389 -8.25 -13.11 42.06
CA ARG B 389 -8.60 -14.46 41.60
C ARG B 389 -8.41 -14.57 40.10
N THR B 390 -9.12 -13.72 39.35
CA THR B 390 -9.13 -13.84 37.89
C THR B 390 -7.73 -13.77 37.33
N MET B 391 -6.86 -12.96 37.92
CA MET B 391 -5.48 -12.90 37.45
C MET B 391 -4.77 -14.22 37.70
N SER B 392 -4.83 -14.71 38.94
CA SER B 392 -4.30 -16.04 39.23
C SER B 392 -4.98 -17.08 38.36
N GLN B 393 -6.26 -16.90 38.09
CA GLN B 393 -6.96 -17.79 37.16
C GLN B 393 -6.27 -17.80 35.81
N LEU B 394 -5.80 -16.65 35.33
CA LEU B 394 -5.17 -16.58 34.03
C LEU B 394 -3.73 -17.09 34.09
N SER B 395 -2.97 -16.63 35.08
CA SER B 395 -1.56 -16.97 35.16
C SER B 395 -1.36 -18.48 35.15
N THR B 396 -2.19 -19.20 35.90
CA THR B 396 -2.03 -20.64 35.94
C THR B 396 -2.33 -21.28 34.59
N THR B 397 -3.15 -20.63 33.77
CA THR B 397 -3.43 -21.18 32.44
C THR B 397 -2.22 -21.03 31.53
N MET B 398 -1.73 -19.79 31.38
CA MET B 398 -0.62 -19.57 30.47
C MET B 398 0.62 -20.34 30.92
N SER B 399 0.79 -20.51 32.23
CA SER B 399 1.85 -21.39 32.70
C SER B 399 1.67 -22.80 32.16
N ARG B 400 0.43 -23.26 32.12
CA ARG B 400 0.17 -24.58 31.57
C ARG B 400 0.15 -24.58 30.05
N CYS B 401 -0.13 -23.44 29.43
CA CYS B 401 -0.13 -23.36 27.98
C CYS B 401 1.24 -23.68 27.40
N ALA B 402 2.30 -23.42 28.16
CA ALA B 402 3.64 -23.35 27.60
C ALA B 402 4.06 -24.67 26.97
N LYS B 403 4.03 -25.75 27.76
CA LYS B 403 4.61 -27.00 27.29
C LYS B 403 3.96 -27.48 26.01
N ASP B 404 2.66 -27.25 25.86
CA ASP B 404 1.99 -27.68 24.65
C ASP B 404 2.34 -26.79 23.47
N LEU B 405 2.27 -25.47 23.66
CA LEU B 405 2.55 -24.56 22.57
C LEU B 405 3.97 -24.75 22.05
N PHE B 406 4.95 -24.68 22.94
CA PHE B 406 6.33 -24.82 22.50
C PHE B 406 6.51 -26.09 21.70
N GLY B 407 5.90 -27.19 22.13
CA GLY B 407 5.97 -28.41 21.34
C GLY B 407 5.47 -28.21 19.93
N PHE B 408 4.40 -27.43 19.78
CA PHE B 408 3.85 -27.22 18.45
C PHE B 408 4.62 -26.17 17.67
N ALA B 409 5.16 -25.15 18.34
CA ALA B 409 5.93 -24.14 17.62
C ALA B 409 7.05 -24.77 16.83
N ILE B 410 7.74 -25.74 17.43
CA ILE B 410 8.74 -26.51 16.69
C ILE B 410 8.14 -27.11 15.44
N MET B 411 7.05 -27.86 15.61
CA MET B 411 6.35 -28.39 14.46
C MET B 411 6.00 -27.30 13.48
N PHE B 412 5.69 -26.10 13.96
CA PHE B 412 5.27 -25.03 13.08
C PHE B 412 6.44 -24.49 12.27
N PHE B 413 7.51 -24.08 12.95
CA PHE B 413 8.57 -23.38 12.24
C PHE B 413 9.30 -24.28 11.28
N ILE B 414 9.36 -25.58 11.55
CA ILE B 414 9.90 -26.50 10.56
C ILE B 414 9.16 -26.34 9.25
N ILE B 415 7.84 -26.31 9.30
CA ILE B 415 7.07 -26.03 8.10
C ILE B 415 7.31 -24.62 7.62
N PHE B 416 7.31 -23.67 8.55
CA PHE B 416 7.50 -22.28 8.17
C PHE B 416 8.83 -22.09 7.46
N LEU B 417 9.89 -22.62 8.06
CA LEU B 417 11.21 -22.47 7.44
C LEU B 417 11.32 -23.25 6.16
N ALA B 418 10.54 -24.32 6.00
CA ALA B 418 10.56 -25.03 4.73
C ALA B 418 10.15 -24.11 3.59
N TYR B 419 9.01 -23.44 3.74
CA TYR B 419 8.62 -22.46 2.75
C TYR B 419 9.70 -21.40 2.55
N ALA B 420 10.24 -20.88 3.66
CA ALA B 420 11.26 -19.84 3.54
C ALA B 420 12.39 -20.32 2.64
N GLN B 421 12.86 -21.54 2.87
CA GLN B 421 13.93 -22.04 2.02
C GLN B 421 13.45 -22.29 0.61
N LEU B 422 12.20 -22.74 0.45
CA LEU B 422 11.65 -22.88 -0.88
C LEU B 422 11.59 -21.54 -1.58
N ALA B 423 10.95 -20.56 -0.95
CA ALA B 423 10.82 -19.25 -1.58
C ALA B 423 12.16 -18.66 -1.92
N TYR B 424 13.17 -18.91 -1.10
CA TYR B 424 14.47 -18.34 -1.36
C TYR B 424 15.13 -18.96 -2.58
N LEU B 425 14.82 -20.22 -2.88
CA LEU B 425 15.43 -20.81 -4.06
C LEU B 425 14.69 -20.41 -5.33
N VAL B 426 13.37 -20.42 -5.29
CA VAL B 426 12.59 -20.04 -6.46
C VAL B 426 12.77 -18.56 -6.76
N PHE B 427 12.48 -17.73 -5.78
CA PHE B 427 12.68 -16.30 -5.88
C PHE B 427 14.08 -16.00 -5.37
N GLY B 428 14.38 -14.76 -5.09
CA GLY B 428 15.64 -14.42 -4.49
C GLY B 428 16.74 -14.13 -5.47
N THR B 429 16.61 -14.61 -6.70
CA THR B 429 17.36 -14.02 -7.79
C THR B 429 16.53 -12.97 -8.50
N GLN B 430 15.30 -12.76 -8.05
CA GLN B 430 14.37 -11.90 -8.76
C GLN B 430 13.80 -10.85 -7.82
N VAL B 431 13.08 -11.30 -6.82
CA VAL B 431 12.29 -10.41 -5.98
C VAL B 431 13.16 -9.88 -4.85
N ASP B 432 13.08 -8.56 -4.63
CA ASP B 432 13.83 -7.94 -3.55
C ASP B 432 13.48 -8.57 -2.21
N ASP B 433 12.18 -8.74 -1.95
CA ASP B 433 11.75 -9.20 -0.63
C ASP B 433 12.34 -10.56 -0.29
N PHE B 434 12.61 -11.38 -1.29
CA PHE B 434 13.20 -12.69 -1.07
C PHE B 434 14.70 -12.72 -1.27
N SER B 435 15.33 -11.56 -1.48
CA SER B 435 16.72 -11.52 -1.90
C SER B 435 17.62 -12.39 -1.04
N THR B 436 17.44 -12.36 0.27
CA THR B 436 18.27 -13.14 1.17
C THR B 436 17.40 -14.05 2.02
N PHE B 437 18.02 -15.11 2.55
CA PHE B 437 17.24 -16.05 3.33
C PHE B 437 16.69 -15.41 4.60
N GLN B 438 17.43 -14.48 5.20
CA GLN B 438 16.90 -13.76 6.34
C GLN B 438 15.58 -13.10 5.97
N GLU B 439 15.54 -12.44 4.84
CA GLU B 439 14.40 -11.62 4.50
C GLU B 439 13.25 -12.43 3.94
N CYS B 440 13.52 -13.65 3.46
CA CYS B 440 12.42 -14.53 3.13
C CYS B 440 11.58 -14.83 4.36
N ILE B 441 12.23 -15.04 5.49
CA ILE B 441 11.51 -15.25 6.74
C ILE B 441 10.63 -14.05 7.05
N PHE B 442 11.21 -12.87 7.00
CA PHE B 442 10.45 -11.67 7.34
C PHE B 442 9.31 -11.48 6.37
N THR B 443 9.56 -11.74 5.08
CA THR B 443 8.49 -11.58 4.10
C THR B 443 7.31 -12.49 4.42
N GLN B 444 7.58 -13.69 4.89
CA GLN B 444 6.48 -14.60 5.17
C GLN B 444 5.65 -14.13 6.35
N PHE B 445 6.27 -13.45 7.32
CA PHE B 445 5.44 -12.81 8.33
C PHE B 445 4.58 -11.71 7.72
N ARG B 446 5.16 -10.89 6.85
CA ARG B 446 4.37 -9.84 6.24
C ARG B 446 3.22 -10.42 5.44
N ILE B 447 3.41 -11.59 4.83
CA ILE B 447 2.32 -12.21 4.07
C ILE B 447 1.20 -12.62 5.00
N ILE B 448 1.54 -13.24 6.13
CA ILE B 448 0.51 -13.65 7.08
C ILE B 448 -0.31 -12.46 7.52
N LEU B 449 0.34 -11.33 7.73
CA LEU B 449 -0.38 -10.15 8.15
C LEU B 449 -1.12 -9.47 7.02
N GLY B 450 -0.77 -9.78 5.78
CA GLY B 450 -1.42 -9.17 4.64
C GLY B 450 -0.58 -8.14 3.91
N ASP B 451 0.63 -7.85 4.36
CA ASP B 451 1.51 -6.99 3.59
C ASP B 451 2.15 -7.82 2.49
N ILE B 452 1.86 -7.46 1.25
CA ILE B 452 2.24 -8.30 0.12
C ILE B 452 2.52 -7.39 -1.07
N ASN B 453 3.50 -7.75 -1.86
CA ASN B 453 3.51 -7.36 -3.26
C ASN B 453 3.39 -8.67 -4.03
N PHE B 454 2.19 -8.93 -4.55
CA PHE B 454 1.99 -10.17 -5.28
C PHE B 454 2.43 -10.05 -6.72
N ALA B 455 2.29 -8.86 -7.29
CA ALA B 455 2.61 -8.66 -8.70
C ALA B 455 4.02 -9.15 -9.01
N GLU B 456 4.99 -8.65 -8.25
CA GLU B 456 6.38 -9.01 -8.54
C GLU B 456 6.66 -10.47 -8.24
N ILE B 457 5.87 -11.11 -7.38
CA ILE B 457 6.02 -12.55 -7.21
C ILE B 457 5.59 -13.28 -8.46
N GLU B 458 4.45 -12.89 -9.03
CA GLU B 458 3.96 -13.56 -10.22
C GLU B 458 4.84 -13.29 -11.41
N GLU B 459 5.42 -12.09 -11.49
CA GLU B 459 6.33 -11.79 -12.59
C GLU B 459 7.57 -12.65 -12.51
N ALA B 460 8.06 -12.91 -11.30
CA ALA B 460 9.27 -13.69 -11.14
C ALA B 460 9.08 -15.10 -11.68
N ASN B 461 8.10 -15.82 -11.17
CA ASN B 461 7.78 -17.15 -11.66
C ASN B 461 6.28 -17.25 -11.80
N ARG B 462 5.80 -17.48 -13.01
CA ARG B 462 4.37 -17.47 -13.25
C ARG B 462 3.69 -18.76 -12.88
N VAL B 463 4.42 -19.77 -12.42
CA VAL B 463 3.85 -21.03 -12.01
C VAL B 463 4.00 -21.24 -10.51
N LEU B 464 5.23 -21.35 -10.02
CA LEU B 464 5.42 -21.54 -8.60
C LEU B 464 5.01 -20.31 -7.80
N GLY B 465 5.14 -19.12 -8.38
CA GLY B 465 4.75 -17.92 -7.70
C GLY B 465 3.34 -18.03 -7.16
N PRO B 466 2.39 -18.36 -8.03
CA PRO B 466 1.03 -18.61 -7.55
C PRO B 466 0.92 -19.82 -6.65
N ILE B 467 1.61 -20.91 -6.97
CA ILE B 467 1.48 -22.10 -6.15
C ILE B 467 2.04 -21.86 -4.76
N TYR B 468 3.24 -21.31 -4.68
CA TYR B 468 3.81 -20.95 -3.39
C TYR B 468 2.84 -20.09 -2.60
N PHE B 469 2.41 -18.98 -3.18
CA PHE B 469 1.56 -18.07 -2.46
C PHE B 469 0.26 -18.73 -2.03
N THR B 470 -0.38 -19.46 -2.93
CA THR B 470 -1.64 -20.11 -2.58
C THR B 470 -1.45 -21.11 -1.46
N THR B 471 -0.58 -22.09 -1.65
CA THR B 471 -0.41 -23.14 -0.65
C THR B 471 0.04 -22.56 0.67
N PHE B 472 0.99 -21.62 0.65
CA PHE B 472 1.43 -21.01 1.88
C PHE B 472 0.27 -20.35 2.61
N VAL B 473 -0.44 -19.45 1.92
CA VAL B 473 -1.59 -18.81 2.55
C VAL B 473 -2.60 -19.84 3.00
N PHE B 474 -2.73 -20.94 2.27
CA PHE B 474 -3.74 -21.89 2.68
C PHE B 474 -3.31 -22.63 3.93
N PHE B 475 -2.26 -23.44 3.83
CA PHE B 475 -1.88 -24.27 4.96
C PHE B 475 -1.50 -23.44 6.18
N MET B 476 -0.71 -22.40 5.99
CA MET B 476 -0.23 -21.65 7.13
C MET B 476 -1.34 -20.84 7.77
N PHE B 477 -2.03 -20.02 6.97
CA PHE B 477 -2.97 -19.07 7.54
C PHE B 477 -4.29 -19.73 7.92
N PHE B 478 -4.81 -20.63 7.10
CA PHE B 478 -6.04 -21.31 7.43
C PHE B 478 -5.81 -22.37 8.49
N ILE B 479 -5.07 -23.42 8.13
CA ILE B 479 -4.99 -24.60 9.00
C ILE B 479 -4.06 -24.34 10.18
N LEU B 480 -2.83 -23.91 9.92
CA LEU B 480 -1.83 -24.04 10.96
C LEU B 480 -1.98 -22.97 12.04
N LEU B 481 -2.22 -21.71 11.68
CA LEU B 481 -2.45 -20.72 12.72
C LEU B 481 -3.54 -21.18 13.66
N ASN B 482 -4.60 -21.73 13.10
CA ASN B 482 -5.70 -22.21 13.91
C ASN B 482 -5.29 -23.35 14.83
N MET B 483 -4.12 -23.95 14.61
CA MET B 483 -3.74 -25.04 15.48
C MET B 483 -3.21 -24.53 16.81
N PHE B 484 -2.55 -23.37 16.82
CA PHE B 484 -2.28 -22.71 18.09
C PHE B 484 -3.56 -22.49 18.86
N LEU B 485 -4.48 -21.78 18.24
CA LEU B 485 -5.70 -21.41 18.93
C LEU B 485 -6.48 -22.63 19.37
N ALA B 486 -6.30 -23.76 18.69
CA ALA B 486 -6.89 -25.00 19.20
C ALA B 486 -6.26 -25.39 20.52
N ILE B 487 -4.94 -25.27 20.62
CA ILE B 487 -4.28 -25.64 21.85
C ILE B 487 -4.71 -24.76 23.00
N ILE B 488 -4.82 -23.46 22.75
CA ILE B 488 -5.11 -22.53 23.83
C ILE B 488 -6.51 -22.79 24.40
N ASN B 489 -7.50 -22.96 23.53
CA ASN B 489 -8.84 -23.25 24.00
C ASN B 489 -8.87 -24.45 24.91
N ASP B 490 -8.30 -25.56 24.46
CA ASP B 490 -8.33 -26.77 25.27
C ASP B 490 -7.70 -26.50 26.63
N THR B 491 -6.46 -26.04 26.64
CA THR B 491 -5.77 -25.89 27.91
C THR B 491 -6.44 -24.86 28.78
N TYR B 492 -7.08 -23.86 28.20
CA TYR B 492 -7.77 -22.87 29.01
C TYR B 492 -9.04 -23.46 29.62
N SER B 493 -9.91 -24.01 28.78
CA SER B 493 -11.16 -24.55 29.30
C SER B 493 -10.91 -25.68 30.27
N GLU B 494 -9.81 -26.41 30.09
CA GLU B 494 -9.47 -27.43 31.06
C GLU B 494 -9.16 -26.83 32.42
N VAL B 495 -8.39 -25.75 32.44
CA VAL B 495 -8.03 -25.15 33.72
C VAL B 495 -9.25 -24.53 34.37
N LYS B 496 -10.18 -23.99 33.58
CA LYS B 496 -11.41 -23.51 34.18
C LYS B 496 -12.26 -24.67 34.69
N SER B 497 -12.09 -25.85 34.10
CA SER B 497 -12.87 -27.00 34.56
C SER B 497 -12.49 -27.38 35.98
N ASP B 498 -11.21 -27.64 36.21
CA ASP B 498 -10.82 -28.22 37.49
C ASP B 498 -10.78 -27.18 38.61
N LEU B 499 -10.36 -25.95 38.31
CA LEU B 499 -10.39 -24.91 39.33
C LEU B 499 -11.82 -24.67 39.80
N ALA B 500 -12.80 -24.80 38.91
CA ALA B 500 -14.19 -24.74 39.33
C ALA B 500 -14.52 -25.86 40.29
N GLN B 501 -13.89 -27.02 40.13
CA GLN B 501 -14.09 -28.13 41.06
C GLN B 501 -13.57 -27.83 42.46
N GLN B 502 -12.88 -26.71 42.65
CA GLN B 502 -12.32 -26.40 43.94
C GLN B 502 -12.97 -25.16 44.53
N TYR C 24 14.83 -51.90 18.13
CA TYR C 24 13.92 -51.30 17.18
C TYR C 24 14.14 -49.79 17.09
N LEU C 25 14.27 -49.15 18.26
CA LEU C 25 14.56 -47.71 18.27
C LEU C 25 15.91 -47.42 17.64
N LYS C 26 16.84 -48.38 17.70
CA LYS C 26 18.13 -48.20 17.04
C LYS C 26 17.95 -48.20 15.52
N SER C 27 17.18 -49.13 14.99
CA SER C 27 16.94 -49.16 13.55
C SER C 27 16.28 -47.88 13.07
N VAL C 28 15.30 -47.39 13.81
CA VAL C 28 14.70 -46.10 13.48
C VAL C 28 15.76 -45.01 13.51
N LEU C 29 16.62 -45.02 14.52
CA LEU C 29 17.72 -44.07 14.55
C LEU C 29 18.77 -44.42 13.50
N ARG C 30 18.86 -45.69 13.10
CA ARG C 30 19.78 -46.06 12.04
C ARG C 30 19.39 -45.38 10.72
N GLU C 31 18.13 -45.49 10.33
CA GLU C 31 17.67 -44.77 9.15
C GLU C 31 17.67 -43.27 9.36
N LEU C 32 17.64 -42.81 10.61
CA LEU C 32 17.60 -41.38 10.87
C LEU C 32 18.91 -40.71 10.46
N VAL C 33 20.03 -41.21 10.96
CA VAL C 33 21.31 -40.59 10.63
C VAL C 33 21.57 -40.65 9.13
N THR C 34 21.13 -41.72 8.48
CA THR C 34 21.15 -41.76 7.02
C THR C 34 20.43 -40.55 6.45
N TYR C 35 19.23 -40.28 6.96
CA TYR C 35 18.44 -39.16 6.48
C TYR C 35 19.15 -37.84 6.72
N LEU C 36 19.77 -37.68 7.90
CA LEU C 36 20.39 -36.41 8.24
C LEU C 36 21.48 -36.04 7.24
N LEU C 37 22.38 -36.98 6.96
CA LEU C 37 23.41 -36.71 5.97
C LEU C 37 22.79 -36.30 4.66
N PHE C 38 21.74 -36.99 4.25
CA PHE C 38 21.05 -36.64 3.01
C PHE C 38 20.57 -35.20 3.03
N LEU C 39 20.17 -34.69 4.19
CA LEU C 39 19.85 -33.27 4.30
C LEU C 39 21.06 -32.41 4.01
N ILE C 40 22.11 -32.57 4.81
CA ILE C 40 23.21 -31.62 4.75
C ILE C 40 23.93 -31.71 3.41
N VAL C 41 23.96 -32.90 2.80
CA VAL C 41 24.37 -33.01 1.41
C VAL C 41 23.51 -32.11 0.55
N LEU C 42 22.20 -32.31 0.62
CA LEU C 42 21.29 -31.50 -0.16
C LEU C 42 21.33 -30.05 0.27
N CYS C 43 21.52 -29.80 1.57
CA CYS C 43 21.63 -28.43 2.04
C CYS C 43 22.81 -27.71 1.41
N ILE C 44 23.90 -28.42 1.14
CA ILE C 44 25.06 -27.78 0.55
C ILE C 44 24.80 -27.45 -0.91
N LEU C 45 24.30 -28.42 -1.67
CA LEU C 45 24.10 -28.21 -3.10
C LEU C 45 23.29 -26.97 -3.38
N THR C 46 22.17 -26.82 -2.69
CA THR C 46 21.33 -25.64 -2.89
C THR C 46 22.11 -24.37 -2.57
N TYR C 47 22.63 -24.27 -1.35
CA TYR C 47 23.48 -23.15 -1.02
C TYR C 47 24.63 -23.02 -1.99
N GLY C 48 25.18 -24.14 -2.44
CA GLY C 48 26.27 -24.09 -3.40
C GLY C 48 25.79 -23.64 -4.77
N MET C 49 24.76 -24.30 -5.30
CA MET C 49 24.30 -24.01 -6.65
C MET C 49 23.74 -22.61 -6.79
N MET C 50 23.49 -21.91 -5.69
CA MET C 50 22.98 -20.55 -5.73
C MET C 50 23.98 -19.62 -5.07
N SER C 51 24.58 -18.73 -5.86
CA SER C 51 25.44 -17.71 -5.30
C SER C 51 24.60 -16.71 -4.49
N SER C 52 25.29 -15.96 -3.63
CA SER C 52 24.60 -15.17 -2.63
C SER C 52 23.91 -13.95 -3.24
N ASN C 53 24.69 -13.03 -3.78
CA ASN C 53 24.22 -11.69 -4.11
C ASN C 53 23.64 -11.59 -5.50
N VAL C 54 23.44 -12.73 -6.18
CA VAL C 54 22.97 -12.72 -7.56
C VAL C 54 21.80 -11.78 -7.75
N TYR C 55 20.95 -11.63 -6.74
CA TYR C 55 19.82 -10.71 -6.85
C TYR C 55 20.26 -9.35 -7.37
N TYR C 56 21.34 -8.81 -6.85
CA TYR C 56 21.75 -7.50 -7.32
C TYR C 56 22.26 -7.54 -8.74
N TYR C 57 22.67 -8.72 -9.21
CA TYR C 57 23.14 -8.79 -10.59
C TYR C 57 22.00 -8.62 -11.57
N THR C 58 20.86 -9.26 -11.30
CA THR C 58 19.70 -9.02 -12.14
C THR C 58 19.14 -7.63 -11.91
N ARG C 59 19.06 -7.22 -10.66
CA ARG C 59 18.48 -5.92 -10.34
C ARG C 59 19.16 -4.80 -11.10
N MET C 60 20.47 -4.87 -11.24
CA MET C 60 21.14 -3.82 -11.99
C MET C 60 20.83 -3.91 -13.46
N MET C 61 20.76 -5.12 -14.00
CA MET C 61 20.37 -5.28 -15.39
C MET C 61 18.98 -4.73 -15.62
N SER C 62 18.03 -5.13 -14.78
CA SER C 62 16.65 -4.71 -14.98
C SER C 62 16.51 -3.20 -14.92
N GLN C 63 17.04 -2.59 -13.86
CA GLN C 63 16.93 -1.14 -13.75
C GLN C 63 17.59 -0.44 -14.92
N LEU C 64 18.63 -1.04 -15.50
CA LEU C 64 19.29 -0.40 -16.62
C LEU C 64 18.38 -0.36 -17.84
N PHE C 65 17.66 -1.45 -18.10
CA PHE C 65 16.80 -1.55 -19.27
C PHE C 65 15.36 -1.17 -18.95
N LEU C 66 14.73 -1.92 -18.07
CA LEU C 66 13.32 -1.69 -17.78
C LEU C 66 13.07 -0.27 -17.28
N ASP C 67 13.86 0.17 -16.31
CA ASP C 67 13.51 1.32 -15.50
C ASP C 67 14.03 2.65 -16.03
N THR C 68 14.58 2.67 -17.22
CA THR C 68 15.08 4.00 -17.52
C THR C 68 14.21 4.67 -18.56
N PRO C 69 14.14 6.00 -18.55
CA PRO C 69 13.27 6.69 -19.50
C PRO C 69 13.65 6.34 -20.94
N VAL C 70 12.62 6.05 -21.73
CA VAL C 70 12.84 5.65 -23.11
C VAL C 70 13.70 6.67 -23.84
N SER C 71 13.51 7.94 -23.55
CA SER C 71 14.35 8.99 -24.09
C SER C 71 14.49 10.08 -23.05
N LYS C 72 15.52 10.92 -23.22
CA LYS C 72 15.79 11.96 -22.25
C LYS C 72 14.60 12.89 -22.08
N THR C 73 13.82 13.11 -23.13
CA THR C 73 12.65 13.96 -23.05
C THR C 73 11.39 13.19 -22.69
N GLU C 74 11.45 11.86 -22.64
CA GLU C 74 10.27 11.03 -22.42
C GLU C 74 10.27 10.48 -21.01
N LYS C 75 9.08 10.33 -20.44
CA LYS C 75 8.94 9.84 -19.08
C LYS C 75 8.62 8.34 -19.00
N THR C 76 8.47 7.66 -20.12
CA THR C 76 8.06 6.27 -20.09
C THR C 76 9.24 5.34 -19.89
N ASN C 77 9.00 4.25 -19.18
CA ASN C 77 9.95 3.16 -19.03
C ASN C 77 9.78 2.19 -20.18
N PHE C 78 10.48 1.07 -20.11
CA PHE C 78 10.06 -0.07 -20.92
C PHE C 78 8.81 -0.70 -20.36
N LYS C 79 8.64 -0.65 -19.04
CA LYS C 79 7.45 -1.20 -18.42
C LYS C 79 6.20 -0.44 -18.82
N THR C 80 6.36 0.78 -19.30
CA THR C 80 5.25 1.69 -19.52
C THR C 80 4.79 1.74 -20.98
N LEU C 81 5.45 1.00 -21.88
CA LEU C 81 5.22 1.20 -23.31
C LEU C 81 3.75 1.07 -23.65
N SER C 82 3.19 2.11 -24.23
CA SER C 82 1.78 2.09 -24.65
C SER C 82 1.57 1.92 -26.14
N SER C 83 2.60 1.99 -26.98
CA SER C 83 2.33 2.07 -28.40
C SER C 83 3.56 1.67 -29.20
N MET C 84 3.35 1.35 -30.47
CA MET C 84 4.46 1.07 -31.37
C MET C 84 5.45 2.23 -31.39
N GLU C 85 4.93 3.46 -31.47
CA GLU C 85 5.80 4.62 -31.47
C GLU C 85 6.71 4.61 -30.26
N ASP C 86 6.15 4.29 -29.10
CA ASP C 86 6.97 4.17 -27.90
C ASP C 86 8.01 3.08 -28.07
N PHE C 87 7.65 1.99 -28.73
CA PHE C 87 8.57 0.87 -28.87
C PHE C 87 9.79 1.28 -29.68
N TRP C 88 9.58 1.88 -30.85
CA TRP C 88 10.72 2.31 -31.64
C TRP C 88 11.58 3.30 -30.87
N LYS C 89 10.95 4.17 -30.09
CA LYS C 89 11.74 5.06 -29.25
C LYS C 89 12.56 4.27 -28.25
N PHE C 90 12.10 3.10 -27.85
CA PHE C 90 12.87 2.30 -26.91
C PHE C 90 14.06 1.65 -27.58
N THR C 91 13.85 1.03 -28.74
CA THR C 91 14.94 0.36 -29.42
C THR C 91 16.04 1.35 -29.78
N GLU C 92 15.71 2.38 -30.53
CA GLU C 92 16.69 3.42 -30.82
C GLU C 92 17.08 4.21 -29.59
N GLY C 93 16.37 4.01 -28.50
CA GLY C 93 16.52 4.69 -27.24
C GLY C 93 17.32 3.88 -26.24
N SER C 94 16.84 3.90 -24.99
CA SER C 94 17.57 3.33 -23.87
C SER C 94 18.16 1.96 -24.15
N LEU C 95 17.51 1.16 -25.00
CA LEU C 95 18.06 -0.15 -25.30
C LEU C 95 19.48 -0.05 -25.85
N LEU C 96 19.65 0.66 -26.96
CA LEU C 96 20.99 0.81 -27.52
C LEU C 96 21.93 1.43 -26.51
N ASP C 97 21.51 2.51 -25.88
CA ASP C 97 22.35 3.14 -24.87
C ASP C 97 22.54 2.26 -23.66
N GLY C 98 21.70 1.25 -23.49
CA GLY C 98 21.93 0.30 -22.44
C GLY C 98 22.88 -0.81 -22.83
N LEU C 99 22.89 -1.19 -24.10
CA LEU C 99 23.72 -2.30 -24.53
C LEU C 99 25.17 -1.89 -24.79
N TYR C 100 25.43 -0.63 -25.05
CA TYR C 100 26.73 -0.23 -25.56
C TYR C 100 27.39 0.77 -24.63
N TRP C 101 28.69 0.62 -24.44
CA TRP C 101 29.45 1.35 -23.45
C TRP C 101 30.85 1.57 -24.01
N LYS C 102 31.42 2.74 -23.77
CA LYS C 102 32.78 3.00 -24.19
C LYS C 102 33.57 3.70 -23.09
N MET C 103 34.65 3.11 -22.55
CA MET C 103 35.25 1.81 -22.89
C MET C 103 35.64 1.67 -24.36
N GLU C 110 37.25 -1.92 -24.48
CA GLU C 110 38.59 -1.45 -24.84
C GLU C 110 39.05 -2.10 -26.15
N ALA C 111 38.23 -2.99 -26.67
CA ALA C 111 38.55 -3.70 -27.92
C ALA C 111 38.75 -2.82 -29.17
N ASP C 112 37.91 -1.82 -29.45
CA ASP C 112 36.76 -1.40 -28.65
C ASP C 112 35.48 -2.05 -29.13
N ASN C 113 35.60 -2.95 -30.10
CA ASN C 113 34.44 -3.65 -30.62
C ASN C 113 33.66 -4.38 -29.53
N ARG C 114 34.26 -4.59 -28.37
CA ARG C 114 33.62 -5.25 -27.24
C ARG C 114 33.14 -4.20 -26.26
N SER C 115 31.95 -4.41 -25.69
CA SER C 115 31.32 -3.44 -24.81
C SER C 115 30.99 -4.09 -23.48
N PHE C 116 31.47 -3.49 -22.41
CA PHE C 116 31.28 -4.01 -21.07
C PHE C 116 30.17 -3.21 -20.41
N ILE C 117 29.01 -3.84 -20.19
CA ILE C 117 27.93 -3.16 -19.49
C ILE C 117 28.35 -2.92 -18.06
N PHE C 118 28.20 -1.68 -17.60
CA PHE C 118 28.66 -1.28 -16.27
C PHE C 118 30.16 -1.38 -16.15
N TYR C 119 30.81 -1.80 -17.23
CA TYR C 119 32.22 -2.09 -17.38
C TYR C 119 32.56 -3.47 -16.84
N GLU C 120 31.65 -4.11 -16.11
CA GLU C 120 31.89 -5.44 -15.60
C GLU C 120 31.32 -6.57 -16.46
N ASN C 121 30.50 -6.26 -17.46
CA ASN C 121 29.66 -7.28 -18.07
C ASN C 121 29.82 -7.26 -19.58
N LEU C 122 30.37 -8.33 -20.14
CA LEU C 122 30.37 -8.48 -21.59
C LEU C 122 28.95 -8.55 -22.13
N LEU C 123 28.71 -7.78 -23.18
CA LEU C 123 27.63 -8.11 -24.08
C LEU C 123 28.14 -9.23 -24.95
N LEU C 124 27.50 -10.37 -24.87
CA LEU C 124 28.07 -11.60 -25.35
C LEU C 124 27.54 -11.86 -26.74
N GLY C 125 28.41 -11.81 -27.73
CA GLY C 125 27.95 -12.00 -29.09
C GLY C 125 27.13 -10.82 -29.56
N VAL C 126 25.94 -11.11 -30.06
CA VAL C 126 25.12 -10.11 -30.75
C VAL C 126 23.67 -10.23 -30.35
N PRO C 127 22.94 -9.14 -30.18
CA PRO C 127 21.50 -9.22 -29.91
C PRO C 127 20.73 -9.70 -31.12
N ARG C 128 19.50 -10.11 -30.88
CA ARG C 128 18.62 -10.57 -31.95
C ARG C 128 17.20 -10.09 -31.71
N ILE C 129 16.60 -9.51 -32.73
CA ILE C 129 15.21 -9.09 -32.70
C ILE C 129 14.42 -10.02 -33.61
N ARG C 130 13.25 -10.43 -33.15
CA ARG C 130 12.41 -11.34 -33.89
C ARG C 130 10.97 -10.92 -33.70
N GLN C 131 10.16 -10.99 -34.75
CA GLN C 131 8.75 -10.68 -34.59
C GLN C 131 7.91 -11.83 -35.11
N LEU C 132 6.64 -11.80 -34.73
CA LEU C 132 5.65 -12.74 -35.22
C LEU C 132 4.53 -11.98 -35.90
N ARG C 133 3.97 -12.56 -36.94
CA ARG C 133 3.09 -11.83 -37.83
C ARG C 133 1.92 -12.71 -38.24
N VAL C 134 0.75 -12.10 -38.35
CA VAL C 134 -0.49 -12.78 -38.68
C VAL C 134 -0.95 -12.38 -40.07
N ARG C 135 -1.57 -13.33 -40.75
CA ARG C 135 -2.02 -13.10 -42.12
C ARG C 135 -3.16 -12.09 -42.17
N ASN C 136 -3.34 -11.51 -43.35
CA ASN C 136 -4.43 -10.59 -43.59
C ASN C 136 -5.78 -11.23 -43.29
N GLY C 137 -6.21 -12.15 -44.13
CA GLY C 137 -7.60 -12.60 -44.08
C GLY C 137 -7.89 -13.56 -42.96
N SER C 138 -6.99 -13.63 -41.98
CA SER C 138 -7.12 -14.57 -40.87
C SER C 138 -8.51 -14.52 -40.24
N CYS C 139 -9.05 -13.33 -40.07
CA CYS C 139 -10.37 -13.12 -39.52
C CYS C 139 -11.35 -12.76 -40.64
N SER C 140 -12.59 -12.49 -40.26
CA SER C 140 -13.64 -12.19 -41.23
C SER C 140 -14.44 -10.99 -40.75
N ILE C 141 -14.67 -10.05 -41.67
CA ILE C 141 -15.39 -8.83 -41.36
C ILE C 141 -16.88 -9.11 -41.52
N PRO C 142 -17.72 -8.63 -40.60
CA PRO C 142 -19.16 -8.82 -40.78
C PRO C 142 -19.64 -8.17 -42.06
N GLN C 143 -20.57 -8.86 -42.74
CA GLN C 143 -21.00 -8.42 -44.06
C GLN C 143 -21.52 -7.00 -44.06
N ASP C 144 -22.09 -6.55 -42.94
CA ASP C 144 -22.64 -5.20 -42.88
C ASP C 144 -21.55 -4.16 -43.05
N LEU C 145 -20.38 -4.38 -42.47
CA LEU C 145 -19.34 -3.37 -42.45
C LEU C 145 -18.30 -3.56 -43.54
N ARG C 146 -18.45 -4.58 -44.39
CA ARG C 146 -17.43 -4.84 -45.41
C ARG C 146 -17.20 -3.61 -46.28
N ASP C 147 -18.27 -2.86 -46.57
CA ASP C 147 -18.09 -1.61 -47.28
C ASP C 147 -17.23 -0.64 -46.49
N GLU C 148 -17.29 -0.71 -45.15
CA GLU C 148 -16.53 0.20 -44.33
C GLU C 148 -15.09 -0.29 -44.20
N ILE C 149 -14.88 -1.39 -43.49
CA ILE C 149 -13.54 -1.83 -43.12
C ILE C 149 -12.99 -2.76 -44.19
N LYS C 150 -11.77 -2.49 -44.63
CA LYS C 150 -11.17 -3.27 -45.71
C LYS C 150 -10.59 -4.58 -45.20
N GLU C 151 -9.90 -4.57 -44.07
CA GLU C 151 -9.08 -5.70 -43.70
C GLU C 151 -8.97 -5.82 -42.19
N CYS C 152 -8.85 -7.07 -41.72
CA CYS C 152 -8.73 -7.33 -40.30
C CYS C 152 -7.51 -8.22 -40.08
N TYR C 153 -7.08 -8.34 -38.83
CA TYR C 153 -6.00 -9.25 -38.47
C TYR C 153 -6.36 -9.96 -37.17
N ASP C 154 -6.46 -11.27 -37.23
CA ASP C 154 -6.93 -12.04 -36.11
C ASP C 154 -5.89 -12.09 -34.99
N VAL C 155 -6.34 -12.46 -33.80
CA VAL C 155 -5.49 -12.75 -32.66
C VAL C 155 -4.47 -13.81 -33.06
N TYR C 156 -3.27 -13.74 -32.50
CA TYR C 156 -2.22 -14.67 -32.88
C TYR C 156 -2.61 -16.10 -32.60
N SER C 157 -2.35 -16.96 -33.57
CA SER C 157 -2.53 -18.40 -33.41
C SER C 157 -1.66 -19.09 -34.45
N VAL C 158 -1.36 -20.35 -34.20
CA VAL C 158 -0.52 -21.09 -35.13
C VAL C 158 -1.17 -21.12 -36.51
N SER C 159 -2.49 -21.23 -36.55
CA SER C 159 -3.18 -21.29 -37.83
C SER C 159 -3.07 -19.98 -38.59
N SER C 160 -3.22 -18.86 -37.89
CA SER C 160 -3.29 -17.57 -38.52
C SER C 160 -1.92 -16.96 -38.79
N GLU C 161 -0.84 -17.65 -38.46
CA GLU C 161 0.48 -17.09 -38.59
C GLU C 161 0.79 -16.77 -40.04
N ASP C 162 1.60 -15.74 -40.26
CA ASP C 162 1.91 -15.25 -41.60
C ASP C 162 3.33 -15.65 -41.97
N ARG C 163 3.45 -16.50 -42.99
CA ARG C 163 4.73 -16.94 -43.49
C ARG C 163 5.17 -16.23 -44.76
N ALA C 164 4.32 -15.32 -45.23
CA ALA C 164 4.61 -14.61 -46.46
C ALA C 164 5.75 -13.65 -46.26
N PRO C 165 6.57 -13.54 -47.28
CA PRO C 165 7.71 -12.61 -47.27
C PRO C 165 7.32 -11.16 -47.54
N PHE C 166 6.87 -10.47 -46.51
CA PHE C 166 6.41 -9.10 -46.69
C PHE C 166 7.58 -8.16 -46.87
N GLY C 167 7.29 -6.99 -47.40
CA GLY C 167 8.26 -5.92 -47.44
C GLY C 167 9.27 -6.07 -48.55
N PRO C 168 10.40 -5.38 -48.42
CA PRO C 168 11.41 -5.41 -49.48
C PRO C 168 11.98 -6.79 -49.76
N ARG C 169 11.80 -7.75 -48.86
CA ARG C 169 12.22 -9.13 -49.09
C ARG C 169 13.72 -9.24 -49.24
N ASN C 170 14.46 -8.35 -48.59
CA ASN C 170 15.90 -8.30 -48.78
C ASN C 170 16.70 -9.09 -47.76
N GLY C 171 16.05 -9.78 -46.82
CA GLY C 171 16.84 -10.51 -45.86
C GLY C 171 16.00 -11.16 -44.80
N THR C 172 16.70 -11.76 -43.83
CA THR C 172 16.04 -12.54 -42.80
C THR C 172 15.02 -11.73 -42.03
N ALA C 173 15.13 -10.42 -42.05
CA ALA C 173 14.11 -9.62 -41.38
C ALA C 173 12.78 -9.72 -42.09
N TRP C 174 12.79 -9.78 -43.42
CA TRP C 174 11.56 -9.82 -44.19
C TRP C 174 11.17 -11.20 -44.68
N ILE C 175 11.88 -12.25 -44.31
CA ILE C 175 11.56 -13.58 -44.78
C ILE C 175 11.34 -14.50 -43.60
N TYR C 176 10.28 -15.29 -43.68
CA TYR C 176 9.94 -16.21 -42.60
C TYR C 176 10.96 -17.32 -42.50
N THR C 177 11.26 -17.74 -41.28
CA THR C 177 12.15 -18.88 -41.04
C THR C 177 11.53 -19.78 -40.00
N SER C 178 11.57 -21.08 -40.26
CA SER C 178 10.86 -22.03 -39.43
C SER C 178 11.53 -22.19 -38.08
N GLU C 179 10.74 -22.65 -37.11
CA GLU C 179 11.26 -22.87 -35.77
C GLU C 179 12.36 -23.91 -35.76
N LYS C 180 12.34 -24.85 -36.70
CA LYS C 180 13.45 -25.79 -36.80
C LYS C 180 14.67 -25.09 -37.37
N ASP C 181 14.52 -24.43 -38.51
CA ASP C 181 15.66 -23.82 -39.17
C ASP C 181 16.25 -22.70 -38.33
N LEU C 182 15.40 -22.03 -37.57
CA LEU C 182 15.84 -21.03 -36.61
C LEU C 182 15.78 -21.68 -35.24
N ASN C 183 16.93 -22.01 -34.70
CA ASN C 183 17.00 -22.76 -33.46
C ASN C 183 16.26 -22.00 -32.39
N GLY C 184 15.28 -22.64 -31.76
CA GLY C 184 14.45 -21.94 -30.81
C GLY C 184 13.26 -22.77 -30.44
N SER C 185 12.58 -22.32 -29.38
CA SER C 185 11.50 -23.07 -28.79
C SER C 185 10.32 -22.14 -28.54
N SER C 186 9.16 -22.74 -28.30
CA SER C 186 7.96 -21.97 -28.05
C SER C 186 8.07 -21.25 -26.72
N HIS C 187 7.77 -19.96 -26.72
CA HIS C 187 7.76 -19.17 -25.51
C HIS C 187 6.32 -18.87 -25.12
N TRP C 188 6.06 -18.90 -23.83
CA TRP C 188 4.70 -18.73 -23.31
C TRP C 188 4.56 -17.33 -22.75
N GLY C 189 3.84 -16.49 -23.48
CA GLY C 189 3.63 -15.11 -23.10
C GLY C 189 2.37 -14.95 -22.30
N ILE C 190 1.98 -13.70 -22.09
CA ILE C 190 0.87 -13.46 -21.19
C ILE C 190 -0.47 -13.69 -21.88
N ILE C 191 -0.65 -13.20 -23.11
CA ILE C 191 -1.89 -13.51 -23.82
C ILE C 191 -1.79 -14.70 -24.76
N ALA C 192 -0.60 -15.22 -25.02
CA ALA C 192 -0.52 -16.29 -26.00
C ALA C 192 0.79 -17.04 -25.83
N THR C 193 0.85 -18.22 -26.44
CA THR C 193 2.09 -18.95 -26.63
C THR C 193 2.62 -18.65 -28.01
N TYR C 194 3.92 -18.45 -28.12
CA TYR C 194 4.54 -17.98 -29.34
C TYR C 194 5.56 -18.99 -29.82
N SER C 195 5.50 -19.33 -31.11
CA SER C 195 6.47 -20.25 -31.64
C SER C 195 7.82 -19.60 -31.75
N GLY C 196 8.87 -20.42 -31.85
CA GLY C 196 10.19 -19.90 -32.04
C GLY C 196 10.43 -19.33 -33.42
N ALA C 197 9.64 -19.76 -34.40
CA ALA C 197 9.78 -19.28 -35.75
C ALA C 197 9.44 -17.79 -35.83
N GLY C 198 9.83 -17.17 -36.92
CA GLY C 198 9.37 -15.82 -37.18
C GLY C 198 10.31 -15.10 -38.12
N TYR C 199 10.16 -13.79 -38.13
CA TYR C 199 11.01 -12.90 -38.89
C TYR C 199 12.01 -12.28 -37.92
N TYR C 200 13.29 -12.56 -38.11
CA TYR C 200 14.29 -12.09 -37.17
C TYR C 200 15.37 -11.31 -37.90
N LEU C 201 16.10 -10.54 -37.12
CA LEU C 201 17.30 -9.88 -37.62
C LEU C 201 18.33 -9.84 -36.50
N ASP C 202 19.56 -10.16 -36.84
CA ASP C 202 20.65 -10.10 -35.88
C ASP C 202 21.32 -8.74 -35.97
N LEU C 203 21.55 -8.12 -34.81
CA LEU C 203 22.10 -6.79 -34.75
C LEU C 203 23.61 -6.86 -34.95
N SER C 204 24.34 -5.81 -34.61
CA SER C 204 25.77 -5.78 -34.82
C SER C 204 26.50 -5.62 -33.49
N ARG C 205 27.83 -5.62 -33.58
CA ARG C 205 28.66 -5.54 -32.39
C ARG C 205 28.68 -4.14 -31.80
N THR C 206 28.56 -3.11 -32.62
CA THR C 206 28.77 -1.75 -32.19
C THR C 206 27.48 -0.95 -32.29
N ARG C 207 27.38 0.08 -31.47
CA ARG C 207 26.15 0.86 -31.42
C ARG C 207 25.86 1.53 -32.75
N GLU C 208 26.92 1.96 -33.45
CA GLU C 208 26.71 2.72 -34.69
C GLU C 208 26.11 1.85 -35.77
N GLU C 209 26.54 0.59 -35.85
CA GLU C 209 26.04 -0.29 -36.90
C GLU C 209 24.59 -0.68 -36.65
N THR C 210 24.26 -1.05 -35.42
CA THR C 210 22.90 -1.46 -35.12
C THR C 210 21.93 -0.31 -35.34
N ALA C 211 22.28 0.87 -34.84
CA ALA C 211 21.41 2.03 -35.00
C ALA C 211 21.07 2.26 -36.46
N ALA C 212 21.96 1.89 -37.37
CA ALA C 212 21.63 1.95 -38.78
C ALA C 212 20.57 0.91 -39.12
N GLN C 213 20.80 -0.34 -38.71
CA GLN C 213 19.85 -1.40 -39.02
C GLN C 213 18.46 -1.06 -38.50
N VAL C 214 18.36 -0.80 -37.20
CA VAL C 214 17.06 -0.51 -36.61
C VAL C 214 16.39 0.65 -37.32
N ALA C 215 17.17 1.67 -37.68
CA ALA C 215 16.60 2.76 -38.45
C ALA C 215 16.00 2.27 -39.74
N SER C 216 16.69 1.36 -40.43
CA SER C 216 16.15 0.82 -41.67
C SER C 216 14.88 0.02 -41.40
N LEU C 217 14.85 -0.74 -40.31
CA LEU C 217 13.63 -1.46 -39.98
C LEU C 217 12.51 -0.52 -39.62
N LYS C 218 12.85 0.69 -39.16
CA LYS C 218 11.82 1.67 -38.91
C LYS C 218 11.44 2.41 -40.19
N LYS C 219 12.43 2.77 -41.01
CA LYS C 219 12.15 3.47 -42.26
C LYS C 219 11.18 2.65 -43.10
N ASN C 220 11.65 1.54 -43.65
CA ASN C 220 10.72 0.52 -44.09
C ASN C 220 9.89 0.13 -42.88
N VAL C 221 8.64 -0.25 -43.11
CA VAL C 221 7.76 -0.52 -41.98
C VAL C 221 7.89 -2.00 -41.67
N TRP C 222 8.60 -2.31 -40.60
CA TRP C 222 8.78 -3.69 -40.18
C TRP C 222 7.86 -4.06 -39.03
N LEU C 223 7.13 -3.10 -38.50
CA LEU C 223 6.08 -3.37 -37.52
C LEU C 223 4.79 -2.85 -38.10
N ASP C 224 3.88 -3.75 -38.43
CA ASP C 224 2.68 -3.36 -39.15
C ASP C 224 1.44 -3.81 -38.40
N ARG C 225 0.29 -3.66 -39.04
CA ARG C 225 -0.95 -4.17 -38.48
C ARG C 225 -0.82 -5.61 -38.03
N GLY C 226 -0.04 -6.41 -38.76
CA GLY C 226 0.00 -7.82 -38.53
C GLY C 226 0.97 -8.31 -37.49
N THR C 227 1.76 -7.44 -36.88
CA THR C 227 2.74 -7.89 -35.91
C THR C 227 2.06 -8.13 -34.57
N ARG C 228 2.06 -9.37 -34.12
CA ARG C 228 1.56 -9.65 -32.78
C ARG C 228 2.60 -9.50 -31.70
N ALA C 229 3.83 -9.96 -31.92
CA ALA C 229 4.80 -9.96 -30.85
C ALA C 229 6.19 -9.75 -31.42
N THR C 230 7.03 -9.08 -30.64
CA THR C 230 8.43 -8.93 -30.98
C THR C 230 9.28 -9.33 -29.80
N PHE C 231 10.35 -10.06 -30.08
CA PHE C 231 11.28 -10.51 -29.07
C PHE C 231 12.60 -9.79 -29.23
N ILE C 232 13.24 -9.48 -28.11
CA ILE C 232 14.60 -8.98 -28.11
C ILE C 232 15.39 -9.85 -27.14
N ASP C 233 16.37 -10.57 -27.65
CA ASP C 233 17.11 -11.50 -26.83
C ASP C 233 18.60 -11.24 -26.97
N PHE C 234 19.29 -11.26 -25.84
CA PHE C 234 20.73 -11.15 -25.82
C PHE C 234 21.23 -11.72 -24.51
N SER C 235 22.51 -12.02 -24.46
CA SER C 235 23.10 -12.63 -23.28
C SER C 235 24.28 -11.80 -22.81
N VAL C 236 24.52 -11.84 -21.51
CA VAL C 236 25.54 -11.03 -20.88
C VAL C 236 26.36 -11.92 -19.96
N TYR C 237 27.67 -11.75 -19.99
CA TYR C 237 28.55 -12.55 -19.17
C TYR C 237 29.32 -11.66 -18.22
N ASN C 238 29.33 -12.03 -16.95
CA ASN C 238 30.09 -11.32 -15.93
C ASN C 238 31.23 -12.19 -15.47
N ALA C 239 32.43 -11.63 -15.47
CA ALA C 239 33.61 -12.41 -15.12
C ALA C 239 34.01 -12.29 -13.65
N ASN C 240 33.43 -11.36 -12.90
CA ASN C 240 33.91 -11.16 -11.54
C ASN C 240 33.42 -12.32 -10.69
N ILE C 241 32.14 -12.33 -10.38
CA ILE C 241 31.49 -13.60 -10.22
C ILE C 241 31.40 -14.23 -11.60
N ASN C 242 31.20 -15.53 -11.64
CA ASN C 242 31.10 -16.19 -12.92
C ASN C 242 29.63 -16.52 -13.14
N LEU C 243 28.97 -15.72 -13.97
CA LEU C 243 27.60 -15.98 -14.34
C LEU C 243 27.31 -15.39 -15.71
N PHE C 244 26.57 -16.15 -16.51
CA PHE C 244 25.89 -15.57 -17.65
C PHE C 244 24.55 -15.02 -17.20
N CYS C 245 24.04 -14.04 -17.95
CA CYS C 245 22.70 -13.54 -17.75
C CYS C 245 22.01 -13.50 -19.10
N VAL C 246 20.93 -14.25 -19.24
CA VAL C 246 20.19 -14.33 -20.48
C VAL C 246 18.97 -13.44 -20.34
N VAL C 247 18.74 -12.60 -21.34
CA VAL C 247 17.69 -11.60 -21.29
C VAL C 247 16.70 -11.86 -22.41
N ARG C 248 15.42 -11.77 -22.10
CA ARG C 248 14.36 -11.78 -23.09
C ARG C 248 13.47 -10.60 -22.84
N LEU C 249 13.42 -9.68 -23.80
CA LEU C 249 12.49 -8.57 -23.76
C LEU C 249 11.37 -8.89 -24.72
N LEU C 250 10.18 -9.13 -24.18
CA LEU C 250 9.03 -9.53 -24.97
C LEU C 250 8.04 -8.39 -25.03
N VAL C 251 7.53 -8.11 -26.22
CA VAL C 251 6.52 -7.08 -26.41
C VAL C 251 5.41 -7.66 -27.25
N GLU C 252 4.20 -7.64 -26.74
CA GLU C 252 3.05 -8.18 -27.43
C GLU C 252 2.18 -7.07 -27.97
N PHE C 253 1.56 -7.32 -29.11
CA PHE C 253 0.70 -6.36 -29.79
C PHE C 253 -0.66 -7.01 -29.94
N PRO C 254 -1.55 -6.84 -28.97
CA PRO C 254 -2.85 -7.48 -29.05
C PRO C 254 -3.61 -7.06 -30.28
N ALA C 255 -4.55 -7.90 -30.69
CA ALA C 255 -5.38 -7.55 -31.83
C ALA C 255 -6.19 -6.29 -31.58
N THR C 256 -6.29 -5.87 -30.34
CA THR C 256 -7.01 -4.67 -29.96
C THR C 256 -6.16 -3.42 -30.06
N GLY C 257 -4.93 -3.54 -30.51
CA GLY C 257 -4.03 -2.42 -30.51
C GLY C 257 -3.41 -2.20 -29.14
N GLY C 258 -2.28 -1.52 -29.13
CA GLY C 258 -1.54 -1.30 -27.92
C GLY C 258 -0.32 -2.18 -27.80
N VAL C 259 0.27 -2.18 -26.62
CA VAL C 259 1.51 -2.88 -26.34
C VAL C 259 1.45 -3.46 -24.94
N ILE C 260 1.96 -4.68 -24.78
CA ILE C 260 2.04 -5.29 -23.46
C ILE C 260 3.46 -5.78 -23.23
N PRO C 261 4.31 -5.01 -22.59
CA PRO C 261 5.69 -5.44 -22.40
C PRO C 261 5.81 -6.48 -21.30
N SER C 262 6.83 -7.32 -21.44
CA SER C 262 7.22 -8.26 -20.40
C SER C 262 8.66 -8.64 -20.61
N TRP C 263 9.30 -9.14 -19.56
CA TRP C 263 10.74 -9.32 -19.58
C TRP C 263 11.12 -10.54 -18.77
N GLN C 264 12.31 -11.04 -19.05
CA GLN C 264 12.88 -12.11 -18.26
C GLN C 264 14.39 -11.92 -18.16
N PHE C 265 14.91 -11.95 -16.94
CA PHE C 265 16.35 -11.88 -16.71
C PHE C 265 16.76 -13.14 -15.97
N GLN C 266 17.49 -14.02 -16.64
CA GLN C 266 17.83 -15.30 -16.04
C GLN C 266 19.33 -15.47 -15.92
N PRO C 267 19.88 -15.56 -14.71
CA PRO C 267 21.29 -15.92 -14.56
C PRO C 267 21.51 -17.39 -14.87
N LEU C 268 22.75 -17.69 -15.24
CA LEU C 268 23.16 -19.07 -15.47
C LEU C 268 24.57 -19.28 -14.97
N LYS C 269 24.86 -20.49 -14.57
CA LYS C 269 26.22 -20.91 -14.30
C LYS C 269 26.54 -21.96 -15.36
N LEU C 270 27.25 -21.55 -16.41
CA LEU C 270 27.62 -22.51 -17.44
C LEU C 270 28.94 -23.21 -17.16
N ILE C 271 29.95 -22.47 -16.72
CA ILE C 271 31.26 -23.05 -16.50
C ILE C 271 31.33 -23.47 -15.05
N ARG C 272 31.33 -24.78 -14.82
CA ARG C 272 31.13 -25.28 -13.47
C ARG C 272 32.41 -25.52 -12.70
N TYR C 273 33.58 -25.47 -13.33
CA TYR C 273 34.83 -25.66 -12.62
C TYR C 273 35.68 -24.42 -12.80
N VAL C 274 35.79 -23.63 -11.74
CA VAL C 274 36.75 -22.53 -11.68
C VAL C 274 37.41 -22.58 -10.31
N THR C 275 36.65 -22.31 -9.28
CA THR C 275 37.14 -22.32 -7.91
C THR C 275 37.19 -23.76 -7.38
N THR C 276 38.09 -23.97 -6.41
CA THR C 276 38.12 -25.27 -5.74
C THR C 276 36.77 -25.59 -5.12
N PHE C 277 36.08 -24.58 -4.60
CA PHE C 277 34.77 -24.80 -4.03
C PHE C 277 33.80 -25.33 -5.06
N ASP C 278 33.99 -24.96 -6.33
CA ASP C 278 33.18 -25.56 -7.39
C ASP C 278 33.48 -27.04 -7.51
N PHE C 279 34.76 -27.42 -7.41
CA PHE C 279 35.10 -28.84 -7.39
C PHE C 279 34.52 -29.50 -6.15
N PHE C 280 34.52 -28.79 -5.03
CA PHE C 280 33.93 -29.31 -3.81
C PHE C 280 32.47 -29.69 -4.02
N LEU C 281 31.72 -28.81 -4.68
CA LEU C 281 30.32 -29.10 -4.94
C LEU C 281 30.17 -30.28 -5.89
N ALA C 282 30.97 -30.31 -6.95
CA ALA C 282 30.85 -31.38 -7.94
C ALA C 282 31.05 -32.75 -7.30
N ALA C 283 31.84 -32.81 -6.23
CA ALA C 283 31.97 -34.07 -5.50
C ALA C 283 30.63 -34.49 -4.93
N CYS C 284 29.92 -33.55 -4.30
CA CYS C 284 28.65 -33.89 -3.66
C CYS C 284 27.63 -34.38 -4.67
N GLU C 285 27.54 -33.69 -5.82
CA GLU C 285 26.59 -34.12 -6.86
C GLU C 285 26.82 -35.57 -7.24
N ILE C 286 28.04 -36.06 -7.10
CA ILE C 286 28.30 -37.48 -7.29
C ILE C 286 27.82 -38.25 -6.07
N ILE C 287 28.17 -37.77 -4.88
CA ILE C 287 27.70 -38.40 -3.65
C ILE C 287 26.20 -38.41 -3.60
N PHE C 288 25.58 -37.25 -3.86
CA PHE C 288 24.13 -37.16 -3.83
C PHE C 288 23.48 -38.13 -4.78
N CYS C 289 24.15 -38.46 -5.89
CA CYS C 289 23.61 -39.47 -6.79
C CYS C 289 23.54 -40.83 -6.13
N PHE C 290 24.46 -41.12 -5.21
CA PHE C 290 24.46 -42.43 -4.56
C PHE C 290 23.23 -42.60 -3.69
N PHE C 291 22.93 -41.60 -2.86
CA PHE C 291 21.78 -41.68 -1.97
C PHE C 291 20.51 -42.05 -2.72
N ILE C 292 20.20 -41.32 -3.79
CA ILE C 292 18.97 -41.59 -4.52
C ILE C 292 18.95 -43.01 -5.02
N PHE C 293 20.10 -43.48 -5.53
CA PHE C 293 20.20 -44.89 -5.89
C PHE C 293 19.88 -45.77 -4.71
N TYR C 294 20.32 -45.37 -3.51
CA TYR C 294 20.05 -46.17 -2.32
C TYR C 294 18.57 -46.11 -1.93
N TYR C 295 17.99 -44.92 -1.93
CA TYR C 295 16.57 -44.81 -1.61
C TYR C 295 15.70 -45.52 -2.63
N VAL C 296 16.13 -45.58 -3.89
CA VAL C 296 15.41 -46.42 -4.84
C VAL C 296 15.46 -47.86 -4.40
N VAL C 297 16.62 -48.31 -3.92
CA VAL C 297 16.74 -49.67 -3.42
C VAL C 297 15.76 -49.91 -2.28
N GLU C 298 15.78 -49.04 -1.27
CA GLU C 298 14.90 -49.20 -0.13
C GLU C 298 13.44 -49.19 -0.54
N GLU C 299 13.06 -48.27 -1.44
CA GLU C 299 11.67 -48.12 -1.83
C GLU C 299 11.12 -49.31 -2.59
N ILE C 300 11.96 -50.27 -2.97
CA ILE C 300 11.47 -51.41 -3.72
C ILE C 300 10.68 -52.33 -2.80
N LEU C 301 9.43 -52.61 -3.18
CA LEU C 301 8.60 -53.58 -2.49
C LEU C 301 7.42 -53.96 -3.36
N ARG C 312 -1.11 -47.28 4.68
CA ARG C 312 -1.21 -47.17 3.22
C ARG C 312 0.12 -46.92 2.51
N SER C 313 0.95 -45.95 2.94
CA SER C 313 0.70 -44.98 4.01
C SER C 313 1.10 -43.60 3.51
N PHE C 314 0.75 -42.57 4.27
CA PHE C 314 1.15 -41.23 3.90
C PHE C 314 2.67 -41.12 3.73
N TRP C 315 3.42 -41.49 4.76
CA TRP C 315 4.86 -41.32 4.70
C TRP C 315 5.46 -42.09 3.54
N ASN C 316 4.82 -43.19 3.13
CA ASN C 316 5.23 -43.85 1.91
C ASN C 316 5.00 -42.94 0.71
N CYS C 317 3.81 -42.36 0.61
CA CYS C 317 3.53 -41.43 -0.48
C CYS C 317 4.53 -40.29 -0.49
N LEU C 318 5.05 -39.91 0.67
CA LEU C 318 6.07 -38.87 0.72
C LEU C 318 7.35 -39.35 0.03
N ASP C 319 7.86 -40.51 0.44
CA ASP C 319 9.13 -40.99 -0.09
C ASP C 319 9.06 -41.14 -1.60
N VAL C 320 7.93 -41.62 -2.11
CA VAL C 320 7.76 -41.74 -3.55
C VAL C 320 7.97 -40.38 -4.21
N VAL C 321 7.25 -39.37 -3.72
CA VAL C 321 7.33 -38.04 -4.33
C VAL C 321 8.76 -37.54 -4.37
N ILE C 322 9.47 -37.67 -3.25
CA ILE C 322 10.86 -37.24 -3.22
C ILE C 322 11.67 -37.96 -4.30
N VAL C 323 11.58 -39.29 -4.32
CA VAL C 323 12.41 -40.05 -5.26
C VAL C 323 12.05 -39.71 -6.69
N VAL C 324 10.75 -39.57 -6.97
CA VAL C 324 10.33 -39.19 -8.32
C VAL C 324 11.00 -37.88 -8.73
N LEU C 325 10.78 -36.83 -7.94
CA LEU C 325 11.37 -35.54 -8.29
C LEU C 325 12.88 -35.61 -8.30
N SER C 326 13.47 -36.33 -7.34
CA SER C 326 14.91 -36.40 -7.26
C SER C 326 15.50 -36.98 -8.54
N VAL C 327 14.83 -37.97 -9.13
CA VAL C 327 15.28 -38.50 -10.40
C VAL C 327 15.16 -37.45 -11.49
N VAL C 328 13.97 -36.88 -11.64
CA VAL C 328 13.73 -35.91 -12.70
C VAL C 328 14.74 -34.78 -12.61
N ALA C 329 15.11 -34.39 -11.40
CA ALA C 329 16.14 -33.37 -11.24
C ALA C 329 17.45 -33.83 -11.86
N ILE C 330 17.89 -35.05 -11.54
CA ILE C 330 19.14 -35.53 -12.09
C ILE C 330 19.05 -35.72 -13.59
N GLY C 331 17.92 -36.25 -14.06
CA GLY C 331 17.75 -36.39 -15.50
C GLY C 331 17.95 -35.08 -16.23
N ILE C 332 17.32 -34.02 -15.74
CA ILE C 332 17.56 -32.69 -16.28
C ILE C 332 19.04 -32.34 -16.16
N ASN C 333 19.62 -32.63 -15.00
CA ASN C 333 20.98 -32.14 -14.74
C ASN C 333 21.99 -32.79 -15.65
N ILE C 334 21.68 -33.95 -16.21
CA ILE C 334 22.71 -34.65 -16.97
C ILE C 334 22.50 -34.47 -18.46
N TYR C 335 21.55 -35.20 -19.03
CA TYR C 335 21.49 -35.24 -20.49
C TYR C 335 20.93 -33.95 -21.06
N ARG C 336 20.53 -33.03 -20.20
CA ARG C 336 20.05 -31.75 -20.71
C ARG C 336 21.03 -30.63 -20.40
N THR C 337 21.07 -30.17 -19.15
CA THR C 337 21.84 -29.00 -18.79
C THR C 337 23.34 -29.24 -18.79
N SER C 338 23.79 -30.49 -18.87
CA SER C 338 25.23 -30.73 -18.87
C SER C 338 25.77 -30.83 -20.29
N ASN C 339 24.91 -30.61 -21.28
CA ASN C 339 25.36 -30.69 -22.68
C ASN C 339 26.30 -29.55 -23.00
N VAL C 340 25.85 -28.31 -22.84
CA VAL C 340 26.67 -27.12 -23.04
C VAL C 340 27.33 -27.21 -24.40
N GLU C 341 26.58 -27.67 -25.40
CA GLU C 341 27.13 -27.71 -26.75
C GLU C 341 27.13 -26.33 -27.39
N VAL C 342 26.17 -25.49 -26.97
CA VAL C 342 26.06 -24.16 -27.56
C VAL C 342 27.28 -23.31 -27.23
N LEU C 343 27.63 -23.22 -25.94
CA LEU C 343 28.78 -22.44 -25.53
C LEU C 343 30.00 -22.83 -26.34
N LEU C 344 30.23 -24.13 -26.52
CA LEU C 344 31.38 -24.58 -27.28
C LEU C 344 31.35 -24.03 -28.69
N GLN C 345 30.19 -24.10 -29.35
CA GLN C 345 30.07 -23.54 -30.69
C GLN C 345 30.26 -22.03 -30.67
N PHE C 346 29.68 -21.37 -29.68
CA PHE C 346 29.76 -19.91 -29.64
C PHE C 346 31.19 -19.43 -29.52
N LEU C 347 31.96 -20.04 -28.61
CA LEU C 347 33.32 -19.58 -28.40
C LEU C 347 34.18 -19.73 -29.64
N GLU C 348 33.75 -20.54 -30.60
CA GLU C 348 34.47 -20.62 -31.87
C GLU C 348 34.35 -19.31 -32.64
N ASP C 349 33.12 -18.86 -32.89
CA ASP C 349 32.86 -17.63 -33.63
C ASP C 349 31.99 -16.74 -32.76
N GLN C 350 32.54 -15.61 -32.33
CA GLN C 350 31.90 -14.75 -31.35
C GLN C 350 31.10 -13.63 -31.98
N ASN C 351 30.98 -13.60 -33.30
CA ASN C 351 30.19 -12.57 -33.96
C ASN C 351 28.74 -12.99 -34.17
N THR C 352 28.36 -14.17 -33.71
CA THR C 352 27.03 -14.71 -33.97
C THR C 352 26.12 -14.41 -32.80
N PHE C 353 24.92 -14.99 -32.85
CA PHE C 353 23.99 -14.88 -31.75
C PHE C 353 24.12 -16.10 -30.85
N PRO C 354 24.49 -15.92 -29.60
CA PRO C 354 24.68 -17.06 -28.70
C PRO C 354 23.38 -17.60 -28.14
N ASN C 355 22.73 -18.54 -28.81
CA ASN C 355 21.39 -18.89 -28.36
C ASN C 355 21.49 -19.72 -27.09
N PHE C 356 21.12 -19.10 -25.97
CA PHE C 356 21.05 -19.76 -24.68
C PHE C 356 19.63 -20.06 -24.23
N GLU C 357 18.62 -19.68 -25.01
CA GLU C 357 17.25 -19.73 -24.53
C GLU C 357 16.90 -21.06 -23.89
N HIS C 358 17.40 -22.16 -24.47
CA HIS C 358 17.11 -23.46 -23.89
C HIS C 358 17.83 -23.66 -22.57
N LEU C 359 19.13 -23.41 -22.55
CA LEU C 359 19.89 -23.59 -21.32
C LEU C 359 19.28 -22.80 -20.19
N ALA C 360 18.93 -21.55 -20.46
CA ALA C 360 18.26 -20.75 -19.44
C ALA C 360 16.95 -21.38 -19.05
N TYR C 361 16.24 -21.96 -20.02
CA TYR C 361 14.96 -22.58 -19.70
C TYR C 361 15.14 -23.73 -18.73
N TRP C 362 16.05 -24.65 -19.05
CA TRP C 362 16.12 -25.86 -18.24
C TRP C 362 16.58 -25.57 -16.84
N GLN C 363 17.53 -24.66 -16.66
CA GLN C 363 17.96 -24.39 -15.31
C GLN C 363 16.84 -23.81 -14.46
N ILE C 364 15.92 -23.08 -15.08
CA ILE C 364 14.70 -22.70 -14.36
C ILE C 364 13.96 -23.95 -13.93
N GLN C 365 13.66 -24.83 -14.88
CA GLN C 365 12.98 -26.08 -14.54
C GLN C 365 13.78 -26.85 -13.51
N PHE C 366 15.10 -26.81 -13.60
CA PHE C 366 15.92 -27.49 -12.62
C PHE C 366 15.77 -26.85 -11.25
N ASN C 367 15.94 -25.54 -11.17
CA ASN C 367 15.82 -24.87 -9.89
C ASN C 367 14.44 -25.07 -9.28
N ASN C 368 13.41 -25.00 -10.11
CA ASN C 368 12.06 -25.25 -9.61
C ASN C 368 11.97 -26.62 -8.97
N ILE C 369 12.38 -27.66 -9.70
CA ILE C 369 12.27 -29.01 -9.19
C ILE C 369 13.16 -29.20 -7.98
N ALA C 370 14.40 -28.72 -8.06
CA ALA C 370 15.30 -28.84 -6.91
C ALA C 370 14.69 -28.25 -5.67
N ALA C 371 14.09 -27.08 -5.79
CA ALA C 371 13.48 -26.44 -4.63
C ALA C 371 12.39 -27.31 -4.03
N VAL C 372 11.51 -27.83 -4.88
CA VAL C 372 10.36 -28.57 -4.38
C VAL C 372 10.81 -29.85 -3.67
N THR C 373 11.87 -30.48 -4.16
CA THR C 373 12.42 -31.62 -3.45
C THR C 373 12.85 -31.20 -2.06
N VAL C 374 13.70 -30.18 -1.97
CA VAL C 374 14.18 -29.69 -0.69
C VAL C 374 13.02 -29.46 0.26
N PHE C 375 11.96 -28.85 -0.24
CA PHE C 375 10.81 -28.58 0.60
C PHE C 375 10.26 -29.87 1.19
N PHE C 376 9.96 -30.86 0.34
CA PHE C 376 9.44 -32.12 0.85
C PHE C 376 10.45 -32.85 1.71
N VAL C 377 11.74 -32.68 1.43
CA VAL C 377 12.73 -33.37 2.25
C VAL C 377 12.64 -32.89 3.69
N TRP C 378 12.49 -31.58 3.89
CA TRP C 378 12.29 -31.08 5.24
C TRP C 378 11.07 -31.72 5.90
N ILE C 379 9.96 -31.79 5.17
CA ILE C 379 8.75 -32.31 5.78
C ILE C 379 8.93 -33.75 6.20
N LYS C 380 9.77 -34.50 5.49
CA LYS C 380 10.03 -35.88 5.89
C LYS C 380 10.63 -35.95 7.29
N LEU C 381 11.12 -34.83 7.81
CA LEU C 381 11.71 -34.84 9.15
C LEU C 381 10.67 -35.12 10.22
N PHE C 382 9.41 -34.75 9.99
CA PHE C 382 8.38 -34.99 11.00
C PHE C 382 8.24 -36.45 11.34
N LYS C 383 8.60 -37.33 10.42
CA LYS C 383 8.53 -38.75 10.70
C LYS C 383 9.37 -39.11 11.92
N PHE C 384 10.39 -38.31 12.21
CA PHE C 384 11.32 -38.58 13.30
C PHE C 384 11.04 -37.79 14.56
N ILE C 385 10.04 -36.91 14.58
CA ILE C 385 9.79 -36.07 15.74
C ILE C 385 8.92 -36.76 16.78
N ASN C 386 8.54 -38.00 16.55
CA ASN C 386 7.57 -38.65 17.43
C ASN C 386 8.18 -39.12 18.74
N PHE C 387 9.48 -38.85 18.96
CA PHE C 387 10.14 -39.24 20.19
C PHE C 387 9.36 -38.80 21.42
N ASN C 388 8.95 -37.53 21.44
CA ASN C 388 8.34 -36.97 22.65
C ASN C 388 6.87 -37.34 22.73
N ARG C 389 6.36 -37.35 23.97
CA ARG C 389 4.92 -37.49 24.16
C ARG C 389 4.16 -36.41 23.42
N THR C 390 4.45 -35.14 23.77
CA THR C 390 3.70 -34.02 23.24
C THR C 390 3.71 -34.02 21.71
N MET C 391 4.82 -34.42 21.11
CA MET C 391 4.86 -34.49 19.66
C MET C 391 3.92 -35.57 19.14
N SER C 392 4.04 -36.78 19.68
CA SER C 392 3.09 -37.84 19.35
C SER C 392 1.68 -37.40 19.69
N GLN C 393 1.52 -36.64 20.77
CA GLN C 393 0.23 -36.07 21.09
C GLN C 393 -0.31 -35.23 19.95
N LEU C 394 0.56 -34.45 19.31
CA LEU C 394 0.11 -33.59 18.22
C LEU C 394 -0.09 -34.37 16.93
N SER C 395 0.89 -35.23 16.58
CA SER C 395 0.82 -35.94 15.31
C SER C 395 -0.47 -36.72 15.19
N THR C 396 -0.89 -37.39 16.26
CA THR C 396 -2.11 -38.17 16.19
C THR C 396 -3.33 -37.27 15.97
N THR C 397 -3.25 -36.01 16.41
CA THR C 397 -4.38 -35.11 16.18
C THR C 397 -4.48 -34.72 14.72
N MET C 398 -3.39 -34.18 14.16
CA MET C 398 -3.44 -33.73 12.78
C MET C 398 -3.73 -34.89 11.84
N SER C 399 -3.26 -36.08 12.17
CA SER C 399 -3.66 -37.25 11.40
C SER C 399 -5.17 -37.43 11.42
N ARG C 400 -5.78 -37.17 12.57
CA ARG C 400 -7.23 -37.28 12.66
C ARG C 400 -7.92 -36.05 12.09
N CYS C 401 -7.24 -34.90 12.08
CA CYS C 401 -7.83 -33.69 11.52
C CYS C 401 -8.18 -33.85 10.05
N ALA C 402 -7.43 -34.72 9.35
CA ALA C 402 -7.44 -34.69 7.90
C ALA C 402 -8.82 -34.97 7.32
N LYS C 403 -9.42 -36.09 7.69
CA LYS C 403 -10.63 -36.52 7.02
C LYS C 403 -11.74 -35.48 7.16
N ASP C 404 -11.79 -34.80 8.30
CA ASP C 404 -12.83 -33.80 8.49
C ASP C 404 -12.52 -32.54 7.68
N LEU C 405 -11.30 -32.04 7.78
CA LEU C 405 -10.95 -30.82 7.06
C LEU C 405 -11.13 -30.98 5.56
N PHE C 406 -10.53 -32.01 4.99
CA PHE C 406 -10.65 -32.21 3.56
C PHE C 406 -12.11 -32.23 3.12
N GLY C 407 -12.96 -32.89 3.90
CA GLY C 407 -14.37 -32.86 3.59
C GLY C 407 -14.92 -31.45 3.52
N PHE C 408 -14.47 -30.59 4.41
CA PHE C 408 -14.96 -29.22 4.41
C PHE C 408 -14.29 -28.36 3.35
N ALA C 409 -13.00 -28.60 3.08
CA ALA C 409 -12.33 -27.80 2.06
C ALA C 409 -13.08 -27.86 0.75
N ILE C 410 -13.56 -29.04 0.37
CA ILE C 410 -14.40 -29.17 -0.81
C ILE C 410 -15.59 -28.23 -0.70
N MET C 411 -16.34 -28.34 0.40
CA MET C 411 -17.44 -27.43 0.65
C MET C 411 -16.97 -25.98 0.56
N PHE C 412 -15.75 -25.71 0.98
CA PHE C 412 -15.27 -24.33 0.99
C PHE C 412 -14.99 -23.83 -0.41
N PHE C 413 -14.16 -24.55 -1.17
CA PHE C 413 -13.72 -24.01 -2.44
C PHE C 413 -14.83 -23.92 -3.45
N ILE C 414 -15.84 -24.79 -3.34
CA ILE C 414 -17.02 -24.61 -4.19
C ILE C 414 -17.58 -23.21 -4.00
N ILE C 415 -17.72 -22.78 -2.75
CA ILE C 415 -18.15 -21.42 -2.51
C ILE C 415 -17.09 -20.44 -2.95
N PHE C 416 -15.83 -20.74 -2.64
CA PHE C 416 -14.76 -19.83 -3.02
C PHE C 416 -14.72 -19.64 -4.53
N LEU C 417 -14.76 -20.73 -5.27
CA LEU C 417 -14.71 -20.63 -6.72
C LEU C 417 -15.97 -20.00 -7.28
N ALA C 418 -17.08 -20.11 -6.57
CA ALA C 418 -18.29 -19.44 -7.04
C ALA C 418 -18.05 -17.94 -7.13
N TYR C 419 -17.57 -17.34 -6.04
CA TYR C 419 -17.21 -15.93 -6.09
C TYR C 419 -16.22 -15.64 -7.20
N ALA C 420 -15.17 -16.47 -7.30
CA ALA C 420 -14.17 -16.25 -8.34
C ALA C 420 -14.83 -16.14 -9.70
N GLN C 421 -15.72 -17.06 -10.01
CA GLN C 421 -16.39 -17.00 -11.30
C GLN C 421 -17.32 -15.80 -11.38
N LEU C 422 -17.96 -15.46 -10.26
CA LEU C 422 -18.79 -14.25 -10.25
C LEU C 422 -17.94 -13.03 -10.51
N ALA C 423 -16.88 -12.85 -9.71
CA ALA C 423 -16.04 -11.67 -9.87
C ALA C 423 -15.48 -11.58 -11.27
N TYR C 424 -15.17 -12.72 -11.88
CA TYR C 424 -14.60 -12.69 -13.21
C TYR C 424 -15.60 -12.23 -14.25
N LEU C 425 -16.88 -12.47 -14.04
CA LEU C 425 -17.85 -12.02 -15.02
C LEU C 425 -18.18 -10.54 -14.83
N VAL C 426 -18.37 -10.12 -13.59
CA VAL C 426 -18.68 -8.72 -13.32
C VAL C 426 -17.49 -7.84 -13.66
N PHE C 427 -16.36 -8.14 -13.05
CA PHE C 427 -15.13 -7.44 -13.33
C PHE C 427 -14.43 -8.19 -14.45
N GLY C 428 -13.16 -7.94 -14.66
CA GLY C 428 -12.41 -8.70 -15.62
C GLY C 428 -12.43 -8.14 -17.01
N THR C 429 -13.42 -7.35 -17.34
CA THR C 429 -13.29 -6.43 -18.46
C THR C 429 -12.82 -5.08 -18.00
N GLN C 430 -12.62 -4.91 -16.71
CA GLN C 430 -12.32 -3.60 -16.14
C GLN C 430 -11.06 -3.67 -15.31
N VAL C 431 -11.10 -4.44 -14.25
CA VAL C 431 -10.06 -4.42 -13.23
C VAL C 431 -8.95 -5.37 -13.63
N ASP C 432 -7.71 -4.89 -13.53
CA ASP C 432 -6.56 -5.73 -13.83
C ASP C 432 -6.56 -6.99 -12.98
N ASP C 433 -6.76 -6.84 -11.68
CA ASP C 433 -6.65 -7.96 -10.77
C ASP C 433 -7.59 -9.09 -11.13
N PHE C 434 -8.72 -8.77 -11.73
CA PHE C 434 -9.69 -9.78 -12.13
C PHE C 434 -9.59 -10.16 -13.60
N SER C 435 -8.57 -9.65 -14.30
CA SER C 435 -8.52 -9.78 -15.76
C SER C 435 -8.76 -11.20 -16.23
N THR C 436 -8.16 -12.18 -15.57
CA THR C 436 -8.31 -13.57 -15.97
C THR C 436 -8.86 -14.38 -14.81
N PHE C 437 -9.45 -15.53 -15.15
CA PHE C 437 -10.04 -16.34 -14.10
C PHE C 437 -8.98 -16.87 -13.14
N GLN C 438 -7.78 -17.17 -13.63
CA GLN C 438 -6.71 -17.56 -12.73
C GLN C 438 -6.50 -16.50 -11.67
N GLU C 439 -6.44 -15.24 -12.09
CA GLU C 439 -6.04 -14.19 -11.19
C GLU C 439 -7.18 -13.72 -10.31
N CYS C 440 -8.42 -14.01 -10.69
CA CYS C 440 -9.52 -13.78 -9.76
C CYS C 440 -9.35 -14.63 -8.52
N ILE C 441 -8.91 -15.87 -8.68
CA ILE C 441 -8.65 -16.72 -7.53
C ILE C 441 -7.59 -16.10 -6.65
N PHE C 442 -6.47 -15.70 -7.25
CA PHE C 442 -5.39 -15.13 -6.48
C PHE C 442 -5.83 -13.86 -5.78
N THR C 443 -6.60 -13.03 -6.48
CA THR C 443 -7.07 -11.79 -5.88
C THR C 443 -7.89 -12.07 -4.64
N GLN C 444 -8.69 -13.13 -4.66
CA GLN C 444 -9.52 -13.39 -3.50
C GLN C 444 -8.70 -13.84 -2.31
N PHE C 445 -7.57 -14.50 -2.53
CA PHE C 445 -6.67 -14.73 -1.42
C PHE C 445 -6.13 -13.42 -0.90
N ARG C 446 -5.71 -12.52 -1.79
CA ARG C 446 -5.18 -11.25 -1.32
C ARG C 446 -6.23 -10.48 -0.53
N ILE C 447 -7.50 -10.61 -0.90
CA ILE C 447 -8.54 -9.92 -0.15
C ILE C 447 -8.65 -10.48 1.26
N ILE C 448 -8.64 -11.81 1.38
CA ILE C 448 -8.71 -12.41 2.71
C ILE C 448 -7.59 -11.91 3.59
N LEU C 449 -6.40 -11.77 3.03
CA LEU C 449 -5.28 -11.29 3.81
C LEU C 449 -5.32 -9.80 4.05
N GLY C 450 -6.10 -9.07 3.25
CA GLY C 450 -6.18 -7.63 3.40
C GLY C 450 -5.49 -6.84 2.32
N ASP C 451 -4.84 -7.49 1.36
CA ASP C 451 -4.31 -6.77 0.22
C ASP C 451 -5.44 -6.50 -0.76
N ILE C 452 -5.74 -5.22 -0.97
CA ILE C 452 -6.93 -4.83 -1.72
C ILE C 452 -6.63 -3.55 -2.45
N ASN C 453 -7.16 -3.42 -3.65
CA ASN C 453 -7.45 -2.11 -4.20
C ASN C 453 -8.96 -2.06 -4.32
N PHE C 454 -9.61 -1.36 -3.39
CA PHE C 454 -11.05 -1.29 -3.43
C PHE C 454 -11.53 -0.22 -4.39
N ALA C 455 -10.78 0.86 -4.53
CA ALA C 455 -11.20 1.97 -5.36
C ALA C 455 -11.55 1.51 -6.76
N GLU C 456 -10.63 0.79 -7.40
CA GLU C 456 -10.88 0.37 -8.76
C GLU C 456 -11.97 -0.67 -8.87
N ILE C 457 -12.27 -1.39 -7.80
CA ILE C 457 -13.43 -2.27 -7.81
C ILE C 457 -14.70 -1.44 -7.85
N GLU C 458 -14.78 -0.41 -7.02
CA GLU C 458 -15.99 0.40 -6.98
C GLU C 458 -16.16 1.19 -8.27
N GLU C 459 -15.06 1.63 -8.88
CA GLU C 459 -15.17 2.34 -10.14
C GLU C 459 -15.70 1.43 -11.24
N ALA C 460 -15.31 0.16 -11.21
CA ALA C 460 -15.74 -0.77 -12.25
C ALA C 460 -17.25 -0.93 -12.23
N ASN C 461 -17.80 -1.35 -11.10
CA ASN C 461 -19.23 -1.47 -10.94
C ASN C 461 -19.60 -0.89 -9.59
N ARG C 462 -20.43 0.14 -9.60
CA ARG C 462 -20.74 0.84 -8.37
C ARG C 462 -21.81 0.16 -7.54
N VAL C 463 -22.37 -0.94 -8.01
CA VAL C 463 -23.38 -1.69 -7.28
C VAL C 463 -22.86 -3.04 -6.85
N LEU C 464 -22.55 -3.91 -7.81
CA LEU C 464 -22.04 -5.22 -7.43
C LEU C 464 -20.67 -5.14 -6.80
N GLY C 465 -19.87 -4.15 -7.18
CA GLY C 465 -18.56 -3.99 -6.61
C GLY C 465 -18.62 -4.00 -5.10
N PRO C 466 -19.44 -3.12 -4.54
CA PRO C 466 -19.64 -3.15 -3.09
C PRO C 466 -20.32 -4.41 -2.60
N ILE C 467 -21.31 -4.91 -3.31
CA ILE C 467 -22.01 -6.09 -2.85
C ILE C 467 -21.08 -7.30 -2.85
N TYR C 468 -20.38 -7.52 -3.96
CA TYR C 468 -19.40 -8.59 -4.00
C TYR C 468 -18.43 -8.48 -2.83
N PHE C 469 -17.79 -7.33 -2.70
CA PHE C 469 -16.77 -7.17 -1.68
C PHE C 469 -17.35 -7.40 -0.29
N THR C 470 -18.50 -6.80 -0.01
CA THR C 470 -19.10 -6.95 1.31
C THR C 470 -19.44 -8.40 1.61
N THR C 471 -20.26 -9.00 0.75
CA THR C 471 -20.69 -10.37 1.01
C THR C 471 -19.53 -11.33 1.07
N PHE C 472 -18.58 -11.18 0.16
CA PHE C 472 -17.41 -12.05 0.19
C PHE C 472 -16.68 -11.91 1.51
N VAL C 473 -16.30 -10.69 1.88
CA VAL C 473 -15.62 -10.48 3.14
C VAL C 473 -16.47 -10.98 4.29
N PHE C 474 -17.78 -10.88 4.19
CA PHE C 474 -18.59 -11.31 5.31
C PHE C 474 -18.60 -12.82 5.40
N PHE C 475 -19.20 -13.50 4.43
CA PHE C 475 -19.36 -14.94 4.53
C PHE C 475 -18.03 -15.65 4.61
N MET C 476 -17.08 -15.28 3.76
CA MET C 476 -15.83 -16.01 3.72
C MET C 476 -14.99 -15.75 4.97
N PHE C 477 -14.74 -14.48 5.26
CA PHE C 477 -13.79 -14.16 6.31
C PHE C 477 -14.39 -14.32 7.70
N PHE C 478 -15.64 -13.91 7.90
CA PHE C 478 -16.26 -14.07 9.20
C PHE C 478 -16.68 -15.52 9.43
N ILE C 479 -17.64 -15.98 8.65
CA ILE C 479 -18.28 -17.27 8.94
C ILE C 479 -17.38 -18.42 8.52
N LEU C 480 -16.94 -18.43 7.26
CA LEU C 480 -16.41 -19.69 6.74
C LEU C 480 -15.02 -20.00 7.24
N LEU C 481 -14.11 -19.02 7.28
CA LEU C 481 -12.80 -19.30 7.84
C LEU C 481 -12.94 -19.90 9.22
N ASN C 482 -13.84 -19.35 10.01
CA ASN C 482 -14.05 -19.86 11.35
C ASN C 482 -14.58 -21.28 11.36
N MET C 483 -15.03 -21.79 10.22
CA MET C 483 -15.53 -23.15 10.23
C MET C 483 -14.40 -24.16 10.22
N PHE C 484 -13.28 -23.84 9.59
CA PHE C 484 -12.08 -24.65 9.78
C PHE C 484 -11.73 -24.73 11.25
N LEU C 485 -11.53 -23.57 11.85
CA LEU C 485 -11.07 -23.52 13.22
C LEU C 485 -12.06 -24.19 14.15
N ALA C 486 -13.33 -24.24 13.78
CA ALA C 486 -14.27 -25.02 14.55
C ALA C 486 -13.91 -26.50 14.48
N ILE C 487 -13.57 -26.99 13.30
CA ILE C 487 -13.24 -28.40 13.15
C ILE C 487 -12.01 -28.74 13.96
N ILE C 488 -10.99 -27.88 13.91
CA ILE C 488 -9.73 -28.21 14.56
C ILE C 488 -9.91 -28.31 16.07
N ASN C 489 -10.60 -27.34 16.67
CA ASN C 489 -10.84 -27.40 18.10
C ASN C 489 -11.49 -28.69 18.51
N ASP C 490 -12.59 -29.06 17.86
CA ASP C 490 -13.27 -30.28 18.23
C ASP C 490 -12.33 -31.47 18.15
N THR C 491 -11.74 -31.69 16.99
CA THR C 491 -10.93 -32.88 16.82
C THR C 491 -9.72 -32.86 17.74
N TYR C 492 -9.20 -31.68 18.07
CA TYR C 492 -8.08 -31.63 18.98
C TYR C 492 -8.50 -31.97 20.40
N SER C 493 -9.50 -31.25 20.91
CA SER C 493 -9.92 -31.49 22.29
C SER C 493 -10.43 -32.90 22.46
N GLU C 494 -10.99 -33.48 21.41
CA GLU C 494 -11.41 -34.88 21.49
C GLU C 494 -10.22 -35.79 21.69
N VAL C 495 -9.14 -35.57 20.94
CA VAL C 495 -7.97 -36.43 21.08
C VAL C 495 -7.31 -36.23 22.43
N LYS C 496 -7.33 -35.01 22.96
CA LYS C 496 -6.82 -34.85 24.32
C LYS C 496 -7.74 -35.51 25.33
N SER C 497 -9.01 -35.66 25.01
CA SER C 497 -9.93 -36.30 25.94
C SER C 497 -9.58 -37.77 26.13
N ASP C 498 -9.50 -38.53 25.05
CA ASP C 498 -9.37 -39.98 25.19
C ASP C 498 -7.94 -40.39 25.54
N LEU C 499 -6.94 -39.71 24.99
CA LEU C 499 -5.56 -40.03 25.36
C LEU C 499 -5.35 -39.80 26.86
N ALA C 500 -6.02 -38.79 27.43
CA ALA C 500 -5.97 -38.62 28.87
C ALA C 500 -6.57 -39.83 29.59
N GLN C 501 -7.57 -40.47 28.98
CA GLN C 501 -8.15 -41.67 29.55
C GLN C 501 -7.18 -42.83 29.59
N GLN C 502 -6.01 -42.69 28.98
CA GLN C 502 -5.05 -43.79 28.94
C GLN C 502 -3.79 -43.45 29.72
N TYR D 24 -35.19 -44.51 -4.91
CA TYR D 24 -35.23 -43.12 -4.44
C TYR D 24 -33.91 -42.42 -4.73
N LEU D 25 -32.80 -43.09 -4.44
CA LEU D 25 -31.49 -42.53 -4.76
C LEU D 25 -31.32 -42.36 -6.27
N LYS D 26 -32.00 -43.17 -7.06
CA LYS D 26 -31.95 -43.01 -8.51
C LYS D 26 -32.65 -41.72 -8.92
N SER D 27 -33.84 -41.46 -8.36
CA SER D 27 -34.56 -40.23 -8.68
C SER D 27 -33.75 -39.00 -8.30
N VAL D 28 -33.11 -39.02 -7.13
CA VAL D 28 -32.22 -37.93 -6.76
C VAL D 28 -31.10 -37.81 -7.76
N LEU D 29 -30.52 -38.93 -8.18
CA LEU D 29 -29.51 -38.89 -9.24
C LEU D 29 -30.14 -38.56 -10.57
N ARG D 30 -31.42 -38.88 -10.76
CA ARG D 30 -32.10 -38.52 -11.99
C ARG D 30 -32.16 -37.00 -12.17
N GLU D 31 -32.61 -36.29 -11.13
CA GLU D 31 -32.58 -34.84 -11.18
C GLU D 31 -31.16 -34.29 -11.17
N LEU D 32 -30.20 -35.07 -10.68
CA LEU D 32 -28.82 -34.59 -10.61
C LEU D 32 -28.24 -34.39 -11.99
N VAL D 33 -28.29 -35.43 -12.83
CA VAL D 33 -27.70 -35.32 -14.17
C VAL D 33 -28.40 -34.22 -14.96
N THR D 34 -29.71 -34.05 -14.76
CA THR D 34 -30.40 -32.90 -15.32
C THR D 34 -29.70 -31.61 -14.91
N TYR D 35 -29.41 -31.48 -13.63
CA TYR D 35 -28.76 -30.28 -13.12
C TYR D 35 -27.38 -30.11 -13.74
N LEU D 36 -26.62 -31.18 -13.87
CA LEU D 36 -25.25 -31.06 -14.38
C LEU D 36 -25.23 -30.47 -15.77
N LEU D 37 -26.05 -31.00 -16.67
CA LEU D 37 -26.11 -30.44 -18.02
C LEU D 37 -26.44 -28.97 -17.95
N PHE D 38 -27.38 -28.59 -17.09
CA PHE D 38 -27.74 -27.19 -16.95
C PHE D 38 -26.54 -26.36 -16.54
N LEU D 39 -25.61 -26.91 -15.76
CA LEU D 39 -24.37 -26.21 -15.47
C LEU D 39 -23.56 -25.99 -16.74
N ILE D 40 -23.18 -27.08 -17.41
CA ILE D 40 -22.22 -26.96 -18.49
C ILE D 40 -22.80 -26.17 -19.65
N VAL D 41 -24.12 -26.26 -19.86
CA VAL D 41 -24.78 -25.33 -20.76
C VAL D 41 -24.51 -23.90 -20.32
N LEU D 42 -24.85 -23.60 -19.07
CA LEU D 42 -24.62 -22.26 -18.55
C LEU D 42 -23.14 -21.94 -18.48
N CYS D 43 -22.30 -22.94 -18.20
CA CYS D 43 -20.87 -22.71 -18.17
C CYS D 43 -20.35 -22.26 -19.52
N ILE D 44 -20.94 -22.77 -20.61
CA ILE D 44 -20.47 -22.38 -21.93
C ILE D 44 -20.89 -20.96 -22.26
N LEU D 45 -22.16 -20.63 -22.04
CA LEU D 45 -22.66 -19.31 -22.40
C LEU D 45 -21.79 -18.21 -21.80
N THR D 46 -21.53 -18.30 -20.50
CA THR D 46 -20.70 -17.30 -19.85
C THR D 46 -19.32 -17.22 -20.49
N TYR D 47 -18.61 -18.34 -20.54
CA TYR D 47 -17.34 -18.36 -21.24
C TYR D 47 -17.50 -17.92 -22.68
N GLY D 48 -18.62 -18.28 -23.30
CA GLY D 48 -18.85 -17.86 -24.68
C GLY D 48 -19.15 -16.38 -24.77
N MET D 49 -20.12 -15.91 -23.99
CA MET D 49 -20.54 -14.52 -24.07
C MET D 49 -19.45 -13.54 -23.66
N MET D 50 -18.38 -14.01 -23.06
CA MET D 50 -17.28 -13.14 -22.65
C MET D 50 -16.01 -13.59 -23.36
N SER D 51 -15.51 -12.74 -24.24
CA SER D 51 -14.22 -13.00 -24.87
C SER D 51 -13.10 -12.90 -23.83
N SER D 52 -11.96 -13.46 -24.18
CA SER D 52 -10.90 -13.66 -23.19
C SER D 52 -10.21 -12.35 -22.83
N ASN D 53 -9.53 -11.75 -23.80
CA ASN D 53 -8.57 -10.68 -23.53
C ASN D 53 -9.21 -9.30 -23.52
N VAL D 54 -10.54 -9.22 -23.55
CA VAL D 54 -11.23 -7.95 -23.64
C VAL D 54 -10.65 -6.92 -22.66
N TYR D 55 -10.20 -7.39 -21.50
CA TYR D 55 -9.60 -6.47 -20.54
C TYR D 55 -8.59 -5.55 -21.18
N TYR D 56 -7.71 -6.10 -22.01
CA TYR D 56 -6.71 -5.23 -22.62
C TYR D 56 -7.32 -4.28 -23.62
N TYR D 57 -8.50 -4.60 -24.14
CA TYR D 57 -9.12 -3.68 -25.09
C TYR D 57 -9.59 -2.42 -24.40
N THR D 58 -10.19 -2.54 -23.22
CA THR D 58 -10.54 -1.35 -22.47
C THR D 58 -9.30 -0.67 -21.92
N ARG D 59 -8.37 -1.47 -21.40
CA ARG D 59 -7.17 -0.91 -20.79
C ARG D 59 -6.44 0.01 -21.75
N MET D 60 -6.37 -0.37 -23.02
CA MET D 60 -5.68 0.50 -23.96
C MET D 60 -6.48 1.76 -24.22
N MET D 61 -7.80 1.64 -24.31
CA MET D 61 -8.63 2.83 -24.47
C MET D 61 -8.45 3.75 -23.28
N SER D 62 -8.56 3.22 -22.07
CA SER D 62 -8.50 4.07 -20.89
C SER D 62 -7.16 4.78 -20.80
N GLN D 63 -6.06 4.03 -20.92
CA GLN D 63 -4.75 4.67 -20.83
C GLN D 63 -4.57 5.71 -21.90
N LEU D 64 -5.21 5.52 -23.05
CA LEU D 64 -5.06 6.52 -24.11
C LEU D 64 -5.72 7.83 -23.73
N PHE D 65 -6.88 7.77 -23.12
CA PHE D 65 -7.63 8.98 -22.76
C PHE D 65 -7.37 9.40 -21.32
N LEU D 66 -7.72 8.55 -20.37
CA LEU D 66 -7.59 8.92 -18.97
C LEU D 66 -6.15 9.28 -18.62
N ASP D 67 -5.21 8.43 -18.99
CA ASP D 67 -3.88 8.43 -18.41
C ASP D 67 -2.88 9.32 -19.14
N THR D 68 -3.31 10.11 -20.10
CA THR D 68 -2.21 10.80 -20.73
C THR D 68 -2.23 12.26 -20.35
N PRO D 69 -1.07 12.91 -20.33
CA PRO D 69 -1.02 14.31 -19.91
C PRO D 69 -1.92 15.16 -20.78
N VAL D 70 -2.69 16.03 -20.12
CA VAL D 70 -3.64 16.88 -20.82
C VAL D 70 -2.95 17.65 -21.94
N SER D 71 -1.72 18.10 -21.69
CA SER D 71 -0.92 18.73 -22.72
C SER D 71 0.54 18.36 -22.51
N LYS D 72 1.34 18.55 -23.56
CA LYS D 72 2.74 18.16 -23.48
C LYS D 72 3.46 18.87 -22.35
N THR D 73 3.06 20.10 -22.04
CA THR D 73 3.67 20.84 -20.94
C THR D 73 2.96 20.64 -19.62
N GLU D 74 1.84 19.94 -19.60
CA GLU D 74 1.03 19.78 -18.39
C GLU D 74 1.19 18.37 -17.84
N LYS D 75 1.14 18.26 -16.52
CA LYS D 75 1.30 16.97 -15.86
C LYS D 75 -0.02 16.31 -15.49
N THR D 76 -1.15 16.94 -15.74
CA THR D 76 -2.42 16.40 -15.29
C THR D 76 -2.97 15.38 -16.27
N ASN D 77 -3.64 14.37 -15.73
CA ASN D 77 -4.38 13.41 -16.52
C ASN D 77 -5.79 13.93 -16.76
N PHE D 78 -6.65 13.10 -17.33
CA PHE D 78 -8.06 13.35 -17.21
C PHE D 78 -8.55 13.03 -15.81
N LYS D 79 -7.94 12.05 -15.16
CA LYS D 79 -8.31 11.71 -13.80
C LYS D 79 -8.01 12.83 -12.82
N THR D 80 -7.13 13.75 -13.20
CA THR D 80 -6.59 14.74 -12.28
C THR D 80 -7.29 16.09 -12.42
N LEU D 81 -8.24 16.25 -13.33
CA LEU D 81 -8.75 17.57 -13.67
C LEU D 81 -9.25 18.30 -12.43
N SER D 82 -8.67 19.47 -12.16
CA SER D 82 -9.09 20.27 -11.02
C SER D 82 -9.94 21.48 -11.38
N SER D 83 -10.11 21.83 -12.65
CA SER D 83 -10.74 23.11 -12.94
C SER D 83 -11.25 23.13 -14.36
N MET D 84 -12.15 24.09 -14.63
CA MET D 84 -12.63 24.28 -15.99
C MET D 84 -11.48 24.52 -16.95
N GLU D 85 -10.52 25.35 -16.55
CA GLU D 85 -9.37 25.60 -17.41
C GLU D 85 -8.70 24.30 -17.79
N ASP D 86 -8.53 23.40 -16.83
CA ASP D 86 -7.97 22.09 -17.14
C ASP D 86 -8.84 21.34 -18.12
N PHE D 87 -10.16 21.48 -17.98
CA PHE D 87 -11.07 20.75 -18.85
C PHE D 87 -10.90 21.17 -20.29
N TRP D 88 -10.94 22.47 -20.56
CA TRP D 88 -10.75 22.92 -21.93
C TRP D 88 -9.41 22.47 -22.48
N LYS D 89 -8.38 22.47 -21.63
CA LYS D 89 -7.10 21.94 -22.08
C LYS D 89 -7.21 20.48 -22.45
N PHE D 90 -8.14 19.75 -21.82
CA PHE D 90 -8.30 18.35 -22.14
C PHE D 90 -9.00 18.17 -23.47
N THR D 91 -10.09 18.88 -23.68
CA THR D 91 -10.83 18.73 -24.93
C THR D 91 -9.97 19.10 -26.12
N GLU D 92 -9.45 20.32 -26.14
CA GLU D 92 -8.53 20.72 -27.19
C GLU D 92 -7.21 19.96 -27.12
N GLY D 93 -7.00 19.22 -26.06
CA GLY D 93 -5.81 18.47 -25.74
C GLY D 93 -5.94 17.01 -26.07
N SER D 94 -5.44 16.17 -25.16
CA SER D 94 -5.31 14.74 -25.39
C SER D 94 -6.56 14.12 -25.99
N LEU D 95 -7.75 14.65 -25.69
CA LEU D 95 -8.96 14.07 -26.25
C LEU D 95 -8.90 14.07 -27.77
N LEU D 96 -8.76 15.24 -28.37
CA LEU D 96 -8.70 15.30 -29.83
C LEU D 96 -7.55 14.44 -30.36
N ASP D 97 -6.37 14.60 -29.77
CA ASP D 97 -5.24 13.81 -30.19
C ASP D 97 -5.44 12.34 -29.88
N GLY D 98 -6.37 12.01 -28.99
CA GLY D 98 -6.69 10.62 -28.77
C GLY D 98 -7.71 10.09 -29.76
N LEU D 99 -8.62 10.93 -30.23
CA LEU D 99 -9.65 10.45 -31.13
C LEU D 99 -9.21 10.36 -32.57
N TYR D 100 -8.17 11.08 -32.97
CA TYR D 100 -7.87 11.22 -34.37
C TYR D 100 -6.46 10.72 -34.67
N TRP D 101 -6.33 10.04 -35.80
CA TRP D 101 -5.13 9.32 -36.17
C TRP D 101 -4.99 9.40 -37.68
N LYS D 102 -3.76 9.56 -38.15
CA LYS D 102 -3.52 9.55 -39.59
C LYS D 102 -2.29 8.71 -39.93
N MET D 103 -2.41 7.64 -40.71
CA MET D 103 -3.62 7.08 -41.34
C MET D 103 -4.35 8.06 -42.25
N GLU D 110 -7.32 5.88 -43.64
CA GLU D 110 -6.88 5.93 -45.03
C GLU D 110 -7.97 6.51 -45.93
N ALA D 111 -9.11 6.81 -45.32
CA ALA D 111 -10.25 7.37 -46.06
C ALA D 111 -10.01 8.72 -46.75
N ASP D 112 -9.39 9.72 -46.12
CA ASP D 112 -8.83 9.67 -44.77
C ASP D 112 -9.81 10.20 -43.74
N ASN D 113 -11.02 10.51 -44.18
CA ASN D 113 -12.04 11.01 -43.27
C ASN D 113 -12.30 10.05 -42.11
N ARG D 114 -11.87 8.80 -42.23
CA ARG D 114 -12.03 7.80 -41.19
C ARG D 114 -10.73 7.67 -40.41
N SER D 115 -10.84 7.53 -39.09
CA SER D 115 -9.68 7.50 -38.21
C SER D 115 -9.69 6.23 -37.39
N PHE D 116 -8.60 5.48 -37.45
CA PHE D 116 -8.48 4.21 -36.74
C PHE D 116 -7.64 4.45 -35.50
N ILE D 117 -8.27 4.38 -34.33
CA ILE D 117 -7.51 4.51 -33.09
C ILE D 117 -6.59 3.32 -32.94
N PHE D 118 -5.31 3.58 -32.68
CA PHE D 118 -4.29 2.55 -32.62
C PHE D 118 -4.10 1.89 -33.97
N TYR D 119 -4.87 2.32 -34.95
CA TYR D 119 -4.98 1.82 -36.31
C TYR D 119 -5.90 0.60 -36.36
N GLU D 120 -6.27 0.04 -35.22
CA GLU D 120 -7.17 -1.10 -35.19
C GLU D 120 -8.62 -0.74 -34.95
N ASN D 121 -8.94 0.49 -34.57
CA ASN D 121 -10.24 0.80 -34.00
C ASN D 121 -10.88 1.98 -34.70
N LEU D 122 -12.00 1.73 -35.39
CA LEU D 122 -12.79 2.82 -35.92
C LEU D 122 -13.29 3.72 -34.81
N LEU D 123 -13.13 5.03 -35.01
CA LEU D 123 -13.99 5.97 -34.34
C LEU D 123 -15.30 5.97 -35.09
N LEU D 124 -16.36 5.59 -34.42
CA LEU D 124 -17.58 5.18 -35.08
C LEU D 124 -18.52 6.37 -35.10
N GLY D 125 -18.78 6.90 -36.29
CA GLY D 125 -19.64 8.06 -36.37
C GLY D 125 -18.93 9.28 -35.82
N VAL D 126 -19.59 9.97 -34.90
CA VAL D 126 -19.14 11.28 -34.45
C VAL D 126 -19.28 11.41 -32.93
N PRO D 127 -18.34 12.04 -32.24
CA PRO D 127 -18.51 12.28 -30.82
C PRO D 127 -19.60 13.30 -30.54
N ARG D 128 -20.03 13.34 -29.29
CA ARG D 128 -21.04 14.30 -28.86
C ARG D 128 -20.72 14.82 -27.47
N ILE D 129 -20.77 16.13 -27.33
CA ILE D 129 -20.60 16.79 -26.04
C ILE D 129 -21.93 17.36 -25.62
N ARG D 130 -22.26 17.20 -24.34
CA ARG D 130 -23.52 17.67 -23.80
C ARG D 130 -23.27 18.21 -22.41
N GLN D 131 -23.93 19.30 -22.06
CA GLN D 131 -23.79 19.82 -20.71
C GLN D 131 -25.16 19.98 -20.08
N LEU D 132 -25.15 20.13 -18.76
CA LEU D 132 -26.34 20.41 -17.99
C LEU D 132 -26.15 21.72 -17.24
N ARG D 133 -27.22 22.48 -17.09
CA ARG D 133 -27.11 23.85 -16.64
C ARG D 133 -28.25 24.17 -15.67
N VAL D 134 -27.92 24.96 -14.66
CA VAL D 134 -28.86 25.32 -13.60
C VAL D 134 -29.20 26.81 -13.71
N ARG D 135 -30.44 27.13 -13.36
CA ARG D 135 -30.92 28.50 -13.46
C ARG D 135 -30.22 29.40 -12.47
N ASN D 136 -30.28 30.70 -12.78
CA ASN D 136 -29.74 31.73 -11.89
C ASN D 136 -30.36 31.64 -10.50
N GLY D 137 -31.62 32.03 -10.38
CA GLY D 137 -32.18 32.26 -9.07
C GLY D 137 -32.57 31.00 -8.34
N SER D 138 -32.05 29.87 -8.80
CA SER D 138 -32.40 28.57 -8.22
C SER D 138 -32.27 28.56 -6.71
N CYS D 139 -31.22 29.17 -6.19
CA CYS D 139 -30.99 29.30 -4.76
C CYS D 139 -31.32 30.72 -4.29
N SER D 140 -31.09 30.96 -3.00
CA SER D 140 -31.43 32.25 -2.41
C SER D 140 -30.27 32.72 -1.54
N ILE D 141 -29.90 33.98 -1.72
CA ILE D 141 -28.79 34.56 -0.98
C ILE D 141 -29.32 35.07 0.35
N PRO D 142 -28.62 34.85 1.46
CA PRO D 142 -29.07 35.41 2.74
C PRO D 142 -29.15 36.92 2.67
N GLN D 143 -30.20 37.47 3.30
CA GLN D 143 -30.47 38.90 3.18
C GLN D 143 -29.31 39.75 3.61
N ASP D 144 -28.49 39.25 4.54
CA ASP D 144 -27.36 40.04 5.01
C ASP D 144 -26.36 40.31 3.90
N LEU D 145 -26.11 39.31 3.06
CA LEU D 145 -25.05 39.43 2.05
C LEU D 145 -25.57 39.85 0.69
N ARG D 146 -26.87 40.10 0.54
CA ARG D 146 -27.41 40.45 -0.77
C ARG D 146 -26.70 41.65 -1.35
N ASP D 147 -26.33 42.61 -0.51
CA ASP D 147 -25.53 43.72 -0.99
C ASP D 147 -24.19 43.23 -1.52
N GLU D 148 -23.66 42.15 -0.95
CA GLU D 148 -22.36 41.65 -1.40
C GLU D 148 -22.52 40.81 -2.67
N ILE D 149 -23.13 39.65 -2.55
CA ILE D 149 -23.16 38.67 -3.62
C ILE D 149 -24.38 38.91 -4.50
N LYS D 150 -24.17 38.96 -5.80
CA LYS D 150 -25.26 39.26 -6.73
C LYS D 150 -26.09 38.02 -7.03
N GLU D 151 -25.47 36.87 -7.24
CA GLU D 151 -26.18 35.74 -7.82
C GLU D 151 -25.58 34.42 -7.34
N CYS D 152 -26.44 33.42 -7.23
CA CYS D 152 -26.01 32.10 -6.80
C CYS D 152 -26.51 31.08 -7.81
N TYR D 153 -25.98 29.86 -7.73
CA TYR D 153 -26.46 28.77 -8.57
C TYR D 153 -26.55 27.51 -7.72
N ASP D 154 -27.75 26.96 -7.61
CA ASP D 154 -27.98 25.85 -6.71
C ASP D 154 -27.37 24.57 -7.25
N VAL D 155 -27.22 23.59 -6.37
CA VAL D 155 -26.83 22.24 -6.72
C VAL D 155 -27.80 21.69 -7.76
N TYR D 156 -27.30 20.85 -8.67
CA TYR D 156 -28.13 20.36 -9.75
C TYR D 156 -29.33 19.59 -9.23
N SER D 157 -30.48 19.87 -9.80
CA SER D 157 -31.70 19.11 -9.52
C SER D 157 -32.64 19.33 -10.68
N VAL D 158 -33.60 18.42 -10.82
CA VAL D 158 -34.55 18.53 -11.92
C VAL D 158 -35.30 19.85 -11.84
N SER D 159 -35.62 20.29 -10.62
CA SER D 159 -36.35 21.54 -10.47
C SER D 159 -35.52 22.73 -10.91
N SER D 160 -34.24 22.75 -10.53
CA SER D 160 -33.40 23.91 -10.77
C SER D 160 -32.79 23.94 -12.16
N GLU D 161 -33.09 22.96 -13.00
CA GLU D 161 -32.46 22.88 -14.30
C GLU D 161 -32.79 24.10 -15.15
N ASP D 162 -31.86 24.48 -16.02
CA ASP D 162 -31.99 25.68 -16.83
C ASP D 162 -32.31 25.30 -18.26
N ARG D 163 -33.50 25.67 -18.72
CA ARG D 163 -33.93 25.42 -20.09
C ARG D 163 -33.81 26.64 -20.99
N ALA D 164 -33.36 27.74 -20.43
CA ALA D 164 -33.24 28.97 -21.17
C ALA D 164 -32.15 28.88 -22.20
N PRO D 165 -32.39 29.47 -23.35
CA PRO D 165 -31.40 29.50 -24.44
C PRO D 165 -30.31 30.55 -24.23
N PHE D 166 -29.30 30.20 -23.45
CA PHE D 166 -28.25 31.15 -23.15
C PHE D 166 -27.33 31.33 -24.34
N GLY D 167 -26.57 32.43 -24.32
CA GLY D 167 -25.52 32.63 -25.27
C GLY D 167 -26.01 33.10 -26.62
N PRO D 168 -25.18 32.93 -27.64
CA PRO D 168 -25.54 33.42 -28.98
C PRO D 168 -26.78 32.80 -29.55
N ARG D 169 -27.25 31.68 -29.01
CA ARG D 169 -28.51 31.05 -29.42
C ARG D 169 -28.45 30.59 -30.87
N ASN D 170 -27.26 30.24 -31.35
CA ASN D 170 -27.09 29.91 -32.75
C ASN D 170 -27.20 28.44 -33.06
N GLY D 171 -27.48 27.58 -32.10
CA GLY D 171 -27.57 26.18 -32.44
C GLY D 171 -27.79 25.30 -31.24
N THR D 172 -27.77 24.00 -31.50
CA THR D 172 -28.09 23.01 -30.47
C THR D 172 -27.18 23.13 -29.26
N ALA D 173 -26.01 23.75 -29.42
CA ALA D 173 -25.16 23.94 -28.26
C ALA D 173 -25.77 24.92 -27.29
N TRP D 174 -26.42 25.96 -27.80
CA TRP D 174 -26.98 26.99 -26.96
C TRP D 174 -28.47 26.87 -26.71
N ILE D 175 -29.12 25.82 -27.20
CA ILE D 175 -30.56 25.69 -27.03
C ILE D 175 -30.86 24.37 -26.33
N TYR D 176 -31.75 24.43 -25.36
CA TYR D 176 -32.11 23.24 -24.61
C TYR D 176 -32.90 22.27 -25.47
N THR D 177 -32.66 20.98 -25.27
CA THR D 177 -33.42 19.95 -25.95
C THR D 177 -33.83 18.89 -24.95
N SER D 178 -35.09 18.47 -25.05
CA SER D 178 -35.66 17.59 -24.04
C SER D 178 -35.07 16.19 -24.14
N GLU D 179 -35.16 15.46 -23.03
CA GLU D 179 -34.67 14.09 -23.00
C GLU D 179 -35.42 13.20 -23.96
N LYS D 180 -36.68 13.53 -24.26
CA LYS D 180 -37.38 12.77 -25.29
C LYS D 180 -36.85 13.13 -26.67
N ASP D 181 -36.81 14.43 -26.98
CA ASP D 181 -36.41 14.86 -28.31
C ASP D 181 -34.96 14.51 -28.58
N LEU D 182 -34.15 14.52 -27.54
CA LEU D 182 -32.77 14.06 -27.62
C LEU D 182 -32.72 12.66 -27.03
N ASN D 183 -32.59 11.66 -27.89
CA ASN D 183 -32.68 10.28 -27.44
C ASN D 183 -31.64 10.03 -26.38
N GLY D 184 -32.07 9.57 -25.22
CA GLY D 184 -31.13 9.41 -24.12
C GLY D 184 -31.87 9.14 -22.84
N SER D 185 -31.10 8.73 -21.84
CA SER D 185 -31.65 8.27 -20.57
C SER D 185 -30.89 8.93 -19.44
N SER D 186 -31.48 8.85 -18.25
CA SER D 186 -30.86 9.43 -17.07
C SER D 186 -29.60 8.66 -16.70
N HIS D 187 -28.52 9.38 -16.48
CA HIS D 187 -27.28 8.79 -16.04
C HIS D 187 -27.05 9.12 -14.58
N TRP D 188 -26.53 8.15 -13.84
CA TRP D 188 -26.35 8.27 -12.40
C TRP D 188 -24.88 8.54 -12.11
N GLY D 189 -24.58 9.79 -11.76
CA GLY D 189 -23.22 10.21 -11.48
C GLY D 189 -22.90 10.07 -10.02
N ILE D 190 -21.77 10.64 -9.62
CA ILE D 190 -21.31 10.40 -8.27
C ILE D 190 -22.02 11.33 -7.28
N ILE D 191 -22.19 12.62 -7.59
CA ILE D 191 -22.95 13.48 -6.70
C ILE D 191 -24.41 13.63 -7.09
N ALA D 192 -24.82 13.18 -8.27
CA ALA D 192 -26.19 13.43 -8.69
C ALA D 192 -26.58 12.48 -9.80
N THR D 193 -27.87 12.39 -10.03
CA THR D 193 -28.42 11.77 -11.22
C THR D 193 -28.71 12.84 -12.25
N TYR D 194 -28.39 12.57 -13.50
CA TYR D 194 -28.45 13.57 -14.54
C TYR D 194 -29.40 13.13 -15.64
N SER D 195 -30.29 14.01 -16.04
CA SER D 195 -31.21 13.67 -17.11
C SER D 195 -30.48 13.61 -18.44
N GLY D 196 -31.10 12.92 -19.39
CA GLY D 196 -30.53 12.86 -20.72
C GLY D 196 -30.62 14.17 -21.48
N ALA D 197 -31.55 15.03 -21.10
CA ALA D 197 -31.73 16.30 -21.77
C ALA D 197 -30.51 17.19 -21.53
N GLY D 198 -30.40 18.24 -22.33
CA GLY D 198 -29.40 19.24 -22.05
C GLY D 198 -29.05 20.02 -23.30
N TYR D 199 -27.92 20.71 -23.23
CA TYR D 199 -27.36 21.44 -24.34
C TYR D 199 -26.24 20.60 -24.92
N TYR D 200 -26.38 20.18 -26.17
CA TYR D 200 -25.39 19.30 -26.74
C TYR D 200 -24.89 19.87 -28.05
N LEU D 201 -23.74 19.36 -28.47
CA LEU D 201 -23.20 19.66 -29.79
C LEU D 201 -22.52 18.41 -30.32
N ASP D 202 -22.77 18.11 -31.59
CA ASP D 202 -22.11 16.99 -32.23
C ASP D 202 -20.86 17.47 -32.94
N LEU D 203 -19.77 16.76 -32.73
CA LEU D 203 -18.48 17.14 -33.29
C LEU D 203 -18.42 16.74 -34.75
N SER D 204 -17.24 16.72 -35.34
CA SER D 204 -17.09 16.40 -36.75
C SER D 204 -16.24 15.16 -36.93
N ARG D 205 -16.08 14.77 -38.20
CA ARG D 205 -15.36 13.54 -38.52
C ARG D 205 -13.85 13.72 -38.37
N THR D 206 -13.34 14.93 -38.60
CA THR D 206 -11.92 15.15 -38.69
C THR D 206 -11.45 16.06 -37.57
N ARG D 207 -10.18 15.92 -37.21
CA ARG D 207 -9.66 16.68 -36.08
C ARG D 207 -9.71 18.17 -36.34
N GLU D 208 -9.50 18.58 -37.60
CA GLU D 208 -9.43 20.01 -37.90
C GLU D 208 -10.77 20.68 -37.71
N GLU D 209 -11.85 20.00 -38.09
CA GLU D 209 -13.17 20.60 -37.99
C GLU D 209 -13.61 20.72 -36.54
N THR D 210 -13.43 19.66 -35.76
CA THR D 210 -13.85 19.70 -34.37
C THR D 210 -13.08 20.77 -33.61
N ALA D 211 -11.77 20.80 -33.78
CA ALA D 211 -10.96 21.78 -33.08
C ALA D 211 -11.46 23.19 -33.32
N ALA D 212 -12.07 23.43 -34.48
CA ALA D 212 -12.71 24.72 -34.70
C ALA D 212 -13.93 24.87 -33.82
N GLN D 213 -14.81 23.86 -33.81
CA GLN D 213 -16.02 23.94 -33.01
C GLN D 213 -15.69 24.16 -31.55
N VAL D 214 -14.89 23.27 -30.97
CA VAL D 214 -14.55 23.38 -29.56
C VAL D 214 -13.96 24.75 -29.25
N ALA D 215 -13.10 25.24 -30.14
CA ALA D 215 -12.57 26.59 -29.96
C ALA D 215 -13.70 27.61 -29.86
N SER D 216 -14.70 27.48 -30.73
CA SER D 216 -15.81 28.42 -30.67
C SER D 216 -16.59 28.27 -29.36
N LEU D 217 -16.76 27.03 -28.90
CA LEU D 217 -17.42 26.85 -27.62
C LEU D 217 -16.59 27.39 -26.48
N LYS D 218 -15.27 27.48 -26.67
CA LYS D 218 -14.45 28.11 -25.65
C LYS D 218 -14.44 29.62 -25.82
N LYS D 219 -14.34 30.11 -27.05
CA LYS D 219 -14.34 31.56 -27.29
C LYS D 219 -15.59 32.18 -26.68
N ASN D 220 -16.74 31.93 -27.28
CA ASN D 220 -17.97 32.12 -26.54
C ASN D 220 -17.89 31.26 -25.30
N VAL D 221 -18.51 31.69 -24.21
CA VAL D 221 -18.37 30.96 -22.97
C VAL D 221 -19.51 29.96 -22.92
N TRP D 222 -19.20 28.70 -23.17
CA TRP D 222 -20.18 27.64 -23.11
C TRP D 222 -20.12 26.86 -21.82
N LEU D 223 -19.14 27.14 -20.97
CA LEU D 223 -19.09 26.59 -19.62
C LEU D 223 -19.08 27.76 -18.67
N ASP D 224 -20.16 27.90 -17.91
CA ASP D 224 -20.33 29.09 -17.09
C ASP D 224 -20.57 28.70 -15.65
N ARG D 225 -20.89 29.69 -14.82
CA ARG D 225 -21.26 29.42 -13.44
C ARG D 225 -22.31 28.33 -13.35
N GLY D 226 -23.22 28.27 -14.30
CA GLY D 226 -24.36 27.40 -14.20
C GLY D 226 -24.17 25.99 -14.69
N THR D 227 -23.01 25.64 -15.22
CA THR D 227 -22.82 24.30 -15.74
C THR D 227 -22.52 23.35 -14.61
N ARG D 228 -23.41 22.38 -14.39
CA ARG D 228 -23.13 21.34 -13.41
C ARG D 228 -22.34 20.17 -13.97
N ALA D 229 -22.67 19.72 -15.18
CA ALA D 229 -22.05 18.51 -15.67
C ALA D 229 -21.91 18.58 -17.18
N THR D 230 -20.85 17.98 -17.69
CA THR D 230 -20.66 17.84 -19.12
C THR D 230 -20.35 16.39 -19.45
N PHE D 231 -20.96 15.90 -20.51
CA PHE D 231 -20.77 14.54 -20.98
C PHE D 231 -20.01 14.56 -22.29
N ILE D 232 -19.14 13.58 -22.47
CA ILE D 232 -18.51 13.35 -23.76
C ILE D 232 -18.70 11.88 -24.09
N ASP D 233 -19.43 11.60 -25.16
CA ASP D 233 -19.76 10.24 -25.50
C ASP D 233 -19.38 9.96 -26.94
N PHE D 234 -18.78 8.80 -27.16
CA PHE D 234 -18.47 8.33 -28.49
C PHE D 234 -18.30 6.83 -28.43
N SER D 235 -18.36 6.20 -29.59
CA SER D 235 -18.27 4.75 -29.67
C SER D 235 -17.15 4.36 -30.62
N VAL D 236 -16.56 3.22 -30.34
CA VAL D 236 -15.42 2.73 -31.09
C VAL D 236 -15.66 1.28 -31.46
N TYR D 237 -15.33 0.92 -32.69
CA TYR D 237 -15.53 -0.43 -33.17
C TYR D 237 -14.19 -1.04 -33.57
N ASN D 238 -13.95 -2.24 -33.08
CA ASN D 238 -12.75 -2.99 -33.42
C ASN D 238 -13.13 -4.18 -34.28
N ALA D 239 -12.48 -4.34 -35.41
CA ALA D 239 -12.82 -5.40 -36.33
C ALA D 239 -12.00 -6.67 -36.16
N ASN D 240 -10.93 -6.63 -35.37
CA ASN D 240 -10.07 -7.80 -35.32
C ASN D 240 -10.76 -8.86 -34.50
N ILE D 241 -10.82 -8.67 -33.19
CA ILE D 241 -11.96 -9.17 -32.49
C ILE D 241 -13.16 -8.33 -32.90
N ASN D 242 -14.33 -8.86 -32.68
CA ASN D 242 -15.52 -8.10 -33.04
C ASN D 242 -16.12 -7.56 -31.75
N LEU D 243 -15.89 -6.29 -31.48
CA LEU D 243 -16.49 -5.62 -30.33
C LEU D 243 -16.64 -4.14 -30.61
N PHE D 244 -17.76 -3.60 -30.20
CA PHE D 244 -17.89 -2.17 -30.01
C PHE D 244 -17.40 -1.79 -28.62
N CYS D 245 -16.94 -0.56 -28.49
CA CYS D 245 -16.61 -0.01 -27.19
C CYS D 245 -17.29 1.34 -27.06
N VAL D 246 -18.17 1.47 -26.08
CA VAL D 246 -18.91 2.70 -25.85
C VAL D 246 -18.25 3.43 -24.70
N VAL D 247 -18.00 4.71 -24.90
CA VAL D 247 -17.25 5.52 -23.95
C VAL D 247 -18.13 6.64 -23.44
N ARG D 248 -18.11 6.88 -22.14
CA ARG D 248 -18.72 8.05 -21.54
C ARG D 248 -17.68 8.72 -20.66
N LEU D 249 -17.33 9.94 -21.01
CA LEU D 249 -16.47 10.76 -20.18
C LEU D 249 -17.36 11.77 -19.49
N LEU D 250 -17.50 11.65 -18.18
CA LEU D 250 -18.38 12.49 -17.40
C LEU D 250 -17.54 13.42 -16.54
N VAL D 251 -17.91 14.70 -16.53
CA VAL D 251 -17.25 15.69 -15.72
C VAL D 251 -18.30 16.48 -14.98
N GLU D 252 -18.22 16.49 -13.66
CA GLU D 252 -19.19 17.20 -12.84
C GLU D 252 -18.58 18.47 -12.29
N PHE D 253 -19.41 19.49 -12.13
CA PHE D 253 -19.00 20.78 -11.62
C PHE D 253 -19.83 21.08 -10.40
N PRO D 254 -19.38 20.69 -9.21
CA PRO D 254 -20.17 20.89 -8.00
C PRO D 254 -20.47 22.36 -7.79
N ALA D 255 -21.53 22.62 -7.04
CA ALA D 255 -21.87 24.00 -6.71
C ALA D 255 -20.77 24.67 -5.92
N THR D 256 -19.85 23.90 -5.38
CA THR D 256 -18.72 24.41 -4.61
C THR D 256 -17.55 24.80 -5.48
N GLY D 257 -17.68 24.68 -6.80
CA GLY D 257 -16.55 24.89 -7.67
C GLY D 257 -15.65 23.67 -7.74
N GLY D 258 -14.88 23.60 -8.81
CA GLY D 258 -14.02 22.47 -9.04
C GLY D 258 -14.58 21.53 -10.10
N VAL D 259 -13.95 20.37 -10.19
CA VAL D 259 -14.26 19.37 -11.22
C VAL D 259 -14.14 17.99 -10.61
N ILE D 260 -15.07 17.11 -10.96
CA ILE D 260 -15.00 15.72 -10.52
C ILE D 260 -15.12 14.80 -11.73
N PRO D 261 -14.02 14.36 -12.30
CA PRO D 261 -14.11 13.52 -13.50
C PRO D 261 -14.50 12.10 -13.16
N SER D 262 -15.15 11.46 -14.13
CA SER D 262 -15.45 10.03 -14.04
C SER D 262 -15.67 9.52 -15.45
N TRP D 263 -15.53 8.22 -15.63
CA TRP D 263 -15.49 7.64 -16.96
C TRP D 263 -16.15 6.28 -16.96
N GLN D 264 -16.54 5.84 -18.15
CA GLN D 264 -17.03 4.50 -18.34
C GLN D 264 -16.59 3.98 -19.70
N PHE D 265 -15.99 2.80 -19.73
CA PHE D 265 -15.62 2.16 -20.98
C PHE D 265 -16.32 0.81 -21.03
N GLN D 266 -17.29 0.68 -21.92
CA GLN D 266 -18.11 -0.53 -21.96
C GLN D 266 -17.97 -1.23 -23.30
N PRO D 267 -17.43 -2.44 -23.34
CA PRO D 267 -17.46 -3.22 -24.58
C PRO D 267 -18.86 -3.75 -24.85
N LEU D 268 -19.11 -4.04 -26.12
CA LEU D 268 -20.37 -4.63 -26.53
C LEU D 268 -20.11 -5.64 -27.64
N LYS D 269 -20.97 -6.64 -27.71
CA LYS D 269 -21.01 -7.53 -28.85
C LYS D 269 -22.36 -7.27 -29.51
N LEU D 270 -22.38 -6.49 -30.57
CA LEU D 270 -23.64 -6.24 -31.26
C LEU D 270 -23.92 -7.25 -32.35
N ILE D 271 -22.93 -7.60 -33.15
CA ILE D 271 -23.14 -8.52 -34.27
C ILE D 271 -22.85 -9.91 -33.76
N ARG D 272 -23.89 -10.73 -33.63
CA ARG D 272 -23.75 -11.99 -32.91
C ARG D 272 -23.42 -13.17 -33.80
N TYR D 273 -23.49 -13.03 -35.12
CA TYR D 273 -23.16 -14.13 -36.01
C TYR D 273 -22.02 -13.71 -36.92
N VAL D 274 -20.82 -14.22 -36.65
CA VAL D 274 -19.69 -14.09 -37.55
C VAL D 274 -19.02 -15.44 -37.66
N THR D 275 -18.42 -15.89 -36.56
CA THR D 275 -17.75 -17.17 -36.50
C THR D 275 -18.75 -18.29 -36.31
N THR D 276 -18.38 -19.49 -36.75
CA THR D 276 -19.19 -20.66 -36.48
C THR D 276 -19.41 -20.84 -34.99
N PHE D 277 -18.38 -20.55 -34.19
CA PHE D 277 -18.50 -20.66 -32.75
C PHE D 277 -19.59 -19.73 -32.22
N ASP D 278 -19.80 -18.60 -32.88
CA ASP D 278 -20.93 -17.75 -32.52
C ASP D 278 -22.25 -18.45 -32.78
N PHE D 279 -22.35 -19.15 -33.91
CA PHE D 279 -23.53 -19.98 -34.16
C PHE D 279 -23.64 -21.08 -33.14
N PHE D 280 -22.50 -21.65 -32.74
CA PHE D 280 -22.49 -22.69 -31.72
C PHE D 280 -23.13 -22.18 -30.44
N LEU D 281 -22.77 -20.97 -30.02
CA LEU D 281 -23.36 -20.40 -28.81
C LEU D 281 -24.84 -20.15 -28.98
N ALA D 282 -25.23 -19.59 -30.11
CA ALA D 282 -26.64 -19.26 -30.33
C ALA D 282 -27.52 -20.49 -30.22
N ALA D 283 -26.98 -21.66 -30.56
CA ALA D 283 -27.73 -22.89 -30.35
C ALA D 283 -28.05 -23.09 -28.87
N CYS D 284 -27.03 -22.91 -28.01
CA CYS D 284 -27.22 -23.14 -26.59
C CYS D 284 -28.26 -22.20 -26.01
N GLU D 285 -28.21 -20.92 -26.38
CA GLU D 285 -29.18 -19.96 -25.88
C GLU D 285 -30.59 -20.41 -26.18
N ILE D 286 -30.78 -21.18 -27.25
CA ILE D 286 -32.08 -21.79 -27.48
C ILE D 286 -32.28 -22.99 -26.56
N ILE D 287 -31.25 -23.83 -26.45
CA ILE D 287 -31.32 -24.97 -25.54
C ILE D 287 -31.53 -24.48 -24.11
N PHE D 288 -30.72 -23.51 -23.69
CA PHE D 288 -30.84 -22.99 -22.34
C PHE D 288 -32.23 -22.45 -22.06
N CYS D 289 -32.91 -21.95 -23.09
CA CYS D 289 -34.29 -21.50 -22.88
C CYS D 289 -35.20 -22.67 -22.51
N PHE D 290 -34.91 -23.86 -23.02
CA PHE D 290 -35.75 -25.01 -22.72
C PHE D 290 -35.69 -25.37 -21.24
N PHE D 291 -34.47 -25.46 -20.69
CA PHE D 291 -34.31 -25.82 -19.28
C PHE D 291 -35.16 -24.95 -18.38
N ILE D 292 -35.06 -23.63 -18.53
CA ILE D 292 -35.80 -22.74 -17.65
C ILE D 292 -37.29 -23.00 -17.77
N PHE D 293 -37.76 -23.21 -19.00
CA PHE D 293 -39.15 -23.62 -19.17
C PHE D 293 -39.43 -24.89 -18.39
N TYR D 294 -38.48 -25.82 -18.36
CA TYR D 294 -38.67 -27.07 -17.64
C TYR D 294 -38.66 -26.84 -16.13
N TYR D 295 -37.70 -26.06 -15.64
CA TYR D 295 -37.67 -25.79 -14.20
C TYR D 295 -38.88 -25.00 -13.75
N VAL D 296 -39.44 -24.16 -14.62
CA VAL D 296 -40.72 -23.53 -14.29
C VAL D 296 -41.78 -24.59 -14.11
N VAL D 297 -41.78 -25.61 -14.98
CA VAL D 297 -42.74 -26.70 -14.85
C VAL D 297 -42.58 -27.39 -13.50
N GLU D 298 -41.35 -27.79 -13.18
CA GLU D 298 -41.10 -28.49 -11.92
C GLU D 298 -41.49 -27.63 -10.73
N GLU D 299 -41.15 -26.35 -10.77
CA GLU D 299 -41.39 -25.47 -9.62
C GLU D 299 -42.87 -25.23 -9.35
N ILE D 300 -43.76 -25.68 -10.22
CA ILE D 300 -45.18 -25.45 -10.02
C ILE D 300 -45.68 -26.35 -8.89
N LEU D 301 -46.29 -25.74 -7.88
CA LEU D 301 -46.95 -26.48 -6.81
C LEU D 301 -47.85 -25.54 -6.03
N ARG D 312 -39.58 -25.88 4.63
CA ARG D 312 -40.15 -24.62 4.16
C ARG D 312 -40.06 -24.40 2.64
N SER D 313 -38.90 -24.56 2.01
CA SER D 313 -37.60 -24.87 2.61
C SER D 313 -36.55 -23.96 2.00
N PHE D 314 -35.35 -23.96 2.57
CA PHE D 314 -34.27 -23.16 1.99
C PHE D 314 -34.04 -23.50 0.53
N TRP D 315 -33.79 -24.77 0.24
CA TRP D 315 -33.46 -25.14 -1.13
C TRP D 315 -34.57 -24.78 -2.09
N ASN D 316 -35.82 -24.76 -1.61
CA ASN D 316 -36.89 -24.22 -2.43
C ASN D 316 -36.68 -22.75 -2.70
N CYS D 317 -36.38 -21.97 -1.66
CA CYS D 317 -36.10 -20.55 -1.85
C CYS D 317 -34.96 -20.35 -2.82
N LEU D 318 -34.01 -21.28 -2.87
CA LEU D 318 -32.94 -21.18 -3.85
C LEU D 318 -33.47 -21.30 -5.26
N ASP D 319 -34.24 -22.36 -5.53
CA ASP D 319 -34.71 -22.60 -6.90
C ASP D 319 -35.54 -21.44 -7.40
N VAL D 320 -36.36 -20.86 -6.53
CA VAL D 320 -37.14 -19.68 -6.91
C VAL D 320 -36.22 -18.58 -7.39
N VAL D 321 -35.21 -18.25 -6.59
CA VAL D 321 -34.31 -17.16 -6.93
C VAL D 321 -33.68 -17.39 -8.30
N ILE D 322 -33.18 -18.60 -8.54
CA ILE D 322 -32.59 -18.90 -9.83
C ILE D 322 -33.59 -18.64 -10.94
N VAL D 323 -34.78 -19.23 -10.83
CA VAL D 323 -35.74 -19.13 -11.91
C VAL D 323 -36.16 -17.68 -12.13
N VAL D 324 -36.35 -16.93 -11.04
CA VAL D 324 -36.69 -15.52 -11.17
C VAL D 324 -35.63 -14.80 -11.99
N LEU D 325 -34.38 -14.86 -11.55
CA LEU D 325 -33.32 -14.17 -12.26
C LEU D 325 -33.17 -14.72 -13.67
N SER D 326 -33.26 -16.04 -13.82
CA SER D 326 -33.09 -16.64 -15.13
C SER D 326 -34.09 -16.09 -16.13
N VAL D 327 -35.32 -15.85 -15.68
CA VAL D 327 -36.30 -15.24 -16.57
C VAL D 327 -35.89 -13.82 -16.90
N VAL D 328 -35.64 -13.00 -15.88
CA VAL D 328 -35.29 -11.60 -16.09
C VAL D 328 -34.12 -11.48 -17.05
N ALA D 329 -33.17 -12.41 -16.95
CA ALA D 329 -32.05 -12.41 -17.88
C ALA D 329 -32.55 -12.59 -19.31
N ILE D 330 -33.40 -13.58 -19.54
CA ILE D 330 -33.89 -13.80 -20.90
C ILE D 330 -34.75 -12.64 -21.37
N GLY D 331 -35.60 -12.13 -20.48
CA GLY D 331 -36.40 -10.97 -20.85
C GLY D 331 -35.56 -9.82 -21.37
N ILE D 332 -34.49 -9.50 -20.64
CA ILE D 332 -33.54 -8.52 -21.12
C ILE D 332 -32.95 -8.96 -22.45
N ASN D 333 -32.60 -10.24 -22.55
CA ASN D 333 -31.84 -10.68 -23.72
C ASN D 333 -32.68 -10.62 -24.98
N ILE D 334 -34.00 -10.60 -24.85
CA ILE D 334 -34.81 -10.69 -26.06
C ILE D 334 -35.36 -9.32 -26.43
N TYR D 335 -36.40 -8.86 -25.74
CA TYR D 335 -37.10 -7.70 -26.24
C TYR D 335 -36.32 -6.43 -25.98
N ARG D 336 -35.17 -6.54 -25.32
CA ARG D 336 -34.35 -5.35 -25.11
C ARG D 336 -33.08 -5.41 -25.95
N THR D 337 -32.10 -6.22 -25.53
CA THR D 337 -30.80 -6.22 -26.17
C THR D 337 -30.79 -6.86 -27.55
N SER D 338 -31.86 -7.55 -27.95
CA SER D 338 -31.85 -8.16 -29.27
C SER D 338 -32.50 -7.25 -30.29
N ASN D 339 -32.90 -6.04 -29.87
CA ASN D 339 -33.53 -5.11 -30.81
C ASN D 339 -32.54 -4.64 -31.87
N VAL D 340 -31.44 -4.02 -31.43
CA VAL D 340 -30.36 -3.57 -32.30
C VAL D 340 -30.97 -2.74 -33.44
N GLU D 341 -31.93 -1.90 -33.10
CA GLU D 341 -32.50 -1.01 -34.11
C GLU D 341 -31.57 0.15 -34.39
N VAL D 342 -30.79 0.56 -33.39
CA VAL D 342 -29.90 1.70 -33.56
C VAL D 342 -28.84 1.41 -34.60
N LEU D 343 -28.12 0.29 -34.43
CA LEU D 343 -27.08 -0.08 -35.38
C LEU D 343 -27.61 -0.03 -36.82
N LEU D 344 -28.80 -0.58 -37.03
CA LEU D 344 -29.37 -0.58 -38.36
C LEU D 344 -29.53 0.84 -38.89
N GLN D 345 -30.07 1.73 -38.05
CA GLN D 345 -30.19 3.12 -38.46
C GLN D 345 -28.84 3.75 -38.70
N PHE D 346 -27.88 3.48 -37.82
CA PHE D 346 -26.57 4.10 -37.93
C PHE D 346 -25.89 3.74 -39.24
N LEU D 347 -25.90 2.45 -39.59
CA LEU D 347 -25.19 2.02 -40.79
C LEU D 347 -25.76 2.66 -42.04
N GLU D 348 -26.98 3.20 -41.98
CA GLU D 348 -27.52 3.92 -43.11
C GLU D 348 -26.75 5.22 -43.33
N ASP D 349 -26.64 6.06 -42.31
CA ASP D 349 -25.93 7.34 -42.40
C ASP D 349 -24.87 7.36 -41.30
N GLN D 350 -23.61 7.36 -41.69
CA GLN D 350 -22.50 7.20 -40.76
C GLN D 350 -21.92 8.52 -40.31
N ASN D 351 -22.50 9.64 -40.69
CA ASN D 351 -22.02 10.94 -40.25
C ASN D 351 -22.69 11.42 -38.97
N THR D 352 -23.58 10.62 -38.39
CA THR D 352 -24.36 11.03 -37.25
C THR D 352 -23.71 10.55 -35.96
N PHE D 353 -24.42 10.72 -34.85
CA PHE D 353 -23.96 10.21 -33.58
C PHE D 353 -24.60 8.86 -33.31
N PRO D 354 -23.83 7.81 -33.19
CA PRO D 354 -24.39 6.48 -32.99
C PRO D 354 -24.80 6.21 -31.55
N ASN D 355 -26.03 6.53 -31.17
CA ASN D 355 -26.32 6.47 -29.74
C ASN D 355 -26.46 5.02 -29.32
N PHE D 356 -25.47 4.54 -28.59
CA PHE D 356 -25.48 3.21 -28.01
C PHE D 356 -25.73 3.18 -26.51
N GLU D 357 -25.91 4.35 -25.89
CA GLU D 357 -25.93 4.42 -24.43
C GLU D 357 -26.86 3.39 -23.83
N HIS D 358 -28.01 3.16 -24.45
CA HIS D 358 -28.95 2.18 -23.92
C HIS D 358 -28.41 0.77 -24.08
N LEU D 359 -27.99 0.41 -25.29
CA LEU D 359 -27.49 -0.93 -25.52
C LEU D 359 -26.36 -1.25 -24.57
N ALA D 360 -25.43 -0.31 -24.40
CA ALA D 360 -24.37 -0.53 -23.42
C ALA D 360 -24.94 -0.69 -22.04
N TYR D 361 -25.99 0.07 -21.72
CA TYR D 361 -26.57 -0.04 -20.39
C TYR D 361 -27.13 -1.42 -20.14
N TRP D 362 -27.95 -1.93 -21.06
CA TRP D 362 -28.63 -3.18 -20.79
C TRP D 362 -27.66 -4.34 -20.69
N GLN D 363 -26.65 -4.37 -21.55
CA GLN D 363 -25.73 -5.49 -21.45
C GLN D 363 -25.02 -5.50 -20.11
N ILE D 364 -24.78 -4.34 -19.52
CA ILE D 364 -24.30 -4.32 -18.14
C ILE D 364 -25.31 -5.00 -17.24
N GLN D 365 -26.56 -4.55 -17.29
CA GLN D 365 -27.60 -5.18 -16.49
C GLN D 365 -27.69 -6.66 -16.80
N PHE D 366 -27.50 -7.02 -18.06
CA PHE D 366 -27.54 -8.43 -18.42
C PHE D 366 -26.38 -9.18 -17.80
N ASN D 367 -25.17 -8.67 -17.98
CA ASN D 367 -24.01 -9.36 -17.40
C ASN D 367 -24.12 -9.46 -15.90
N ASN D 368 -24.58 -8.39 -15.25
CA ASN D 368 -24.77 -8.46 -13.81
C ASN D 368 -25.70 -9.59 -13.44
N ILE D 369 -26.88 -9.63 -14.04
CA ILE D 369 -27.85 -10.65 -13.70
C ILE D 369 -27.34 -12.03 -14.07
N ALA D 370 -26.77 -12.17 -15.26
CA ALA D 370 -26.24 -13.46 -15.66
C ALA D 370 -25.23 -13.97 -14.65
N ALA D 371 -24.34 -13.11 -14.17
CA ALA D 371 -23.35 -13.54 -13.20
C ALA D 371 -24.00 -14.04 -11.93
N VAL D 372 -24.98 -13.30 -11.42
CA VAL D 372 -25.56 -13.67 -10.14
C VAL D 372 -26.30 -15.00 -10.24
N THR D 373 -26.93 -15.26 -11.38
CA THR D 373 -27.51 -16.58 -11.58
C THR D 373 -26.45 -17.66 -11.47
N VAL D 374 -25.39 -17.53 -12.26
CA VAL D 374 -24.31 -18.50 -12.25
C VAL D 374 -23.85 -18.76 -10.83
N PHE D 375 -23.69 -17.69 -10.05
CA PHE D 375 -23.25 -17.84 -8.68
C PHE D 375 -24.20 -18.74 -7.90
N PHE D 376 -25.49 -18.42 -7.91
CA PHE D 376 -26.44 -19.26 -7.18
C PHE D 376 -26.54 -20.65 -7.76
N VAL D 377 -26.34 -20.79 -9.07
CA VAL D 377 -26.43 -22.13 -9.65
C VAL D 377 -25.36 -23.03 -9.05
N TRP D 378 -24.14 -22.52 -8.88
CA TRP D 378 -23.12 -23.30 -8.21
C TRP D 378 -23.56 -23.71 -6.81
N ILE D 379 -24.12 -22.77 -6.05
CA ILE D 379 -24.48 -23.09 -4.68
C ILE D 379 -25.52 -24.18 -4.64
N LYS D 380 -26.38 -24.25 -5.65
CA LYS D 380 -27.37 -25.32 -5.68
C LYS D 380 -26.72 -26.70 -5.71
N LEU D 381 -25.42 -26.75 -6.01
CA LEU D 381 -24.74 -28.04 -6.06
C LEU D 381 -24.64 -28.68 -4.67
N PHE D 382 -24.62 -27.88 -3.61
CA PHE D 382 -24.51 -28.45 -2.28
C PHE D 382 -25.67 -29.37 -1.96
N LYS D 383 -26.80 -29.16 -2.60
CA LYS D 383 -27.94 -30.04 -2.38
C LYS D 383 -27.57 -31.49 -2.68
N PHE D 384 -26.59 -31.70 -3.54
CA PHE D 384 -26.20 -33.03 -3.98
C PHE D 384 -24.96 -33.58 -3.29
N ILE D 385 -24.34 -32.83 -2.39
CA ILE D 385 -23.10 -33.28 -1.76
C ILE D 385 -23.36 -34.15 -0.53
N ASN D 386 -24.62 -34.42 -0.21
CA ASN D 386 -24.93 -35.10 1.03
C ASN D 386 -24.66 -36.60 0.97
N PHE D 387 -24.14 -37.10 -0.15
CA PHE D 387 -23.82 -38.51 -0.27
C PHE D 387 -22.99 -39.01 0.89
N ASN D 388 -21.92 -38.30 1.23
CA ASN D 388 -20.98 -38.78 2.22
C ASN D 388 -21.48 -38.53 3.63
N ARG D 389 -21.00 -39.33 4.57
CA ARG D 389 -21.26 -39.07 5.98
C ARG D 389 -20.74 -37.69 6.36
N THR D 390 -19.43 -37.47 6.16
CA THR D 390 -18.80 -36.24 6.62
C THR D 390 -19.49 -35.02 6.05
N MET D 391 -19.95 -35.10 4.81
CA MET D 391 -20.67 -33.97 4.22
C MET D 391 -21.98 -33.75 4.94
N SER D 392 -22.79 -34.80 5.08
CA SER D 392 -24.00 -34.70 5.88
C SER D 392 -23.67 -34.28 7.30
N GLN D 393 -22.53 -34.74 7.81
CA GLN D 393 -22.08 -34.28 9.12
C GLN D 393 -21.94 -32.77 9.15
N LEU D 394 -21.42 -32.18 8.06
CA LEU D 394 -21.22 -30.73 8.04
C LEU D 394 -22.53 -30.00 7.77
N SER D 395 -23.29 -30.46 6.78
CA SER D 395 -24.50 -29.75 6.38
C SER D 395 -25.43 -29.57 7.57
N THR D 396 -25.60 -30.61 8.38
CA THR D 396 -26.49 -30.49 9.52
C THR D 396 -25.98 -29.47 10.53
N THR D 397 -24.67 -29.25 10.58
CA THR D 397 -24.14 -28.25 11.49
C THR D 397 -24.48 -26.85 11.02
N MET D 398 -24.10 -26.52 9.78
CA MET D 398 -24.34 -25.17 9.29
C MET D 398 -25.82 -24.86 9.25
N SER D 399 -26.65 -25.86 8.99
CA SER D 399 -28.10 -25.66 9.12
C SER D 399 -28.45 -25.24 10.53
N ARG D 400 -27.80 -25.82 11.52
CA ARG D 400 -28.06 -25.44 12.90
C ARG D 400 -27.34 -24.16 13.27
N CYS D 401 -26.25 -23.84 12.59
CA CYS D 401 -25.52 -22.61 12.88
C CYS D 401 -26.38 -21.39 12.65
N ALA D 402 -27.35 -21.48 11.74
CA ALA D 402 -27.98 -20.29 11.19
C ALA D 402 -28.69 -19.49 12.27
N LYS D 403 -29.60 -20.10 13.01
CA LYS D 403 -30.46 -19.34 13.90
C LYS D 403 -29.65 -18.58 14.94
N ASP D 404 -28.54 -19.15 15.39
CA ASP D 404 -27.73 -18.46 16.38
C ASP D 404 -26.95 -17.33 15.74
N LEU D 405 -26.28 -17.59 14.63
CA LEU D 405 -25.48 -16.55 13.98
C LEU D 405 -26.32 -15.36 13.60
N PHE D 406 -27.41 -15.59 12.85
CA PHE D 406 -28.25 -14.49 12.44
C PHE D 406 -28.67 -13.64 13.62
N GLY D 407 -29.03 -14.28 14.73
CA GLY D 407 -29.36 -13.52 15.92
C GLY D 407 -28.23 -12.61 16.35
N PHE D 408 -26.99 -13.08 16.23
CA PHE D 408 -25.86 -12.25 16.64
C PHE D 408 -25.49 -11.23 15.58
N ALA D 409 -25.63 -11.56 14.30
CA ALA D 409 -25.30 -10.59 13.26
C ALA D 409 -26.05 -9.30 13.46
N ILE D 410 -27.34 -9.39 13.81
CA ILE D 410 -28.11 -8.21 14.15
C ILE D 410 -27.41 -7.44 15.26
N MET D 411 -27.12 -8.12 16.37
CA MET D 411 -26.36 -7.50 17.44
C MET D 411 -25.07 -6.90 16.92
N PHE D 412 -24.45 -7.53 15.93
CA PHE D 412 -23.17 -7.06 15.44
C PHE D 412 -23.32 -5.79 14.63
N PHE D 413 -24.18 -5.81 13.62
CA PHE D 413 -24.21 -4.68 12.70
C PHE D 413 -24.76 -3.43 13.35
N ILE D 414 -25.62 -3.58 14.36
CA ILE D 414 -26.02 -2.40 15.13
C ILE D 414 -24.79 -1.69 15.67
N ILE D 415 -23.87 -2.45 16.24
CA ILE D 415 -22.61 -1.84 16.68
C ILE D 415 -21.81 -1.38 15.49
N PHE D 416 -21.74 -2.21 14.45
CA PHE D 416 -20.96 -1.86 13.29
C PHE D 416 -21.47 -0.57 12.67
N LEU D 417 -22.78 -0.47 12.47
CA LEU D 417 -23.33 0.74 11.88
C LEU D 417 -23.21 1.92 12.80
N ALA D 418 -23.16 1.69 14.11
CA ALA D 418 -22.95 2.81 15.02
C ALA D 418 -21.65 3.51 14.71
N TYR D 419 -20.55 2.75 14.65
CA TYR D 419 -19.28 3.34 14.25
C TYR D 419 -19.40 4.01 12.90
N ALA D 420 -20.01 3.35 11.93
CA ALA D 420 -20.13 3.93 10.60
C ALA D 420 -20.75 5.32 10.68
N GLN D 421 -21.83 5.44 11.44
CA GLN D 421 -22.46 6.74 11.57
C GLN D 421 -21.58 7.70 12.36
N LEU D 422 -20.88 7.19 13.36
CA LEU D 422 -19.93 8.04 14.07
C LEU D 422 -18.84 8.53 13.14
N ALA D 423 -18.17 7.61 12.46
CA ALA D 423 -17.09 8.00 11.57
C ALA D 423 -17.56 8.98 10.52
N TYR D 424 -18.80 8.83 10.06
CA TYR D 424 -19.29 9.72 9.03
C TYR D 424 -19.49 11.13 9.54
N LEU D 425 -19.80 11.28 10.82
CA LEU D 425 -19.99 12.63 11.34
C LEU D 425 -18.66 13.29 11.64
N VAL D 426 -17.75 12.56 12.27
CA VAL D 426 -16.45 13.11 12.61
C VAL D 426 -15.66 13.39 11.34
N PHE D 427 -15.47 12.37 10.54
CA PHE D 427 -14.80 12.49 9.26
C PHE D 427 -15.87 12.79 8.23
N GLY D 428 -15.55 12.65 6.96
CA GLY D 428 -16.54 12.79 5.93
C GLY D 428 -16.70 14.19 5.41
N THR D 429 -16.29 15.19 6.17
CA THR D 429 -15.98 16.48 5.60
C THR D 429 -14.51 16.59 5.28
N GLN D 430 -13.74 15.55 5.57
CA GLN D 430 -12.29 15.61 5.46
C GLN D 430 -11.78 14.47 4.60
N VAL D 431 -11.99 13.25 5.07
CA VAL D 431 -11.36 12.08 4.49
C VAL D 431 -12.21 11.56 3.34
N ASP D 432 -11.57 11.28 2.22
CA ASP D 432 -12.27 10.72 1.07
C ASP D 432 -12.99 9.44 1.44
N ASP D 433 -12.29 8.53 2.12
CA ASP D 433 -12.85 7.21 2.39
C ASP D 433 -14.15 7.30 3.17
N PHE D 434 -14.31 8.33 3.99
CA PHE D 434 -15.52 8.52 4.78
C PHE D 434 -16.50 9.49 4.14
N SER D 435 -16.22 9.94 2.92
CA SER D 435 -16.98 11.04 2.32
C SER D 435 -18.49 10.83 2.43
N THR D 436 -18.96 9.62 2.16
CA THR D 436 -20.39 9.34 2.21
C THR D 436 -20.66 8.21 3.17
N PHE D 437 -21.90 8.14 3.64
CA PHE D 437 -22.22 7.11 4.61
C PHE D 437 -22.10 5.72 4.02
N GLN D 438 -22.40 5.56 2.73
CA GLN D 438 -22.19 4.27 2.10
C GLN D 438 -20.74 3.84 2.26
N GLU D 439 -19.83 4.76 1.98
CA GLU D 439 -18.42 4.39 1.92
C GLU D 439 -17.78 4.30 3.29
N CYS D 440 -18.39 4.90 4.31
CA CYS D 440 -17.93 4.64 5.66
C CYS D 440 -18.08 3.17 6.01
N ILE D 441 -19.19 2.57 5.58
CA ILE D 441 -19.38 1.14 5.81
C ILE D 441 -18.27 0.35 5.13
N PHE D 442 -18.03 0.63 3.86
CA PHE D 442 -17.02 -0.10 3.12
C PHE D 442 -15.65 0.10 3.74
N THR D 443 -15.36 1.33 4.17
CA THR D 443 -14.07 1.60 4.77
C THR D 443 -13.87 0.75 6.01
N GLN D 444 -14.92 0.55 6.78
CA GLN D 444 -14.75 -0.23 8.00
C GLN D 444 -14.48 -1.69 7.71
N PHE D 445 -15.00 -2.22 6.61
CA PHE D 445 -14.56 -3.54 6.19
C PHE D 445 -13.09 -3.54 5.83
N ARG D 446 -12.65 -2.53 5.08
CA ARG D 446 -11.24 -2.49 4.72
C ARG D 446 -10.36 -2.39 5.95
N ILE D 447 -10.83 -1.72 7.00
CA ILE D 447 -10.04 -1.63 8.21
C ILE D 447 -9.90 -2.99 8.86
N ILE D 448 -11.00 -3.73 8.95
CA ILE D 448 -10.94 -5.06 9.55
C ILE D 448 -9.94 -5.93 8.82
N LEU D 449 -9.91 -5.82 7.50
CA LEU D 449 -8.97 -6.62 6.74
C LEU D 449 -7.55 -6.08 6.81
N GLY D 450 -7.37 -4.83 7.21
CA GLY D 450 -6.06 -4.24 7.27
C GLY D 450 -5.75 -3.23 6.19
N ASP D 451 -6.67 -2.98 5.27
CA ASP D 451 -6.47 -1.90 4.31
C ASP D 451 -6.84 -0.60 4.99
N ILE D 452 -5.87 0.30 5.13
CA ILE D 452 -6.03 1.49 5.94
C ILE D 452 -5.19 2.59 5.33
N ASN D 453 -5.70 3.81 5.36
CA ASN D 453 -4.84 4.98 5.38
C ASN D 453 -5.08 5.61 6.74
N PHE D 454 -4.14 5.44 7.65
CA PHE D 454 -4.31 6.00 8.97
C PHE D 454 -3.88 7.45 9.01
N ALA D 455 -2.88 7.81 8.21
CA ALA D 455 -2.34 9.17 8.25
C ALA D 455 -3.43 10.19 8.06
N GLU D 456 -4.22 10.05 7.01
CA GLU D 456 -5.24 11.04 6.72
C GLU D 456 -6.36 11.01 7.75
N ILE D 457 -6.55 9.90 8.46
CA ILE D 457 -7.50 9.90 9.56
C ILE D 457 -6.99 10.77 10.69
N GLU D 458 -5.71 10.61 11.04
CA GLU D 458 -5.16 11.40 12.13
C GLU D 458 -5.08 12.87 11.78
N GLU D 459 -4.81 13.19 10.52
CA GLU D 459 -4.76 14.58 10.11
C GLU D 459 -6.15 15.22 10.22
N ALA D 460 -7.19 14.46 9.92
CA ALA D 460 -8.54 15.01 9.97
C ALA D 460 -8.90 15.44 11.38
N ASN D 461 -8.82 14.51 12.33
CA ASN D 461 -9.08 14.83 13.73
C ASN D 461 -8.01 14.14 14.56
N ARG D 462 -7.22 14.94 15.28
CA ARG D 462 -6.09 14.38 16.00
C ARG D 462 -6.47 13.76 17.33
N VAL D 463 -7.74 13.81 17.71
CA VAL D 463 -8.20 13.21 18.95
C VAL D 463 -9.13 12.04 18.68
N LEU D 464 -10.28 12.29 18.08
CA LEU D 464 -11.20 11.19 17.79
C LEU D 464 -10.63 10.23 16.76
N GLY D 465 -9.82 10.74 15.84
CA GLY D 465 -9.23 9.89 14.84
C GLY D 465 -8.55 8.69 15.46
N PRO D 466 -7.64 8.95 16.38
CA PRO D 466 -7.04 7.83 17.12
C PRO D 466 -8.02 7.07 17.98
N ILE D 467 -8.94 7.76 18.65
CA ILE D 467 -9.88 7.06 19.53
C ILE D 467 -10.79 6.16 18.71
N TYR D 468 -11.39 6.71 17.66
CA TYR D 468 -12.21 5.89 16.77
C TYR D 468 -11.44 4.66 16.30
N PHE D 469 -10.28 4.88 15.72
CA PHE D 469 -9.52 3.78 15.16
C PHE D 469 -9.18 2.75 16.22
N THR D 470 -8.69 3.20 17.37
CA THR D 470 -8.30 2.28 18.42
C THR D 470 -9.50 1.47 18.91
N THR D 471 -10.54 2.16 19.37
CA THR D 471 -11.68 1.45 19.93
C THR D 471 -12.33 0.53 18.90
N PHE D 472 -12.48 1.02 17.67
CA PHE D 472 -13.05 0.17 16.63
C PHE D 472 -12.22 -1.08 16.45
N VAL D 473 -10.92 -0.93 16.20
CA VAL D 473 -10.07 -2.09 16.03
C VAL D 473 -10.11 -2.96 17.27
N PHE D 474 -10.26 -2.37 18.43
CA PHE D 474 -10.25 -3.20 19.63
C PHE D 474 -11.54 -3.99 19.74
N PHE D 475 -12.66 -3.31 19.94
CA PHE D 475 -13.91 -4.03 20.19
C PHE D 475 -14.30 -4.90 19.00
N MET D 476 -14.22 -4.36 17.80
CA MET D 476 -14.70 -5.12 16.65
C MET D 476 -13.78 -6.28 16.34
N PHE D 477 -12.50 -6.01 16.17
CA PHE D 477 -11.59 -7.04 15.67
C PHE D 477 -11.19 -8.03 16.76
N PHE D 478 -10.93 -7.56 17.97
CA PHE D 478 -10.57 -8.48 19.04
C PHE D 478 -11.80 -9.20 19.56
N ILE D 479 -12.70 -8.45 20.19
CA ILE D 479 -13.79 -9.08 20.93
C ILE D 479 -14.86 -9.59 19.99
N LEU D 480 -15.38 -8.75 19.12
CA LEU D 480 -16.65 -9.09 18.47
C LEU D 480 -16.49 -10.14 17.38
N LEU D 481 -15.48 -10.02 16.53
CA LEU D 481 -15.27 -11.06 15.54
C LEU D 481 -15.20 -12.41 16.20
N ASN D 482 -14.48 -12.48 17.31
CA ASN D 482 -14.35 -13.73 18.04
C ASN D 482 -15.67 -14.23 18.58
N MET D 483 -16.71 -13.39 18.59
CA MET D 483 -17.97 -13.88 19.12
C MET D 483 -18.70 -14.74 18.10
N PHE D 484 -18.54 -14.46 16.80
CA PHE D 484 -18.99 -15.42 15.80
C PHE D 484 -18.33 -16.76 16.03
N LEU D 485 -17.01 -16.76 16.02
CA LEU D 485 -16.28 -18.01 16.11
C LEU D 485 -16.59 -18.74 17.41
N ALA D 486 -17.00 -18.02 18.45
CA ALA D 486 -17.48 -18.69 19.64
C ALA D 486 -18.74 -19.47 19.35
N ILE D 487 -19.67 -18.85 18.59
CA ILE D 487 -20.93 -19.52 18.29
C ILE D 487 -20.68 -20.77 17.47
N ILE D 488 -19.79 -20.67 16.48
CA ILE D 488 -19.61 -21.79 15.57
C ILE D 488 -19.03 -23.00 16.30
N ASN D 489 -18.01 -22.78 17.13
CA ASN D 489 -17.45 -23.88 17.89
C ASN D 489 -18.49 -24.61 18.69
N ASP D 490 -19.27 -23.87 19.48
CA ASP D 490 -20.27 -24.52 20.30
C ASP D 490 -21.22 -25.34 19.45
N THR D 491 -21.85 -24.71 18.48
CA THR D 491 -22.86 -25.42 17.71
C THR D 491 -22.25 -26.57 16.93
N TYR D 492 -20.98 -26.47 16.54
CA TYR D 492 -20.36 -27.57 15.83
C TYR D 492 -20.08 -28.73 16.76
N SER D 493 -19.36 -28.45 17.85
CA SER D 493 -19.00 -29.53 18.77
C SER D 493 -20.24 -30.17 19.37
N GLU D 494 -21.32 -29.40 19.51
CA GLU D 494 -22.56 -29.98 19.98
C GLU D 494 -23.09 -31.00 18.99
N VAL D 495 -23.08 -30.66 17.70
CA VAL D 495 -23.61 -31.58 16.71
C VAL D 495 -22.72 -32.81 16.60
N LYS D 496 -21.42 -32.66 16.77
CA LYS D 496 -20.58 -33.84 16.81
C LYS D 496 -20.84 -34.67 18.06
N SER D 497 -21.31 -34.03 19.12
CA SER D 497 -21.58 -34.77 20.35
C SER D 497 -22.72 -35.75 20.15
N ASP D 498 -23.87 -35.26 19.70
CA ASP D 498 -25.06 -36.10 19.68
C ASP D 498 -25.05 -37.08 18.52
N LEU D 499 -24.56 -36.66 17.35
CA LEU D 499 -24.46 -37.60 16.24
C LEU D 499 -23.57 -38.76 16.58
N ALA D 500 -22.52 -38.52 17.38
CA ALA D 500 -21.71 -39.62 17.88
C ALA D 500 -22.52 -40.56 18.74
N GLN D 501 -23.51 -40.03 19.47
CA GLN D 501 -24.39 -40.86 20.27
C GLN D 501 -25.26 -41.78 19.43
N GLN D 502 -25.23 -41.64 18.11
CA GLN D 502 -26.08 -42.45 17.25
C GLN D 502 -25.24 -43.36 16.36
#